data_8HR4
# 
_entry.id   8HR4 
# 
_audit_conform.dict_name       mmcif_pdbx.dic 
_audit_conform.dict_version    5.398 
_audit_conform.dict_location   http://mmcif.pdb.org/dictionaries/ascii/mmcif_pdbx.dic 
# 
loop_
_database_2.database_id 
_database_2.database_code 
_database_2.pdbx_database_accession 
_database_2.pdbx_DOI 
PDB   8HR4         pdb_00008hr4 10.2210/pdb8hr4/pdb 
WWPDB D_1300034162 ?            ?                   
BMRB  36530        ?            10.13018/BMR36530   
# 
loop_
_pdbx_audit_revision_history.ordinal 
_pdbx_audit_revision_history.data_content_type 
_pdbx_audit_revision_history.major_revision 
_pdbx_audit_revision_history.minor_revision 
_pdbx_audit_revision_history.revision_date 
1 'Structure model' 1 0 2023-12-20 
2 'Structure model' 1 1 2024-11-20 
# 
_pdbx_audit_revision_details.ordinal             1 
_pdbx_audit_revision_details.revision_ordinal    1 
_pdbx_audit_revision_details.data_content_type   'Structure model' 
_pdbx_audit_revision_details.provider            repository 
_pdbx_audit_revision_details.type                'Initial release' 
_pdbx_audit_revision_details.description         ? 
_pdbx_audit_revision_details.details             ? 
# 
loop_
_pdbx_audit_revision_group.ordinal 
_pdbx_audit_revision_group.revision_ordinal 
_pdbx_audit_revision_group.data_content_type 
_pdbx_audit_revision_group.group 
1 2 'Structure model' 'Database references' 
2 2 'Structure model' 'Structure summary'   
# 
loop_
_pdbx_audit_revision_category.ordinal 
_pdbx_audit_revision_category.revision_ordinal 
_pdbx_audit_revision_category.data_content_type 
_pdbx_audit_revision_category.category 
1 2 'Structure model' database_2                
2 2 'Structure model' pdbx_entry_details        
3 2 'Structure model' pdbx_modification_feature 
# 
loop_
_pdbx_audit_revision_item.ordinal 
_pdbx_audit_revision_item.revision_ordinal 
_pdbx_audit_revision_item.data_content_type 
_pdbx_audit_revision_item.item 
1 2 'Structure model' '_database_2.pdbx_DOI'                         
2 2 'Structure model' '_pdbx_entry_details.has_protein_modification' 
# 
_pdbx_database_status.status_code                     REL 
_pdbx_database_status.status_code_sf                  ? 
_pdbx_database_status.status_code_mr                  REL 
_pdbx_database_status.entry_id                        8HR4 
_pdbx_database_status.recvd_initial_deposition_date   2022-12-14 
_pdbx_database_status.SG_entry                        N 
_pdbx_database_status.deposit_site                    PDBJ 
_pdbx_database_status.process_site                    PDBJ 
_pdbx_database_status.status_code_cs                  REL 
_pdbx_database_status.status_code_nmr_data            ? 
_pdbx_database_status.methods_development_category    ? 
_pdbx_database_status.pdb_format_compatible           Y 
# 
_pdbx_database_related.db_name        BMRB 
_pdbx_database_related.details        '[D-Cys5,D-Lys16]-STp(5-17)' 
_pdbx_database_related.db_id          36530 
_pdbx_database_related.content_type   unspecified 
# 
loop_
_pdbx_contact_author.id 
_pdbx_contact_author.email 
_pdbx_contact_author.name_first 
_pdbx_contact_author.name_last 
_pdbx_contact_author.name_mi 
_pdbx_contact_author.role 
_pdbx_contact_author.identifier_ORCID 
3 sh1nya.4sh1no@gmail.com Shinya Yoshino ? 'principal investigator/group leader' 0000-0002-5923-4464 
4 tf.rongu.800@gmail.com  Masaya Goto    ? 'principal investigator/group leader' 0000-0001-7999-130X 
# 
loop_
_audit_author.name 
_audit_author.pdbx_ordinal 
_audit_author.identifier_ORCID 
'Shimamoto, S.' 1 0000-0002-9470-0352 
'Hidaka, Y.'    2 0000-0002-3131-2619 
'Yoshino, S.'   3 0000-0002-5923-4464 
'Goto, M.'      4 0000-0001-7999-130X 
# 
_citation.abstract                  ? 
_citation.abstract_id_CAS           ? 
_citation.book_id_ISBN              ? 
_citation.book_publisher            ? 
_citation.book_publisher_city       ? 
_citation.book_title                ? 
_citation.coordinate_linkage        ? 
_citation.country                   ? 
_citation.database_id_Medline       ? 
_citation.details                   ? 
_citation.id                        primary 
_citation.journal_abbrev            'To Be Published' 
_citation.journal_id_ASTM           ? 
_citation.journal_id_CSD            0353 
_citation.journal_id_ISSN           ? 
_citation.journal_full              ? 
_citation.journal_issue             ? 
_citation.journal_volume            ? 
_citation.language                  ? 
_citation.page_first                ? 
_citation.page_last                 ? 
_citation.title                     
'The molecular basis of heat-stable enterotoxin for vaccine development and cancer cell detection' 
_citation.year                      ? 
_citation.database_id_CSD           ? 
_citation.pdbx_database_id_DOI      ? 
_citation.pdbx_database_id_PubMed   ? 
_citation.pdbx_database_id_patent   ? 
_citation.unpublished_flag          ? 
# 
loop_
_citation_author.citation_id 
_citation_author.name 
_citation_author.ordinal 
_citation_author.identifier_ORCID 
primary 'Goto, M.'      1 ?                   
primary 'Yoshino, S.'   2 ?                   
primary 'Kawakami, T.'  3 ?                   
primary 'Murota, K.'    4 ?                   
primary 'Shimamoto, S.' 5 0000-0002-9470-0352 
primary 'Hidaka, Y.'    6 0000-0002-3131-2619 
# 
_entity.id                         1 
_entity.type                       polymer 
_entity.src_method                 syn 
_entity.pdbx_description           DCY-CYS-GLU-LEU-CYS-CYS-ASN-PRO-ALA-CYS-ALA-DLY-CYS 
_entity.formula_weight             1360.690 
_entity.pdbx_number_of_molecules   1 
_entity.pdbx_ec                    ? 
_entity.pdbx_mutation              ? 
_entity.pdbx_fragment              ? 
_entity.details                    ? 
# 
_entity_poly.entity_id                      1 
_entity_poly.type                           'polypeptide(L)' 
_entity_poly.nstd_linkage                   no 
_entity_poly.nstd_monomer                   yes 
_entity_poly.pdbx_seq_one_letter_code       '(DCY)CELCCNPACA(DLY)C' 
_entity_poly.pdbx_seq_one_letter_code_can   CCELCCNPACAKC 
_entity_poly.pdbx_strand_id                 A 
_entity_poly.pdbx_target_identifier         ? 
# 
loop_
_entity_poly_seq.entity_id 
_entity_poly_seq.num 
_entity_poly_seq.mon_id 
_entity_poly_seq.hetero 
1 1  DCY n 
1 2  CYS n 
1 3  GLU n 
1 4  LEU n 
1 5  CYS n 
1 6  CYS n 
1 7  ASN n 
1 8  PRO n 
1 9  ALA n 
1 10 CYS n 
1 11 ALA n 
1 12 DLY n 
1 13 CYS n 
# 
_pdbx_entity_src_syn.entity_id              1 
_pdbx_entity_src_syn.pdbx_src_id            1 
_pdbx_entity_src_syn.pdbx_alt_source_flag   sample 
_pdbx_entity_src_syn.pdbx_beg_seq_num       1 
_pdbx_entity_src_syn.pdbx_end_seq_num       13 
_pdbx_entity_src_syn.organism_scientific    'Escherichia coli' 
_pdbx_entity_src_syn.organism_common_name   ? 
_pdbx_entity_src_syn.ncbi_taxonomy_id       562 
_pdbx_entity_src_syn.details                ? 
# 
loop_
_chem_comp.id 
_chem_comp.type 
_chem_comp.mon_nstd_flag 
_chem_comp.name 
_chem_comp.pdbx_synonyms 
_chem_comp.formula 
_chem_comp.formula_weight 
ALA 'L-peptide linking' y ALANINE         ? 'C3 H7 N O2'   89.093  
ASN 'L-peptide linking' y ASPARAGINE      ? 'C4 H8 N2 O3'  132.118 
CYS 'L-peptide linking' y CYSTEINE        ? 'C3 H7 N O2 S' 121.158 
DCY 'D-peptide linking' . D-CYSTEINE      ? 'C3 H7 N O2 S' 121.158 
DLY 'D-peptide linking' . D-LYSINE        ? 'C6 H14 N2 O2' 146.188 
GLU 'L-peptide linking' y 'GLUTAMIC ACID' ? 'C5 H9 N O4'   147.129 
LEU 'L-peptide linking' y LEUCINE         ? 'C6 H13 N O2'  131.173 
PRO 'L-peptide linking' y PROLINE         ? 'C5 H9 N O2'   115.130 
# 
loop_
_pdbx_poly_seq_scheme.asym_id 
_pdbx_poly_seq_scheme.entity_id 
_pdbx_poly_seq_scheme.seq_id 
_pdbx_poly_seq_scheme.mon_id 
_pdbx_poly_seq_scheme.ndb_seq_num 
_pdbx_poly_seq_scheme.pdb_seq_num 
_pdbx_poly_seq_scheme.auth_seq_num 
_pdbx_poly_seq_scheme.pdb_mon_id 
_pdbx_poly_seq_scheme.auth_mon_id 
_pdbx_poly_seq_scheme.pdb_strand_id 
_pdbx_poly_seq_scheme.pdb_ins_code 
_pdbx_poly_seq_scheme.hetero 
A 1 1  DCY 1  5  5  DCY DCY A . n 
A 1 2  CYS 2  6  6  CYS CYS A . n 
A 1 3  GLU 3  7  7  GLU GLU A . n 
A 1 4  LEU 4  8  8  LEU LEU A . n 
A 1 5  CYS 5  9  9  CYS CYS A . n 
A 1 6  CYS 6  10 10 CYS CYS A . n 
A 1 7  ASN 7  11 11 ASN ASN A . n 
A 1 8  PRO 8  12 12 PRO PRO A . n 
A 1 9  ALA 9  13 13 ALA ALA A . n 
A 1 10 CYS 10 14 14 CYS CYS A . n 
A 1 11 ALA 11 15 15 ALA ALA A . n 
A 1 12 DLY 12 16 16 DLY DLY A . n 
A 1 13 CYS 13 17 17 CYS CYS A . n 
# 
_pdbx_entity_instance_feature.ordinal        1 
_pdbx_entity_instance_feature.comp_id        DLY 
_pdbx_entity_instance_feature.asym_id        ? 
_pdbx_entity_instance_feature.seq_num        ? 
_pdbx_entity_instance_feature.auth_comp_id   DLY 
_pdbx_entity_instance_feature.auth_asym_id   ? 
_pdbx_entity_instance_feature.auth_seq_num   ? 
_pdbx_entity_instance_feature.feature_type   'SUBJECT OF INVESTIGATION' 
_pdbx_entity_instance_feature.details        ? 
# 
_exptl.absorpt_coefficient_mu     ? 
_exptl.absorpt_correction_T_max   ? 
_exptl.absorpt_correction_T_min   ? 
_exptl.absorpt_correction_type    ? 
_exptl.absorpt_process_details    ? 
_exptl.entry_id                   8HR4 
_exptl.crystals_number            ? 
_exptl.details                    ? 
_exptl.method                     'SOLUTION NMR' 
_exptl.method_details             ? 
# 
_struct.entry_id                     8HR4 
_struct.title                        '[D-Cys5,D-Lys16]-STp(5-17)' 
_struct.pdbx_model_details           ? 
_struct.pdbx_formula_weight          ? 
_struct.pdbx_formula_weight_method   ? 
_struct.pdbx_model_type_details      ? 
_struct.pdbx_CASP_flag               N 
# 
_struct_keywords.entry_id        8HR4 
_struct_keywords.text            'Heat-stable enterotoxin, D-amino acid, topological isomer, STp, STp(5-17), TOXIN' 
_struct_keywords.pdbx_keywords   TOXIN 
# 
_struct_asym.id                            A 
_struct_asym.pdbx_blank_PDB_chainid_flag   N 
_struct_asym.pdbx_modified                 N 
_struct_asym.entity_id                     1 
_struct_asym.details                       ? 
# 
_struct_ref.id                         1 
_struct_ref.db_name                    PDB 
_struct_ref.db_code                    8HR4 
_struct_ref.pdbx_db_accession          8HR4 
_struct_ref.pdbx_db_isoform            ? 
_struct_ref.entity_id                  1 
_struct_ref.pdbx_seq_one_letter_code   ? 
_struct_ref.pdbx_align_begin           1 
# 
_struct_ref_seq.align_id                      1 
_struct_ref_seq.ref_id                        1 
_struct_ref_seq.pdbx_PDB_id_code              8HR4 
_struct_ref_seq.pdbx_strand_id                A 
_struct_ref_seq.seq_align_beg                 1 
_struct_ref_seq.pdbx_seq_align_beg_ins_code   ? 
_struct_ref_seq.seq_align_end                 13 
_struct_ref_seq.pdbx_seq_align_end_ins_code   ? 
_struct_ref_seq.pdbx_db_accession             8HR4 
_struct_ref_seq.db_align_beg                  5 
_struct_ref_seq.pdbx_db_align_beg_ins_code    ? 
_struct_ref_seq.db_align_end                  17 
_struct_ref_seq.pdbx_db_align_end_ins_code    ? 
_struct_ref_seq.pdbx_auth_seq_align_beg       5 
_struct_ref_seq.pdbx_auth_seq_align_end       17 
# 
_pdbx_struct_assembly.id                   1 
_pdbx_struct_assembly.details              author_defined_assembly 
_pdbx_struct_assembly.method_details       ? 
_pdbx_struct_assembly.oligomeric_details   monomeric 
_pdbx_struct_assembly.oligomeric_count     1 
# 
_pdbx_struct_assembly_gen.assembly_id       1 
_pdbx_struct_assembly_gen.oper_expression   1 
_pdbx_struct_assembly_gen.asym_id_list      A 
# 
loop_
_pdbx_struct_assembly_auth_evidence.id 
_pdbx_struct_assembly_auth_evidence.assembly_id 
_pdbx_struct_assembly_auth_evidence.experimental_support 
_pdbx_struct_assembly_auth_evidence.details 
1 1 'NMR Distance Restraints' ? 
2 1 'mass spectrometry'       ? 
# 
_pdbx_struct_oper_list.id                   1 
_pdbx_struct_oper_list.type                 'identity operation' 
_pdbx_struct_oper_list.name                 1_555 
_pdbx_struct_oper_list.symmetry_operation   ? 
_pdbx_struct_oper_list.matrix[1][1]         1.0000000000 
_pdbx_struct_oper_list.matrix[1][2]         0.0000000000 
_pdbx_struct_oper_list.matrix[1][3]         0.0000000000 
_pdbx_struct_oper_list.vector[1]            0.0000000000 
_pdbx_struct_oper_list.matrix[2][1]         0.0000000000 
_pdbx_struct_oper_list.matrix[2][2]         1.0000000000 
_pdbx_struct_oper_list.matrix[2][3]         0.0000000000 
_pdbx_struct_oper_list.vector[2]            0.0000000000 
_pdbx_struct_oper_list.matrix[3][1]         0.0000000000 
_pdbx_struct_oper_list.matrix[3][2]         0.0000000000 
_pdbx_struct_oper_list.matrix[3][3]         1.0000000000 
_pdbx_struct_oper_list.vector[3]            0.0000000000 
# 
loop_
_struct_conn.id 
_struct_conn.conn_type_id 
_struct_conn.pdbx_leaving_atom_flag 
_struct_conn.pdbx_PDB_id 
_struct_conn.ptnr1_label_asym_id 
_struct_conn.ptnr1_label_comp_id 
_struct_conn.ptnr1_label_seq_id 
_struct_conn.ptnr1_label_atom_id 
_struct_conn.pdbx_ptnr1_label_alt_id 
_struct_conn.pdbx_ptnr1_PDB_ins_code 
_struct_conn.pdbx_ptnr1_standard_comp_id 
_struct_conn.ptnr1_symmetry 
_struct_conn.ptnr2_label_asym_id 
_struct_conn.ptnr2_label_comp_id 
_struct_conn.ptnr2_label_seq_id 
_struct_conn.ptnr2_label_atom_id 
_struct_conn.pdbx_ptnr2_label_alt_id 
_struct_conn.pdbx_ptnr2_PDB_ins_code 
_struct_conn.ptnr1_auth_asym_id 
_struct_conn.ptnr1_auth_comp_id 
_struct_conn.ptnr1_auth_seq_id 
_struct_conn.ptnr2_auth_asym_id 
_struct_conn.ptnr2_auth_comp_id 
_struct_conn.ptnr2_auth_seq_id 
_struct_conn.ptnr2_symmetry 
_struct_conn.pdbx_ptnr3_label_atom_id 
_struct_conn.pdbx_ptnr3_label_seq_id 
_struct_conn.pdbx_ptnr3_label_comp_id 
_struct_conn.pdbx_ptnr3_label_asym_id 
_struct_conn.pdbx_ptnr3_label_alt_id 
_struct_conn.pdbx_ptnr3_PDB_ins_code 
_struct_conn.details 
_struct_conn.pdbx_dist_value 
_struct_conn.pdbx_value_order 
_struct_conn.pdbx_role 
disulf1 disulf ?    ? A DCY 1  SG ? ? ? 1_555 A CYS 6  SG ? ? A DCY 5  A CYS 10 1_555 ? ? ? ? ? ? ? 2.031 ? ? 
disulf2 disulf ?    ? A CYS 2  SG ? ? ? 1_555 A CYS 10 SG ? ? A CYS 6  A CYS 14 1_555 ? ? ? ? ? ? ? 2.031 ? ? 
disulf3 disulf ?    ? A CYS 5  SG ? ? ? 1_555 A CYS 13 SG ? ? A CYS 9  A CYS 17 1_555 ? ? ? ? ? ? ? 2.030 ? ? 
covale1 covale both ? A DCY 1  C  ? ? ? 1_555 A CYS 2  N  ? ? A DCY 5  A CYS 6  1_555 ? ? ? ? ? ? ? 1.337 ? ? 
covale2 covale both ? A ALA 11 C  ? ? ? 1_555 A DLY 12 N  ? ? A ALA 15 A DLY 16 1_555 ? ? ? ? ? ? ? 1.337 ? ? 
covale3 covale both ? A DLY 12 C  ? ? ? 1_555 A CYS 13 N  ? ? A DLY 16 A CYS 17 1_555 ? ? ? ? ? ? ? 1.339 ? ? 
# 
loop_
_struct_conn_type.id 
_struct_conn_type.criteria 
_struct_conn_type.reference 
disulf ? ? 
covale ? ? 
# 
loop_
_pdbx_modification_feature.ordinal 
_pdbx_modification_feature.label_comp_id 
_pdbx_modification_feature.label_asym_id 
_pdbx_modification_feature.label_seq_id 
_pdbx_modification_feature.label_alt_id 
_pdbx_modification_feature.modified_residue_label_comp_id 
_pdbx_modification_feature.modified_residue_label_asym_id 
_pdbx_modification_feature.modified_residue_label_seq_id 
_pdbx_modification_feature.modified_residue_label_alt_id 
_pdbx_modification_feature.auth_comp_id 
_pdbx_modification_feature.auth_asym_id 
_pdbx_modification_feature.auth_seq_id 
_pdbx_modification_feature.PDB_ins_code 
_pdbx_modification_feature.symmetry 
_pdbx_modification_feature.modified_residue_auth_comp_id 
_pdbx_modification_feature.modified_residue_auth_asym_id 
_pdbx_modification_feature.modified_residue_auth_seq_id 
_pdbx_modification_feature.modified_residue_PDB_ins_code 
_pdbx_modification_feature.modified_residue_symmetry 
_pdbx_modification_feature.comp_id_linking_atom 
_pdbx_modification_feature.modified_residue_id_linking_atom 
_pdbx_modification_feature.modified_residue_id 
_pdbx_modification_feature.ref_pcm_id 
_pdbx_modification_feature.ref_comp_id 
_pdbx_modification_feature.type 
_pdbx_modification_feature.category 
1 DCY A 1 ? CYS A 6  ? DCY A 5 ? 1_555 CYS A 10 ? 1_555 SG SG . . . None 'Disulfide bridge' 
2 CYS A 2 ? CYS A 10 ? CYS A 6 ? 1_555 CYS A 14 ? 1_555 SG SG . . . None 'Disulfide bridge' 
3 CYS A 5 ? CYS A 13 ? CYS A 9 ? 1_555 CYS A 17 ? 1_555 SG SG . . . None 'Disulfide bridge' 
# 
_pdbx_entry_details.entry_id                   8HR4 
_pdbx_entry_details.has_ligand_of_interest     Y 
_pdbx_entry_details.compound_details           'The side chain of DLY(D-Lys)16 were protonated' 
_pdbx_entry_details.source_details             ? 
_pdbx_entry_details.nonpolymer_details         ? 
_pdbx_entry_details.sequence_details           ? 
_pdbx_entry_details.has_protein_modification   Y 
# 
loop_
_pdbx_validate_torsion.id 
_pdbx_validate_torsion.PDB_model_num 
_pdbx_validate_torsion.auth_comp_id 
_pdbx_validate_torsion.auth_asym_id 
_pdbx_validate_torsion.auth_seq_id 
_pdbx_validate_torsion.PDB_ins_code 
_pdbx_validate_torsion.label_alt_id 
_pdbx_validate_torsion.phi 
_pdbx_validate_torsion.psi 
1  1  GLU A 7  ? ? -154.00 -43.15 
2  1  LEU A 8  ? ? -136.96 -36.50 
3  1  CYS A 10 ? ? -113.84 65.34  
4  1  CYS A 14 ? ? 58.22   97.19  
5  2  CYS A 6  ? ? -96.09  -60.62 
6  2  GLU A 7  ? ? -153.89 -42.91 
7  2  LEU A 8  ? ? -136.97 -36.52 
8  2  CYS A 10 ? ? -116.26 65.62  
9  2  CYS A 14 ? ? 59.90   96.18  
10 3  CYS A 6  ? ? -96.12  -60.40 
11 3  GLU A 7  ? ? -153.90 -43.08 
12 3  LEU A 8  ? ? -136.96 -36.34 
13 3  CYS A 10 ? ? -119.16 64.79  
14 3  CYS A 14 ? ? 58.94   95.93  
15 4  CYS A 6  ? ? -98.33  -62.33 
16 4  GLU A 7  ? ? -154.08 -43.15 
17 4  LEU A 8  ? ? -138.50 -36.39 
18 4  CYS A 10 ? ? -118.00 65.34  
19 4  CYS A 14 ? ? 59.95   96.78  
20 5  CYS A 6  ? ? -96.17  -60.30 
21 5  GLU A 7  ? ? -154.15 -43.18 
22 5  LEU A 8  ? ? -136.82 -36.30 
23 5  CYS A 10 ? ? -118.09 65.16  
24 5  CYS A 14 ? ? 59.23   96.09  
25 6  CYS A 6  ? ? -96.34  -60.33 
26 6  GLU A 7  ? ? -154.15 -42.83 
27 6  LEU A 8  ? ? -137.16 -36.34 
28 6  CYS A 10 ? ? -118.49 65.11  
29 6  CYS A 14 ? ? 59.40   95.95  
30 7  CYS A 6  ? ? -98.26  -61.26 
31 7  GLU A 7  ? ? -154.17 -42.95 
32 7  LEU A 8  ? ? -139.15 -36.37 
33 7  CYS A 10 ? ? -118.96 65.12  
34 7  CYS A 14 ? ? 60.16   96.73  
35 8  CYS A 6  ? ? -98.10  -61.64 
36 8  GLU A 7  ? ? -154.12 -43.24 
37 8  LEU A 8  ? ? -138.85 -36.30 
38 8  CYS A 10 ? ? -118.43 65.20  
39 8  CYS A 14 ? ? 60.23   96.89  
40 9  CYS A 6  ? ? -96.19  -60.48 
41 9  GLU A 7  ? ? -153.83 -42.73 
42 9  LEU A 8  ? ? -137.38 -36.61 
43 9  CYS A 10 ? ? -117.58 65.15  
44 9  CYS A 14 ? ? 59.51   96.05  
45 10 CYS A 6  ? ? -97.94  -61.83 
46 10 GLU A 7  ? ? -154.33 -43.15 
47 10 LEU A 8  ? ? -138.80 -36.40 
48 10 CYS A 10 ? ? -116.23 65.64  
49 10 CYS A 14 ? ? 58.65   98.91  
# 
_pdbx_nmr_ensemble.entry_id                                      8HR4 
_pdbx_nmr_ensemble.conformers_calculated_total_number            500 
_pdbx_nmr_ensemble.conformers_submitted_total_number             10 
_pdbx_nmr_ensemble.conformer_selection_criteria                  'structures with the lowest energy' 
_pdbx_nmr_ensemble.representative_conformer                      ? 
_pdbx_nmr_ensemble.average_constraints_per_residue               ? 
_pdbx_nmr_ensemble.average_constraint_violations_per_residue     ? 
_pdbx_nmr_ensemble.maximum_distance_constraint_violation         ? 
_pdbx_nmr_ensemble.average_distance_constraint_violation         ? 
_pdbx_nmr_ensemble.maximum_upper_distance_constraint_violation   ? 
_pdbx_nmr_ensemble.maximum_lower_distance_constraint_violation   ? 
_pdbx_nmr_ensemble.distance_constraint_violation_method          ? 
_pdbx_nmr_ensemble.maximum_torsion_angle_constraint_violation    ? 
_pdbx_nmr_ensemble.average_torsion_angle_constraint_violation    ? 
_pdbx_nmr_ensemble.torsion_angle_constraint_violation_method     ? 
# 
_pdbx_nmr_representative.entry_id             8HR4 
_pdbx_nmr_representative.conformer_id         1 
_pdbx_nmr_representative.selection_criteria   'lowest energy' 
# 
_pdbx_nmr_sample_details.solution_id      1 
_pdbx_nmr_sample_details.contents         '3 mM NA- c5,k16-STp, 90% H2O/10% D2O' 
_pdbx_nmr_sample_details.solvent_system   '90% H2O/10% D2O' 
_pdbx_nmr_sample_details.label            sample 
_pdbx_nmr_sample_details.type             solution 
_pdbx_nmr_sample_details.details          'c5k16-STp(5-17)' 
# 
_pdbx_nmr_exptl_sample.solution_id           1 
_pdbx_nmr_exptl_sample.component             c5,k16-STp 
_pdbx_nmr_exptl_sample.concentration         3 
_pdbx_nmr_exptl_sample.concentration_range   ? 
_pdbx_nmr_exptl_sample.concentration_units   mM 
_pdbx_nmr_exptl_sample.isotopic_labeling     NA- 
# 
_pdbx_nmr_exptl_sample_conditions.conditions_id          1 
_pdbx_nmr_exptl_sample_conditions.temperature            298 
_pdbx_nmr_exptl_sample_conditions.pressure_units         atm 
_pdbx_nmr_exptl_sample_conditions.pressure               1 
_pdbx_nmr_exptl_sample_conditions.pH                     6.5 
_pdbx_nmr_exptl_sample_conditions.ionic_strength         25 
_pdbx_nmr_exptl_sample_conditions.details                
'20 mM sodium phosphate buffer prepared with a 90% H2O/10% D2O mixture at pH 6.5' 
_pdbx_nmr_exptl_sample_conditions.ionic_strength_err     ? 
_pdbx_nmr_exptl_sample_conditions.ionic_strength_units   mM 
_pdbx_nmr_exptl_sample_conditions.label                  condition_1 
_pdbx_nmr_exptl_sample_conditions.pH_err                 ? 
_pdbx_nmr_exptl_sample_conditions.pH_units               pH 
_pdbx_nmr_exptl_sample_conditions.pressure_err           ? 
_pdbx_nmr_exptl_sample_conditions.temperature_err        ? 
_pdbx_nmr_exptl_sample_conditions.temperature_units      K 
# 
loop_
_pdbx_nmr_exptl.experiment_id 
_pdbx_nmr_exptl.conditions_id 
_pdbx_nmr_exptl.solution_id 
_pdbx_nmr_exptl.type 
_pdbx_nmr_exptl.spectrometer_id 
_pdbx_nmr_exptl.sample_state 
1 1 1 '2D DQF-COSY' 1 isotropic 
2 1 1 '1H-1H NOESY' 1 isotropic 
# 
_pdbx_nmr_refine.entry_id           8HR4 
_pdbx_nmr_refine.method             'simulated annealing' 
_pdbx_nmr_refine.details            ? 
_pdbx_nmr_refine.software_ordinal   1 
# 
_pdbx_nmr_software.ordinal          1 
_pdbx_nmr_software.classification   'structure calculation' 
_pdbx_nmr_software.name             CNS 
_pdbx_nmr_software.version          ? 
_pdbx_nmr_software.authors          'Brunger, Adams, Clore, Gros, Nilges and Read' 
# 
loop_
_chem_comp_atom.comp_id 
_chem_comp_atom.atom_id 
_chem_comp_atom.type_symbol 
_chem_comp_atom.pdbx_aromatic_flag 
_chem_comp_atom.pdbx_stereo_config 
_chem_comp_atom.pdbx_ordinal 
ALA N    N N N 1   
ALA CA   C N S 2   
ALA C    C N N 3   
ALA O    O N N 4   
ALA CB   C N N 5   
ALA OXT  O N N 6   
ALA H    H N N 7   
ALA H2   H N N 8   
ALA HA   H N N 9   
ALA HB1  H N N 10  
ALA HB2  H N N 11  
ALA HB3  H N N 12  
ALA HXT  H N N 13  
ASN N    N N N 14  
ASN CA   C N S 15  
ASN C    C N N 16  
ASN O    O N N 17  
ASN CB   C N N 18  
ASN CG   C N N 19  
ASN OD1  O N N 20  
ASN ND2  N N N 21  
ASN OXT  O N N 22  
ASN H    H N N 23  
ASN H2   H N N 24  
ASN HA   H N N 25  
ASN HB2  H N N 26  
ASN HB3  H N N 27  
ASN HD21 H N N 28  
ASN HD22 H N N 29  
ASN HXT  H N N 30  
CYS N    N N N 31  
CYS CA   C N R 32  
CYS C    C N N 33  
CYS O    O N N 34  
CYS CB   C N N 35  
CYS SG   S N N 36  
CYS OXT  O N N 37  
CYS H    H N N 38  
CYS H2   H N N 39  
CYS HA   H N N 40  
CYS HB2  H N N 41  
CYS HB3  H N N 42  
CYS HG   H N N 43  
CYS HXT  H N N 44  
DCY N    N N N 45  
DCY CA   C N S 46  
DCY C    C N N 47  
DCY O    O N N 48  
DCY CB   C N N 49  
DCY SG   S N N 50  
DCY OXT  O N N 51  
DCY H    H N N 52  
DCY H2   H N N 53  
DCY HA   H N N 54  
DCY HB2  H N N 55  
DCY HB3  H N N 56  
DCY HG   H N N 57  
DCY HXT  H N N 58  
DLY N    N N N 59  
DLY CA   C N R 60  
DLY C    C N N 61  
DLY O    O N N 62  
DLY CB   C N N 63  
DLY CG   C N N 64  
DLY CD   C N N 65  
DLY CE   C N N 66  
DLY NZ   N N N 67  
DLY OXT  O N N 68  
DLY H    H N N 69  
DLY H2   H N N 70  
DLY HA   H N N 71  
DLY HB2  H N N 72  
DLY HB3  H N N 73  
DLY HG2  H N N 74  
DLY HG3  H N N 75  
DLY HD2  H N N 76  
DLY HD3  H N N 77  
DLY HE2  H N N 78  
DLY HE3  H N N 79  
DLY HZ1  H N N 80  
DLY HZ2  H N N 81  
DLY HXT  H N N 82  
GLU N    N N N 83  
GLU CA   C N S 84  
GLU C    C N N 85  
GLU O    O N N 86  
GLU CB   C N N 87  
GLU CG   C N N 88  
GLU CD   C N N 89  
GLU OE1  O N N 90  
GLU OE2  O N N 91  
GLU OXT  O N N 92  
GLU H    H N N 93  
GLU H2   H N N 94  
GLU HA   H N N 95  
GLU HB2  H N N 96  
GLU HB3  H N N 97  
GLU HG2  H N N 98  
GLU HG3  H N N 99  
GLU HE2  H N N 100 
GLU HXT  H N N 101 
LEU N    N N N 102 
LEU CA   C N S 103 
LEU C    C N N 104 
LEU O    O N N 105 
LEU CB   C N N 106 
LEU CG   C N N 107 
LEU CD1  C N N 108 
LEU CD2  C N N 109 
LEU OXT  O N N 110 
LEU H    H N N 111 
LEU H2   H N N 112 
LEU HA   H N N 113 
LEU HB2  H N N 114 
LEU HB3  H N N 115 
LEU HG   H N N 116 
LEU HD11 H N N 117 
LEU HD12 H N N 118 
LEU HD13 H N N 119 
LEU HD21 H N N 120 
LEU HD22 H N N 121 
LEU HD23 H N N 122 
LEU HXT  H N N 123 
PRO N    N N N 124 
PRO CA   C N S 125 
PRO C    C N N 126 
PRO O    O N N 127 
PRO CB   C N N 128 
PRO CG   C N N 129 
PRO CD   C N N 130 
PRO OXT  O N N 131 
PRO H    H N N 132 
PRO HA   H N N 133 
PRO HB2  H N N 134 
PRO HB3  H N N 135 
PRO HG2  H N N 136 
PRO HG3  H N N 137 
PRO HD2  H N N 138 
PRO HD3  H N N 139 
PRO HXT  H N N 140 
# 
loop_
_chem_comp_bond.comp_id 
_chem_comp_bond.atom_id_1 
_chem_comp_bond.atom_id_2 
_chem_comp_bond.value_order 
_chem_comp_bond.pdbx_aromatic_flag 
_chem_comp_bond.pdbx_stereo_config 
_chem_comp_bond.pdbx_ordinal 
ALA N   CA   sing N N 1   
ALA N   H    sing N N 2   
ALA N   H2   sing N N 3   
ALA CA  C    sing N N 4   
ALA CA  CB   sing N N 5   
ALA CA  HA   sing N N 6   
ALA C   O    doub N N 7   
ALA C   OXT  sing N N 8   
ALA CB  HB1  sing N N 9   
ALA CB  HB2  sing N N 10  
ALA CB  HB3  sing N N 11  
ALA OXT HXT  sing N N 12  
ASN N   CA   sing N N 13  
ASN N   H    sing N N 14  
ASN N   H2   sing N N 15  
ASN CA  C    sing N N 16  
ASN CA  CB   sing N N 17  
ASN CA  HA   sing N N 18  
ASN C   O    doub N N 19  
ASN C   OXT  sing N N 20  
ASN CB  CG   sing N N 21  
ASN CB  HB2  sing N N 22  
ASN CB  HB3  sing N N 23  
ASN CG  OD1  doub N N 24  
ASN CG  ND2  sing N N 25  
ASN ND2 HD21 sing N N 26  
ASN ND2 HD22 sing N N 27  
ASN OXT HXT  sing N N 28  
CYS N   CA   sing N N 29  
CYS N   H    sing N N 30  
CYS N   H2   sing N N 31  
CYS CA  C    sing N N 32  
CYS CA  CB   sing N N 33  
CYS CA  HA   sing N N 34  
CYS C   O    doub N N 35  
CYS C   OXT  sing N N 36  
CYS CB  SG   sing N N 37  
CYS CB  HB2  sing N N 38  
CYS CB  HB3  sing N N 39  
CYS SG  HG   sing N N 40  
CYS OXT HXT  sing N N 41  
DCY N   CA   sing N N 42  
DCY N   H    sing N N 43  
DCY N   H2   sing N N 44  
DCY CA  C    sing N N 45  
DCY CA  CB   sing N N 46  
DCY CA  HA   sing N N 47  
DCY C   O    doub N N 48  
DCY C   OXT  sing N N 49  
DCY CB  SG   sing N N 50  
DCY CB  HB2  sing N N 51  
DCY CB  HB3  sing N N 52  
DCY SG  HG   sing N N 53  
DCY OXT HXT  sing N N 54  
DLY N   CA   sing N N 55  
DLY N   H    sing N N 56  
DLY N   H2   sing N N 57  
DLY CA  C    sing N N 58  
DLY CA  CB   sing N N 59  
DLY CA  HA   sing N N 60  
DLY C   O    doub N N 61  
DLY C   OXT  sing N N 62  
DLY CB  CG   sing N N 63  
DLY CB  HB2  sing N N 64  
DLY CB  HB3  sing N N 65  
DLY CG  CD   sing N N 66  
DLY CG  HG2  sing N N 67  
DLY CG  HG3  sing N N 68  
DLY CD  CE   sing N N 69  
DLY CD  HD2  sing N N 70  
DLY CD  HD3  sing N N 71  
DLY CE  NZ   sing N N 72  
DLY CE  HE2  sing N N 73  
DLY CE  HE3  sing N N 74  
DLY NZ  HZ1  sing N N 75  
DLY NZ  HZ2  sing N N 76  
DLY OXT HXT  sing N N 77  
GLU N   CA   sing N N 78  
GLU N   H    sing N N 79  
GLU N   H2   sing N N 80  
GLU CA  C    sing N N 81  
GLU CA  CB   sing N N 82  
GLU CA  HA   sing N N 83  
GLU C   O    doub N N 84  
GLU C   OXT  sing N N 85  
GLU CB  CG   sing N N 86  
GLU CB  HB2  sing N N 87  
GLU CB  HB3  sing N N 88  
GLU CG  CD   sing N N 89  
GLU CG  HG2  sing N N 90  
GLU CG  HG3  sing N N 91  
GLU CD  OE1  doub N N 92  
GLU CD  OE2  sing N N 93  
GLU OE2 HE2  sing N N 94  
GLU OXT HXT  sing N N 95  
LEU N   CA   sing N N 96  
LEU N   H    sing N N 97  
LEU N   H2   sing N N 98  
LEU CA  C    sing N N 99  
LEU CA  CB   sing N N 100 
LEU CA  HA   sing N N 101 
LEU C   O    doub N N 102 
LEU C   OXT  sing N N 103 
LEU CB  CG   sing N N 104 
LEU CB  HB2  sing N N 105 
LEU CB  HB3  sing N N 106 
LEU CG  CD1  sing N N 107 
LEU CG  CD2  sing N N 108 
LEU CG  HG   sing N N 109 
LEU CD1 HD11 sing N N 110 
LEU CD1 HD12 sing N N 111 
LEU CD1 HD13 sing N N 112 
LEU CD2 HD21 sing N N 113 
LEU CD2 HD22 sing N N 114 
LEU CD2 HD23 sing N N 115 
LEU OXT HXT  sing N N 116 
PRO N   CA   sing N N 117 
PRO N   CD   sing N N 118 
PRO N   H    sing N N 119 
PRO CA  C    sing N N 120 
PRO CA  CB   sing N N 121 
PRO CA  HA   sing N N 122 
PRO C   O    doub N N 123 
PRO C   OXT  sing N N 124 
PRO CB  CG   sing N N 125 
PRO CB  HB2  sing N N 126 
PRO CB  HB3  sing N N 127 
PRO CG  CD   sing N N 128 
PRO CG  HG2  sing N N 129 
PRO CG  HG3  sing N N 130 
PRO CD  HD2  sing N N 131 
PRO CD  HD3  sing N N 132 
PRO OXT HXT  sing N N 133 
# 
_pdbx_audit_support.funding_organization   'Japan Society for the Promotion of Science (JSPS)' 
_pdbx_audit_support.country                Japan 
_pdbx_audit_support.grant_number           16K01925 
_pdbx_audit_support.ordinal                1 
# 
_pdbx_nmr_spectrometer.spectrometer_id   1 
_pdbx_nmr_spectrometer.model             JNM-ECA800 
_pdbx_nmr_spectrometer.type              ? 
_pdbx_nmr_spectrometer.manufacturer      JEOL 
_pdbx_nmr_spectrometer.field_strength    800 
_pdbx_nmr_spectrometer.details           ? 
# 
_atom_sites.entry_id                    8HR4 
_atom_sites.Cartn_transf_matrix[1][1]   ? 
_atom_sites.Cartn_transf_matrix[1][2]   ? 
_atom_sites.Cartn_transf_matrix[1][3]   ? 
_atom_sites.Cartn_transf_matrix[2][1]   ? 
_atom_sites.Cartn_transf_matrix[2][2]   ? 
_atom_sites.Cartn_transf_matrix[2][3]   ? 
_atom_sites.Cartn_transf_matrix[3][1]   ? 
_atom_sites.Cartn_transf_matrix[3][2]   ? 
_atom_sites.Cartn_transf_matrix[3][3]   ? 
_atom_sites.Cartn_transf_vector[1]      ? 
_atom_sites.Cartn_transf_vector[2]      ? 
_atom_sites.Cartn_transf_vector[3]      ? 
_atom_sites.fract_transf_matrix[1][1]   1.000000 
_atom_sites.fract_transf_matrix[1][2]   0.000000 
_atom_sites.fract_transf_matrix[1][3]   0.000000 
_atom_sites.fract_transf_matrix[2][1]   0.000000 
_atom_sites.fract_transf_matrix[2][2]   1.000000 
_atom_sites.fract_transf_matrix[2][3]   0.000000 
_atom_sites.fract_transf_matrix[3][1]   0.000000 
_atom_sites.fract_transf_matrix[3][2]   0.000000 
_atom_sites.fract_transf_matrix[3][3]   1.000000 
_atom_sites.fract_transf_vector[1]      0.00000 
_atom_sites.fract_transf_vector[2]      0.00000 
_atom_sites.fract_transf_vector[3]      0.00000 
_atom_sites.solution_primary            ? 
_atom_sites.solution_secondary          ? 
_atom_sites.solution_hydrogens          ? 
_atom_sites.special_details             ? 
# 
loop_
_atom_type.symbol 
C 
H 
N 
O 
S 
# 
loop_
_atom_site.group_PDB 
_atom_site.id 
_atom_site.type_symbol 
_atom_site.label_atom_id 
_atom_site.label_alt_id 
_atom_site.label_comp_id 
_atom_site.label_asym_id 
_atom_site.label_entity_id 
_atom_site.label_seq_id 
_atom_site.pdbx_PDB_ins_code 
_atom_site.Cartn_x 
_atom_site.Cartn_y 
_atom_site.Cartn_z 
_atom_site.occupancy 
_atom_site.B_iso_or_equiv 
_atom_site.pdbx_formal_charge 
_atom_site.auth_seq_id 
_atom_site.auth_comp_id 
_atom_site.auth_asym_id 
_atom_site.auth_atom_id 
_atom_site.pdbx_PDB_model_num 
HETATM 1    N N    . DCY A 1 1  ? -6.996 -1.408 0.429  1.00 0.00 ? 5  DCY A N    1  
HETATM 2    C CA   . DCY A 1 1  ? -5.787 -0.552 0.545  1.00 0.00 ? 5  DCY A CA   1  
HETATM 3    C C    . DCY A 1 1  ? -5.329 -0.072 -0.831 1.00 0.00 ? 5  DCY A C    1  
HETATM 4    O O    . DCY A 1 1  ? -6.091 0.572  -1.560 1.00 0.00 ? 5  DCY A O    1  
HETATM 5    C CB   . DCY A 1 1  ? -6.078 0.641  1.461  1.00 0.00 ? 5  DCY A CB   1  
HETATM 6    S SG   . DCY A 1 1  ? -6.698 0.169  3.109  1.00 0.00 ? 5  DCY A SG   1  
HETATM 7    H H1   . DCY A 1 1  ? -7.772 -0.871 -0.010 1.00 0.00 ? 5  DCY A H1   1  
HETATM 8    H H2   . DCY A 1 1  ? -7.300 -1.728 1.369  1.00 0.00 ? 5  DCY A H2   1  
HETATM 9    H H3   . DCY A 1 1  ? -6.788 -2.241 -0.160 1.00 0.00 ? 5  DCY A H3   1  
HETATM 10   H HA   . DCY A 1 1  ? -4.996 -1.146 0.983  1.00 0.00 ? 5  DCY A HA   1  
HETATM 11   H HB2  . DCY A 1 1  ? -6.826 1.269  0.994  1.00 0.00 ? 5  DCY A HB2  1  
HETATM 12   H HB3  . DCY A 1 1  ? -5.170 1.211  1.600  1.00 0.00 ? 5  DCY A HB3  1  
ATOM   13   N N    . CYS A 1 2  ? -4.079 -0.402 -1.174 1.00 0.00 ? 6  CYS A N    1  
ATOM   14   C CA   . CYS A 1 2  ? -3.490 -0.029 -2.463 1.00 0.00 ? 6  CYS A CA   1  
ATOM   15   C C    . CYS A 1 2  ? -3.630 -1.192 -3.455 1.00 0.00 ? 6  CYS A C    1  
ATOM   16   O O    . CYS A 1 2  ? -4.255 -1.051 -4.509 1.00 0.00 ? 6  CYS A O    1  
ATOM   17   C CB   . CYS A 1 2  ? -2.012 0.349  -2.273 1.00 0.00 ? 6  CYS A CB   1  
ATOM   18   S SG   . CYS A 1 2  ? -1.319 1.372  -3.612 1.00 0.00 ? 6  CYS A SG   1  
ATOM   19   H H    . CYS A 1 2  ? -3.535 -0.912 -0.537 1.00 0.00 ? 6  CYS A H    1  
ATOM   20   H HA   . CYS A 1 2  ? -4.030 0.824  -2.844 1.00 0.00 ? 6  CYS A HA   1  
ATOM   21   H HB2  . CYS A 1 2  ? -1.902 0.899  -1.348 1.00 0.00 ? 6  CYS A HB2  1  
ATOM   22   H HB3  . CYS A 1 2  ? -1.424 -0.559 -2.218 1.00 0.00 ? 6  CYS A HB3  1  
ATOM   23   N N    . GLU A 1 3  ? -3.036 -2.338 -3.088 1.00 0.00 ? 7  GLU A N    1  
ATOM   24   C CA   . GLU A 1 3  ? -3.071 -3.577 -3.881 1.00 0.00 ? 7  GLU A CA   1  
ATOM   25   C C    . GLU A 1 3  ? -2.895 -4.769 -2.940 1.00 0.00 ? 7  GLU A C    1  
ATOM   26   O O    . GLU A 1 3  ? -3.585 -5.785 -3.056 1.00 0.00 ? 7  GLU A O    1  
ATOM   27   C CB   . GLU A 1 3  ? -1.971 -3.593 -4.961 1.00 0.00 ? 7  GLU A CB   1  
ATOM   28   C CG   . GLU A 1 3  ? -2.269 -2.717 -6.162 1.00 0.00 ? 7  GLU A CG   1  
ATOM   29   C CD   . GLU A 1 3  ? -3.114 -3.419 -7.210 1.00 0.00 ? 7  GLU A CD   1  
ATOM   30   O OE1  . GLU A 1 3  ? -2.531 -4.060 -8.109 1.00 0.00 ? 7  GLU A OE1  1  
ATOM   31   O OE2  . GLU A 1 3  ? -4.356 -3.329 -7.129 1.00 0.00 ? 7  GLU A OE2  1  
ATOM   32   H H    . GLU A 1 3  ? -2.547 -2.350 -2.239 1.00 0.00 ? 7  GLU A H    1  
ATOM   33   H HA   . GLU A 1 3  ? -4.042 -3.645 -4.354 1.00 0.00 ? 7  GLU A HA   1  
ATOM   34   H HB2  . GLU A 1 3  ? -1.042 -3.259 -4.518 1.00 0.00 ? 7  GLU A HB2  1  
ATOM   35   H HB3  . GLU A 1 3  ? -1.851 -4.602 -5.312 1.00 0.00 ? 7  GLU A HB3  1  
ATOM   36   H HG2  . GLU A 1 3  ? -2.803 -1.853 -5.819 1.00 0.00 ? 7  GLU A HG2  1  
ATOM   37   H HG3  . GLU A 1 3  ? -1.335 -2.411 -6.616 1.00 0.00 ? 7  GLU A HG3  1  
ATOM   38   N N    . LEU A 1 4  ? -1.948 -4.608 -2.008 1.00 0.00 ? 8  LEU A N    1  
ATOM   39   C CA   . LEU A 1 4  ? -1.629 -5.607 -0.986 1.00 0.00 ? 8  LEU A CA   1  
ATOM   40   C C    . LEU A 1 4  ? -1.437 -4.917 0.368  1.00 0.00 ? 8  LEU A C    1  
ATOM   41   O O    . LEU A 1 4  ? -1.811 -5.456 1.413  1.00 0.00 ? 8  LEU A O    1  
ATOM   42   C CB   . LEU A 1 4  ? -0.359 -6.384 -1.367 1.00 0.00 ? 8  LEU A CB   1  
ATOM   43   C CG   . LEU A 1 4  ? -0.500 -7.336 -2.563 1.00 0.00 ? 8  LEU A CG   1  
ATOM   44   C CD1  . LEU A 1 4  ? 0.832  -7.488 -3.280 1.00 0.00 ? 8  LEU A CD1  1  
ATOM   45   C CD2  . LEU A 1 4  ? -1.015 -8.699 -2.113 1.00 0.00 ? 8  LEU A CD2  1  
ATOM   46   H H    . LEU A 1 4  ? -1.436 -3.774 -2.015 1.00 0.00 ? 8  LEU A H    1  
ATOM   47   H HA   . LEU A 1 4  ? -2.461 -6.294 -0.917 1.00 0.00 ? 8  LEU A HA   1  
ATOM   48   H HB2  . LEU A 1 4  ? 0.417  -5.666 -1.599 1.00 0.00 ? 8  LEU A HB2  1  
ATOM   49   H HB3  . LEU A 1 4  ? -0.047 -6.965 -0.510 1.00 0.00 ? 8  LEU A HB3  1  
ATOM   50   H HG   . LEU A 1 4  ? -1.212 -6.922 -3.263 1.00 0.00 ? 8  LEU A HG   1  
ATOM   51   H HD11 . LEU A 1 4  ? 1.570  -7.872 -2.591 1.00 0.00 ? 8  LEU A HD11 1  
ATOM   52   H HD12 . LEU A 1 4  ? 1.153  -6.526 -3.652 1.00 0.00 ? 8  LEU A HD12 1  
ATOM   53   H HD13 . LEU A 1 4  ? 0.720  -8.175 -4.106 1.00 0.00 ? 8  LEU A HD13 1  
ATOM   54   H HD21 . LEU A 1 4  ? -1.976 -8.582 -1.634 1.00 0.00 ? 8  LEU A HD21 1  
ATOM   55   H HD22 . LEU A 1 4  ? -0.316 -9.134 -1.414 1.00 0.00 ? 8  LEU A HD22 1  
ATOM   56   H HD23 . LEU A 1 4  ? -1.115 -9.347 -2.971 1.00 0.00 ? 8  LEU A HD23 1  
ATOM   57   N N    . CYS A 1 5  ? -0.843 -3.716 0.319  1.00 0.00 ? 9  CYS A N    1  
ATOM   58   C CA   . CYS A 1 5  ? -0.583 -2.895 1.498  1.00 0.00 ? 9  CYS A CA   1  
ATOM   59   C C    . CYS A 1 5  ? -1.599 -1.761 1.597  1.00 0.00 ? 9  CYS A C    1  
ATOM   60   O O    . CYS A 1 5  ? -2.137 -1.315 0.579  1.00 0.00 ? 9  CYS A O    1  
ATOM   61   C CB   . CYS A 1 5  ? 0.833  -2.311 1.422  1.00 0.00 ? 9  CYS A CB   1  
ATOM   62   S SG   . CYS A 1 5  ? 1.308  -1.719 -0.235 1.00 0.00 ? 9  CYS A SG   1  
ATOM   63   H H    . CYS A 1 5  ? -0.561 -3.372 -0.553 1.00 0.00 ? 9  CYS A H    1  
ATOM   64   H HA   . CYS A 1 5  ? -0.663 -3.523 2.373  1.00 0.00 ? 9  CYS A HA   1  
ATOM   65   H HB2  . CYS A 1 5  ? 0.903  -1.469 2.094  1.00 0.00 ? 9  CYS A HB2  1  
ATOM   66   H HB3  . CYS A 1 5  ? 1.545  -3.068 1.720  1.00 0.00 ? 9  CYS A HB3  1  
ATOM   67   N N    . CYS A 1 6  ? -1.853 -1.297 2.824  1.00 0.00 ? 10 CYS A N    1  
ATOM   68   C CA   . CYS A 1 6  ? -2.802 -0.208 3.055  1.00 0.00 ? 10 CYS A CA   1  
ATOM   69   C C    . CYS A 1 6  ? -2.084 1.042  3.581  1.00 0.00 ? 10 CYS A C    1  
ATOM   70   O O    . CYS A 1 6  ? -2.288 1.469  4.726  1.00 0.00 ? 10 CYS A O    1  
ATOM   71   C CB   . CYS A 1 6  ? -3.913 -0.661 4.015  1.00 0.00 ? 10 CYS A CB   1  
ATOM   72   S SG   . CYS A 1 6  ? -5.166 0.620  4.363  1.00 0.00 ? 10 CYS A SG   1  
ATOM   73   H H    . CYS A 1 6  ? -1.391 -1.696 3.590  1.00 0.00 ? 10 CYS A H    1  
ATOM   74   H HA   . CYS A 1 6  ? -3.248 0.035  2.102  1.00 0.00 ? 10 CYS A HA   1  
ATOM   75   H HB2  . CYS A 1 6  ? -4.424 -1.510 3.588  1.00 0.00 ? 10 CYS A HB2  1  
ATOM   76   H HB3  . CYS A 1 6  ? -3.470 -0.951 4.956  1.00 0.00 ? 10 CYS A HB3  1  
ATOM   77   N N    . ASN A 1 7  ? -1.227 1.614  2.730  1.00 0.00 ? 11 ASN A N    1  
ATOM   78   C CA   . ASN A 1 7  ? -0.476 2.819  3.068  1.00 0.00 ? 11 ASN A CA   1  
ATOM   79   C C    . ASN A 1 7  ? -0.896 3.988  2.161  1.00 0.00 ? 11 ASN A C    1  
ATOM   80   O O    . ASN A 1 7  ? -1.341 3.754  1.033  1.00 0.00 ? 11 ASN A O    1  
ATOM   81   C CB   . ASN A 1 7  ? 1.032  2.562  2.938  1.00 0.00 ? 11 ASN A CB   1  
ATOM   82   C CG   . ASN A 1 7  ? 1.587  1.690  4.055  1.00 0.00 ? 11 ASN A CG   1  
ATOM   83   O OD1  . ASN A 1 7  ? 1.144  1.759  5.203  1.00 0.00 ? 11 ASN A OD1  1  
ATOM   84   N ND2  . ASN A 1 7  ? 2.570  0.861  3.719  1.00 0.00 ? 11 ASN A ND2  1  
ATOM   85   H H    . ASN A 1 7  ? -1.091 1.208  1.850  1.00 0.00 ? 11 ASN A H    1  
ATOM   86   H HA   . ASN A 1 7  ? -0.703 3.071  4.093  1.00 0.00 ? 11 ASN A HA   1  
ATOM   87   H HB2  . ASN A 1 7  ? 1.222  2.064  1.999  1.00 0.00 ? 11 ASN A HB2  1  
ATOM   88   H HB3  . ASN A 1 7  ? 1.555  3.509  2.951  1.00 0.00 ? 11 ASN A HB3  1  
ATOM   89   H HD21 . ASN A 1 7  ? 2.875  0.858  2.783  1.00 0.00 ? 11 ASN A HD21 1  
ATOM   90   H HD22 . ASN A 1 7  ? 2.950  0.284  4.420  1.00 0.00 ? 11 ASN A HD22 1  
ATOM   91   N N    . PRO A 1 8  ? -0.765 5.272  2.629  1.00 0.00 ? 12 PRO A N    1  
ATOM   92   C CA   . PRO A 1 8  ? -1.147 6.448  1.824  1.00 0.00 ? 12 PRO A CA   1  
ATOM   93   C C    . PRO A 1 8  ? -0.298 6.617  0.556  1.00 0.00 ? 12 PRO A C    1  
ATOM   94   O O    . PRO A 1 8  ? -0.805 7.060  -0.479 1.00 0.00 ? 12 PRO A O    1  
ATOM   95   C CB   . PRO A 1 8  ? -0.943 7.655  2.749  1.00 0.00 ? 12 PRO A CB   1  
ATOM   96   C CG   . PRO A 1 8  ? -0.355 7.155  4.029  1.00 0.00 ? 12 PRO A CG   1  
ATOM   97   C CD   . PRO A 1 8  ? -0.245 5.653  3.959  1.00 0.00 ? 12 PRO A CD   1  
ATOM   98   H HA   . PRO A 1 8  ? -2.188 6.392  1.535  1.00 0.00 ? 12 PRO A HA   1  
ATOM   99   H HB2  . PRO A 1 8  ? -0.274 8.355  2.262  1.00 0.00 ? 12 PRO A HB2  1  
ATOM   100  H HB3  . PRO A 1 8  ? -1.896 8.133  2.930  1.00 0.00 ? 12 PRO A HB3  1  
ATOM   101  H HG2  . PRO A 1 8  ? 0.627  7.591  4.168  1.00 0.00 ? 12 PRO A HG2  1  
ATOM   102  H HG3  . PRO A 1 8  ? -0.999 7.433  4.854  1.00 0.00 ? 12 PRO A HG3  1  
ATOM   103  H HD2  . PRO A 1 8  ? 0.787  5.353  4.053  1.00 0.00 ? 12 PRO A HD2  1  
ATOM   104  H HD3  . PRO A 1 8  ? -0.838 5.202  4.744  1.00 0.00 ? 12 PRO A HD3  1  
ATOM   105  N N    . ALA A 1 9  ? 0.989  6.262  0.654  1.00 0.00 ? 13 ALA A N    1  
ATOM   106  C CA   . ALA A 1 9  ? 1.916  6.364  -0.475 1.00 0.00 ? 13 ALA A CA   1  
ATOM   107  C C    . ALA A 1 9  ? 2.249  4.985  -1.061 1.00 0.00 ? 13 ALA A C    1  
ATOM   108  O O    . ALA A 1 9  ? 3.039  4.877  -2.007 1.00 0.00 ? 13 ALA A O    1  
ATOM   109  C CB   . ALA A 1 9  ? 3.187  7.082  -0.036 1.00 0.00 ? 13 ALA A CB   1  
ATOM   110  H H    . ALA A 1 9  ? 1.321  5.921  1.510  1.00 0.00 ? 13 ALA A H    1  
ATOM   111  H HA   . ALA A 1 9  ? 1.442  6.962  -1.240 1.00 0.00 ? 13 ALA A HA   1  
ATOM   112  H HB1  . ALA A 1 9  ? 3.840  7.210  -0.887 1.00 0.00 ? 13 ALA A HB1  1  
ATOM   113  H HB2  . ALA A 1 9  ? 3.689  6.496  0.719  1.00 0.00 ? 13 ALA A HB2  1  
ATOM   114  H HB3  . ALA A 1 9  ? 2.932  8.050  0.370  1.00 0.00 ? 13 ALA A HB3  1  
ATOM   115  N N    . CYS A 1 10 ? 1.622  3.927  -0.498 1.00 0.00 ? 14 CYS A N    1  
ATOM   116  C CA   . CYS A 1 10 ? 1.826  2.523  -0.925 1.00 0.00 ? 14 CYS A CA   1  
ATOM   117  C C    . CYS A 1 10 ? 3.300  2.104  -0.812 1.00 0.00 ? 14 CYS A C    1  
ATOM   118  O O    . CYS A 1 10 ? 4.116  2.395  -1.696 1.00 0.00 ? 14 CYS A O    1  
ATOM   119  C CB   . CYS A 1 10 ? 1.297  2.284  -2.354 1.00 0.00 ? 14 CYS A CB   1  
ATOM   120  S SG   . CYS A 1 10 ? -0.399 2.894  -2.629 1.00 0.00 ? 14 CYS A SG   1  
ATOM   121  H H    . CYS A 1 10 ? 0.998  4.100  0.238  1.00 0.00 ? 14 CYS A H    1  
ATOM   122  H HA   . CYS A 1 10 ? 1.256  1.905  -0.248 1.00 0.00 ? 14 CYS A HA   1  
ATOM   123  H HB2  . CYS A 1 10 ? 1.945  2.786  -3.060 1.00 0.00 ? 14 CYS A HB2  1  
ATOM   124  H HB3  . CYS A 1 10 ? 1.303  1.220  -2.556 1.00 0.00 ? 14 CYS A HB3  1  
ATOM   125  N N    . ALA A 1 11 ? 3.628  1.440  0.302  1.00 0.00 ? 15 ALA A N    1  
ATOM   126  C CA   . ALA A 1 11 ? 4.990  0.974  0.566  1.00 0.00 ? 15 ALA A CA   1  
ATOM   127  C C    . ALA A 1 11 ? 4.999  -0.499 0.958  1.00 0.00 ? 15 ALA A C    1  
ATOM   128  O O    . ALA A 1 11 ? 4.152  -0.946 1.736  1.00 0.00 ? 15 ALA A O    1  
ATOM   129  C CB   . ALA A 1 11 ? 5.635  1.815  1.659  1.00 0.00 ? 15 ALA A CB   1  
ATOM   130  H H    . ALA A 1 11 ? 2.930  1.258  0.965  1.00 0.00 ? 15 ALA A H    1  
ATOM   131  H HA   . ALA A 1 11 ? 5.566  1.100  -0.340 1.00 0.00 ? 15 ALA A HA   1  
ATOM   132  H HB1  . ALA A 1 11 ? 5.622  2.856  1.367  1.00 0.00 ? 15 ALA A HB1  1  
ATOM   133  H HB2  . ALA A 1 11 ? 6.655  1.494  1.805  1.00 0.00 ? 15 ALA A HB2  1  
ATOM   134  H HB3  . ALA A 1 11 ? 5.083  1.693  2.580  1.00 0.00 ? 15 ALA A HB3  1  
HETATM 135  N N    . DLY A 1 12 ? 5.966  -1.241 0.409  1.00 0.00 ? 16 DLY A N    1  
HETATM 136  C CA   . DLY A 1 12 ? 6.108  -2.676 0.685  1.00 0.00 ? 16 DLY A CA   1  
HETATM 137  C C    . DLY A 1 12 ? 5.340  -3.524 -0.338 1.00 0.00 ? 16 DLY A C    1  
HETATM 138  O O    . DLY A 1 12 ? 5.159  -4.729 -0.141 1.00 0.00 ? 16 DLY A O    1  
HETATM 139  C CB   . DLY A 1 12 ? 7.588  -3.079 0.686  1.00 0.00 ? 16 DLY A CB   1  
HETATM 140  C CG   . DLY A 1 12 ? 8.356  -2.598 1.908  1.00 0.00 ? 16 DLY A CG   1  
HETATM 141  C CD   . DLY A 1 12 ? 9.813  -3.024 1.852  1.00 0.00 ? 16 DLY A CD   1  
HETATM 142  C CE   . DLY A 1 12 ? 10.583 -2.542 3.071  1.00 0.00 ? 16 DLY A CE   1  
HETATM 143  N NZ   . DLY A 1 12 ? 12.014 -2.949 3.022  1.00 0.00 ? 16 DLY A NZ   1  
HETATM 144  H H    . DLY A 1 12 ? 6.605  -0.812 -0.199 1.00 0.00 ? 16 DLY A H    1  
HETATM 145  H HA   . DLY A 1 12 ? 5.695  -2.863 1.665  1.00 0.00 ? 16 DLY A HA   1  
HETATM 146  H HB2  . DLY A 1 12 ? 8.060  -2.665 -0.196 1.00 0.00 ? 16 DLY A HB2  1  
HETATM 147  H HB3  . DLY A 1 12 ? 7.655  -4.158 0.650  1.00 0.00 ? 16 DLY A HB3  1  
HETATM 148  H HG2  . DLY A 1 12 ? 7.901  -3.017 2.796  1.00 0.00 ? 16 DLY A HG2  1  
HETATM 149  H HG3  . DLY A 1 12 ? 8.309  -1.518 1.949  1.00 0.00 ? 16 DLY A HG3  1  
HETATM 150  H HD2  . DLY A 1 12 ? 10.267 -2.608 0.964  1.00 0.00 ? 16 DLY A HD2  1  
HETATM 151  H HD3  . DLY A 1 12 ? 9.862  -4.102 1.812  1.00 0.00 ? 16 DLY A HD3  1  
HETATM 152  H HE2  . DLY A 1 12 ? 10.128 -2.961 3.957  1.00 0.00 ? 16 DLY A HE2  1  
HETATM 153  H HE3  . DLY A 1 12 ? 10.526 -1.465 3.114  1.00 0.00 ? 16 DLY A HE3  1  
HETATM 154  H HZ1  . DLY A 1 12 ? 12.089 -3.986 2.981  1.00 0.00 ? 16 DLY A HZ1  1  
HETATM 155  H HZ2  . DLY A 1 12 ? 12.512 -2.610 3.869  1.00 0.00 ? 16 DLY A HZ2  1  
HETATM 156  H HZ3  . DLY A 1 12 ? 12.472 -2.545 2.180  1.00 0.00 ? 16 DLY A HZ3  1  
ATOM   157  N N    . CYS A 1 13 ? 4.891  -2.878 -1.422 1.00 0.00 ? 17 CYS A N    1  
ATOM   158  C CA   . CYS A 1 13 ? 4.143  -3.548 -2.479 1.00 0.00 ? 17 CYS A CA   1  
ATOM   159  C C    . CYS A 1 13 ? 4.888  -3.474 -3.811 1.00 0.00 ? 17 CYS A C    1  
ATOM   160  O O    . CYS A 1 13 ? 5.216  -4.545 -4.363 1.00 0.00 ? 17 CYS A O    1  
ATOM   161  C CB   . CYS A 1 13 ? 2.756  -2.917 -2.604 1.00 0.00 ? 17 CYS A CB   1  
ATOM   162  S SG   . CYS A 1 13 ? 1.598  -3.423 -1.298 1.00 0.00 ? 17 CYS A SG   1  
ATOM   163  O OXT  . CYS A 1 13 ? 5.148  -2.346 -4.287 1.00 0.00 ? 17 CYS A OXT  1  
ATOM   164  H H    . CYS A 1 13 ? 5.064  -1.919 -1.508 1.00 0.00 ? 17 CYS A H    1  
ATOM   165  H HA   . CYS A 1 13 ? 4.031  -4.585 -2.199 1.00 0.00 ? 17 CYS A HA   1  
ATOM   166  H HB2  . CYS A 1 13 ? 2.852  -1.841 -2.549 1.00 0.00 ? 17 CYS A HB2  1  
ATOM   167  H HB3  . CYS A 1 13 ? 2.328  -3.193 -3.555 1.00 0.00 ? 17 CYS A HB3  1  
HETATM 168  N N    . DCY A 1 1  ? -6.953 -1.383 0.517  1.00 0.00 ? 5  DCY A N    2  
HETATM 169  C CA   . DCY A 1 1  ? -5.729 -0.546 0.603  1.00 0.00 ? 5  DCY A CA   2  
HETATM 170  C C    . DCY A 1 1  ? -5.307 -0.061 -0.783 1.00 0.00 ? 5  DCY A C    2  
HETATM 171  O O    . DCY A 1 1  ? -6.083 0.595  -1.486 1.00 0.00 ? 5  DCY A O    2  
HETATM 172  C CB   . DCY A 1 1  ? -5.975 0.644  1.536  1.00 0.00 ? 5  DCY A CB   2  
HETATM 173  S SG   . DCY A 1 1  ? -6.544 0.167  3.201  1.00 0.00 ? 5  DCY A SG   2  
HETATM 174  H H1   . DCY A 1 1  ? -7.735 -0.833 0.107  1.00 0.00 ? 5  DCY A H1   2  
HETATM 175  H H2   . DCY A 1 1  ? -7.232 -1.707 1.465  1.00 0.00 ? 5  DCY A H2   2  
HETATM 176  H H3   . DCY A 1 1  ? -6.776 -2.214 -0.082 1.00 0.00 ? 5  DCY A H3   2  
HETATM 177  H HA   . DCY A 1 1  ? -4.935 -1.154 1.011  1.00 0.00 ? 5  DCY A HA   2  
HETATM 178  H HB2  . DCY A 1 1  ? -6.731 1.284  1.100  1.00 0.00 ? 5  DCY A HB2  2  
HETATM 179  H HB3  . DCY A 1 1  ? -5.056 1.203  1.649  1.00 0.00 ? 5  DCY A HB3  2  
ATOM   180  N N    . CYS A 1 2  ? -4.071 -0.400 -1.164 1.00 0.00 ? 6  CYS A N    2  
ATOM   181  C CA   . CYS A 1 2  ? -3.515 -0.027 -2.467 1.00 0.00 ? 6  CYS A CA   2  
ATOM   182  C C    . CYS A 1 2  ? -3.695 -1.183 -3.459 1.00 0.00 ? 6  CYS A C    2  
ATOM   183  O O    . CYS A 1 2  ? -4.358 -1.036 -4.489 1.00 0.00 ? 6  CYS A O    2  
ATOM   184  C CB   . CYS A 1 2  ? -2.029 0.336  -2.317 1.00 0.00 ? 6  CYS A CB   2  
ATOM   185  S SG   . CYS A 1 2  ? -1.343 1.288  -3.712 1.00 0.00 ? 6  CYS A SG   2  
ATOM   186  H H    . CYS A 1 2  ? -3.514 -0.919 -0.547 1.00 0.00 ? 6  CYS A H    2  
ATOM   187  H HA   . CYS A 1 2  ? -4.058 0.834  -2.828 1.00 0.00 ? 6  CYS A HA   2  
ATOM   188  H HB2  . CYS A 1 2  ? -1.895 0.925  -1.419 1.00 0.00 ? 6  CYS A HB2  2  
ATOM   189  H HB3  . CYS A 1 2  ? -1.453 -0.577 -2.231 1.00 0.00 ? 6  CYS A HB3  2  
ATOM   190  N N    . GLU A 1 3  ? -3.090 -2.331 -3.121 1.00 0.00 ? 7  GLU A N    2  
ATOM   191  C CA   . GLU A 1 3  ? -3.157 -3.568 -3.918 1.00 0.00 ? 7  GLU A CA   2  
ATOM   192  C C    . GLU A 1 3  ? -2.950 -4.763 -2.988 1.00 0.00 ? 7  GLU A C    2  
ATOM   193  O O    . GLU A 1 3  ? -3.645 -5.778 -3.086 1.00 0.00 ? 7  GLU A O    2  
ATOM   194  C CB   . GLU A 1 3  ? -2.096 -3.582 -5.034 1.00 0.00 ? 7  GLU A CB   2  
ATOM   195  C CG   . GLU A 1 3  ? -2.438 -2.696 -6.221 1.00 0.00 ? 7  GLU A CG   2  
ATOM   196  C CD   . GLU A 1 3  ? -2.658 -3.487 -7.495 1.00 0.00 ? 7  GLU A CD   2  
ATOM   197  O OE1  . GLU A 1 3  ? -3.812 -3.890 -7.752 1.00 0.00 ? 7  GLU A OE1  2  
ATOM   198  O OE2  . GLU A 1 3  ? -1.676 -3.705 -8.235 1.00 0.00 ? 7  GLU A OE2  2  
ATOM   199  H H    . GLU A 1 3  ? -2.569 -2.349 -2.291 1.00 0.00 ? 7  GLU A H    2  
ATOM   200  H HA   . GLU A 1 3  ? -4.143 -3.630 -4.357 1.00 0.00 ? 7  GLU A HA   2  
ATOM   201  H HB2  . GLU A 1 3  ? -1.151 -3.251 -4.621 1.00 0.00 ? 7  GLU A HB2  2  
ATOM   202  H HB3  . GLU A 1 3  ? -1.988 -4.594 -5.394 1.00 0.00 ? 7  GLU A HB3  2  
ATOM   203  H HG2  . GLU A 1 3  ? -3.343 -2.156 -5.993 1.00 0.00 ? 7  GLU A HG2  2  
ATOM   204  H HG3  . GLU A 1 3  ? -1.629 -1.995 -6.384 1.00 0.00 ? 7  GLU A HG3  2  
ATOM   205  N N    . LEU A 1 4  ? -1.973 -4.605 -2.086 1.00 0.00 ? 8  LEU A N    2  
ATOM   206  C CA   . LEU A 1 4  ? -1.622 -5.608 -1.078 1.00 0.00 ? 8  LEU A CA   2  
ATOM   207  C C    . LEU A 1 4  ? -1.385 -4.921 0.271  1.00 0.00 ? 8  LEU A C    2  
ATOM   208  O O    . LEU A 1 4  ? -1.726 -5.462 1.326  1.00 0.00 ? 8  LEU A O    2  
ATOM   209  C CB   . LEU A 1 4  ? -0.366 -6.386 -1.502 1.00 0.00 ? 8  LEU A CB   2  
ATOM   210  C CG   . LEU A 1 4  ? -0.541 -7.322 -2.706 1.00 0.00 ? 8  LEU A CG   2  
ATOM   211  C CD1  . LEU A 1 4  ? 0.770  -7.464 -3.462 1.00 0.00 ? 8  LEU A CD1  2  
ATOM   212  C CD2  . LEU A 1 4  ? -1.043 -8.690 -2.259 1.00 0.00 ? 8  LEU A CD2  2  
ATOM   213  H H    . LEU A 1 4  ? -1.461 -3.772 -2.107 1.00 0.00 ? 8  LEU A H    2  
ATOM   214  H HA   . LEU A 1 4  ? -2.452 -6.293 -0.984 1.00 0.00 ? 8  LEU A HA   2  
ATOM   215  H HB2  . LEU A 1 4  ? 0.409  -5.668 -1.744 1.00 0.00 ? 8  LEU A HB2  2  
ATOM   216  H HB3  . LEU A 1 4  ? -0.035 -6.979 -0.659 1.00 0.00 ? 8  LEU A HB3  2  
ATOM   217  H HG   . LEU A 1 4  ? -1.272 -6.898 -3.380 1.00 0.00 ? 8  LEU A HG   2  
ATOM   218  H HD11 . LEU A 1 4  ? 1.081  -6.497 -3.830 1.00 0.00 ? 8  LEU A HD11 2  
ATOM   219  H HD12 . LEU A 1 4  ? 0.634  -8.138 -4.294 1.00 0.00 ? 8  LEU A HD12 2  
ATOM   220  H HD13 . LEU A 1 4  ? 1.527  -7.857 -2.800 1.00 0.00 ? 8  LEU A HD13 2  
ATOM   221  H HD21 . LEU A 1 4  ? -1.149 -9.334 -3.120 1.00 0.00 ? 8  LEU A HD21 2  
ATOM   222  H HD22 . LEU A 1 4  ? -2.001 -8.581 -1.772 1.00 0.00 ? 8  LEU A HD22 2  
ATOM   223  H HD23 . LEU A 1 4  ? -0.336 -9.126 -1.569 1.00 0.00 ? 8  LEU A HD23 2  
ATOM   224  N N    . CYS A 1 5  ? -0.792 -3.720 0.205  1.00 0.00 ? 9  CYS A N    2  
ATOM   225  C CA   . CYS A 1 5  ? -0.494 -2.903 1.380  1.00 0.00 ? 9  CYS A CA   2  
ATOM   226  C C    . CYS A 1 5  ? -1.511 -1.773 1.521  1.00 0.00 ? 9  CYS A C    2  
ATOM   227  O O    . CYS A 1 5  ? -2.107 -1.344 0.530  1.00 0.00 ? 9  CYS A O    2  
ATOM   228  C CB   . CYS A 1 5  ? 0.915  -2.310 1.256  1.00 0.00 ? 9  CYS A CB   2  
ATOM   229  S SG   . CYS A 1 5  ? 1.326  -1.701 -0.413 1.00 0.00 ? 9  CYS A SG   2  
ATOM   230  H H    . CYS A 1 5  ? -0.539 -3.374 -0.673 1.00 0.00 ? 9  CYS A H    2  
ATOM   231  H HA   . CYS A 1 5  ? -0.539 -3.535 2.253  1.00 0.00 ? 9  CYS A HA   2  
ATOM   232  H HB2  . CYS A 1 5  ? 1.001  -1.472 1.932  1.00 0.00 ? 9  CYS A HB2  2  
ATOM   233  H HB3  . CYS A 1 5  ? 1.641  -3.064 1.522  1.00 0.00 ? 9  CYS A HB3  2  
ATOM   234  N N    . CYS A 1 6  ? -1.701 -1.297 2.756  1.00 0.00 ? 10 CYS A N    2  
ATOM   235  C CA   . CYS A 1 6  ? -2.642 -0.211 3.027  1.00 0.00 ? 10 CYS A CA   2  
ATOM   236  C C    . CYS A 1 6  ? -1.907 1.029  3.558  1.00 0.00 ? 10 CYS A C    2  
ATOM   237  O O    . CYS A 1 6  ? -2.079 1.433  4.716  1.00 0.00 ? 10 CYS A O    2  
ATOM   238  C CB   . CYS A 1 6  ? -3.732 -0.677 4.006  1.00 0.00 ? 10 CYS A CB   2  
ATOM   239  S SG   . CYS A 1 6  ? -4.970 0.602  4.408  1.00 0.00 ? 10 CYS A SG   2  
ATOM   240  H H    . CYS A 1 6  ? -1.196 -1.687 3.500  1.00 0.00 ? 10 CYS A H    2  
ATOM   241  H HA   . CYS A 1 6  ? -3.108 0.049  2.089  1.00 0.00 ? 10 CYS A HA   2  
ATOM   242  H HB2  . CYS A 1 6  ? -4.256 -1.516 3.575  1.00 0.00 ? 10 CYS A HB2  2  
ATOM   243  H HB3  . CYS A 1 6  ? -3.266 -0.987 4.930  1.00 0.00 ? 10 CYS A HB3  2  
ATOM   244  N N    . ASN A 1 7  ? -1.072 1.614  2.695  1.00 0.00 ? 11 ASN A N    2  
ATOM   245  C CA   . ASN A 1 7  ? -0.308 2.813  3.038  1.00 0.00 ? 11 ASN A CA   2  
ATOM   246  C C    . ASN A 1 7  ? -0.761 4.006  2.178  1.00 0.00 ? 11 ASN A C    2  
ATOM   247  O O    . ASN A 1 7  ? -1.219 3.803  1.049  1.00 0.00 ? 11 ASN A O    2  
ATOM   248  C CB   . ASN A 1 7  ? 1.192  2.566  2.849  1.00 0.00 ? 11 ASN A CB   2  
ATOM   249  C CG   . ASN A 1 7  ? 1.773  1.666  3.924  1.00 0.00 ? 11 ASN A CG   2  
ATOM   250  O OD1  . ASN A 1 7  ? 2.191  2.135  4.983  1.00 0.00 ? 11 ASN A OD1  2  
ATOM   251  N ND2  . ASN A 1 7  ? 1.808  0.366  3.654  1.00 0.00 ? 11 ASN A ND2  2  
ATOM   252  H H    . ASN A 1 7  ? -0.961 1.224  1.803  1.00 0.00 ? 11 ASN A H    2  
ATOM   253  H HA   . ASN A 1 7  ? -0.500 3.039  4.075  1.00 0.00 ? 11 ASN A HA   2  
ATOM   254  H HB2  . ASN A 1 7  ? 1.355  2.096  1.891  1.00 0.00 ? 11 ASN A HB2  2  
ATOM   255  H HB3  . ASN A 1 7  ? 1.714  3.514  2.877  1.00 0.00 ? 11 ASN A HB3  2  
ATOM   256  H HD21 . ASN A 1 7  ? 1.460  0.064  2.784  1.00 0.00 ? 11 ASN A HD21 2  
ATOM   257  H HD22 . ASN A 1 7  ? 2.179  -0.239 4.335  1.00 0.00 ? 11 ASN A HD22 2  
ATOM   258  N N    . PRO A 1 8  ? -0.643 5.275  2.690  1.00 0.00 ? 12 PRO A N    2  
ATOM   259  C CA   . PRO A 1 8  ? -1.057 6.473  1.933  1.00 0.00 ? 12 PRO A CA   2  
ATOM   260  C C    . PRO A 1 8  ? -0.303 6.647  0.607  1.00 0.00 ? 12 PRO A C    2  
ATOM   261  O O    . PRO A 1 8  ? -0.875 7.121  -0.379 1.00 0.00 ? 12 PRO A O    2  
ATOM   262  C CB   . PRO A 1 8  ? -0.752 7.661  2.857  1.00 0.00 ? 12 PRO A CB   2  
ATOM   263  C CG   . PRO A 1 8  ? -0.174 7.118  4.125  1.00 0.00 ? 12 PRO A CG   2  
ATOM   264  C CD   . PRO A 1 8  ? -0.116 5.615  4.029  1.00 0.00 ? 12 PRO A CD   2  
ATOM   265  H HA   . PRO A 1 8  ? -2.118 6.447  1.725  1.00 0.00 ? 12 PRO A HA   2  
ATOM   266  H HB2  . PRO A 1 8  ? -0.049 8.317  2.359  1.00 0.00 ? 12 PRO A HB2  2  
ATOM   267  H HB3  . PRO A 1 8  ? -1.667 8.200  3.059  1.00 0.00 ? 12 PRO A HB3  2  
ATOM   268  H HG2  . PRO A 1 8  ? 0.824  7.518  4.263  1.00 0.00 ? 12 PRO A HG2  2  
ATOM   269  H HG3  . PRO A 1 8  ? -0.802 7.404  4.959  1.00 0.00 ? 12 PRO A HG3  2  
ATOM   270  H HD2  . PRO A 1 8  ? 0.905  5.277  4.124  1.00 0.00 ? 12 PRO A HD2  2  
ATOM   271  H HD3  . PRO A 1 8  ? -0.730 5.173  4.803  1.00 0.00 ? 12 PRO A HD3  2  
ATOM   272  N N    . ALA A 1 9  ? 0.978  6.259  0.600  1.00 0.00 ? 13 ALA A N    2  
ATOM   273  C CA   . ALA A 1 9  ? 1.819  6.360  -0.595 1.00 0.00 ? 13 ALA A CA   2  
ATOM   274  C C    . ALA A 1 9  ? 2.157  4.975  -1.165 1.00 0.00 ? 13 ALA A C    2  
ATOM   275  O O    . ALA A 1 9  ? 2.962  4.853  -2.097 1.00 0.00 ? 13 ALA A O    2  
ATOM   276  C CB   . ALA A 1 9  ? 3.091  7.133  -0.264 1.00 0.00 ? 13 ALA A CB   2  
ATOM   277  H H    . ALA A 1 9  ? 1.366  5.894  1.422  1.00 0.00 ? 13 ALA A H    2  
ATOM   278  H HA   . ALA A 1 9  ? 1.272  6.919  -1.340 1.00 0.00 ? 13 ALA A HA   2  
ATOM   279  H HB1  . ALA A 1 9  ? 2.830  8.100  0.138  1.00 0.00 ? 13 ALA A HB1  2  
ATOM   280  H HB2  . ALA A 1 9  ? 3.678  7.263  -1.162 1.00 0.00 ? 13 ALA A HB2  2  
ATOM   281  H HB3  . ALA A 1 9  ? 3.667  6.583  0.466  1.00 0.00 ? 13 ALA A HB3  2  
ATOM   282  N N    . CYS A 1 10 ? 1.514  3.924  -0.606 1.00 0.00 ? 14 CYS A N    2  
ATOM   283  C CA   . CYS A 1 10 ? 1.718  2.516  -1.018 1.00 0.00 ? 14 CYS A CA   2  
ATOM   284  C C    . CYS A 1 10 ? 3.180  2.081  -0.832 1.00 0.00 ? 14 CYS A C    2  
ATOM   285  O O    . CYS A 1 10 ? 4.038  2.340  -1.686 1.00 0.00 ? 14 CYS A O    2  
ATOM   286  C CB   . CYS A 1 10 ? 1.254  2.276  -2.469 1.00 0.00 ? 14 CYS A CB   2  
ATOM   287  S SG   . CYS A 1 10 ? -0.435 2.869  -2.817 1.00 0.00 ? 14 CYS A SG   2  
ATOM   288  H H    . CYS A 1 10 ? 0.875  4.107  0.114  1.00 0.00 ? 14 CYS A H    2  
ATOM   289  H HA   . CYS A 1 10 ? 1.108  1.908  -0.364 1.00 0.00 ? 14 CYS A HA   2  
ATOM   290  H HB2  . CYS A 1 10 ? 1.927  2.788  -3.144 1.00 0.00 ? 14 CYS A HB2  2  
ATOM   291  H HB3  . CYS A 1 10 ? 1.281  1.213  -2.674 1.00 0.00 ? 14 CYS A HB3  2  
ATOM   292  N N    . ALA A 1 11 ? 3.450  1.437  0.308  1.00 0.00 ? 15 ALA A N    2  
ATOM   293  C CA   . ALA A 1 11 ? 4.792  0.960  0.641  1.00 0.00 ? 15 ALA A CA   2  
ATOM   294  C C    . ALA A 1 11 ? 4.769  -0.512 1.031  1.00 0.00 ? 15 ALA A C    2  
ATOM   295  O O    . ALA A 1 11 ? 3.843  -0.968 1.708  1.00 0.00 ? 15 ALA A O    2  
ATOM   296  C CB   . ALA A 1 11 ? 5.387  1.796  1.765  1.00 0.00 ? 15 ALA A CB   2  
ATOM   297  H H    . ALA A 1 11 ? 2.722  1.280  0.947  1.00 0.00 ? 15 ALA A H    2  
ATOM   298  H HA   . ALA A 1 11 ? 5.414  1.081  -0.233 1.00 0.00 ? 15 ALA A HA   2  
ATOM   299  H HB1  . ALA A 1 11 ? 6.397  1.467  1.963  1.00 0.00 ? 15 ALA A HB1  2  
ATOM   300  H HB2  . ALA A 1 11 ? 4.789  1.676  2.657  1.00 0.00 ? 15 ALA A HB2  2  
ATOM   301  H HB3  . ALA A 1 11 ? 5.396  2.835  1.475  1.00 0.00 ? 15 ALA A HB3  2  
HETATM 302  N N    . DLY A 1 12 ? 5.798  -1.247 0.595  1.00 0.00 ? 16 DLY A N    2  
HETATM 303  C CA   . DLY A 1 12 ? 5.920  -2.681 0.885  1.00 0.00 ? 16 DLY A CA   2  
HETATM 304  C C    . DLY A 1 12 ? 5.281  -3.534 -0.219 1.00 0.00 ? 16 DLY A C    2  
HETATM 305  O O    . DLY A 1 12 ? 5.165  -4.757 -0.078 1.00 0.00 ? 16 DLY A O    2  
HETATM 306  C CB   . DLY A 1 12 ? 7.393  -3.067 1.060  1.00 0.00 ? 16 DLY A CB   2  
HETATM 307  C CG   . DLY A 1 12 ? 8.003  -2.591 2.370  1.00 0.00 ? 16 DLY A CG   2  
HETATM 308  C CD   . DLY A 1 12 ? 9.455  -3.023 2.498  1.00 0.00 ? 16 DLY A CD   2  
HETATM 309  C CE   . DLY A 1 12 ? 10.060 -2.561 3.813  1.00 0.00 ? 16 DLY A CE   2  
HETATM 310  N NZ   . DLY A 1 12 ? 11.482 -2.984 3.949  1.00 0.00 ? 16 DLY A NZ   2  
HETATM 311  H H    . DLY A 1 12 ? 6.498  -0.811 0.065  1.00 0.00 ? 16 DLY A H    2  
HETATM 312  H HA   . DLY A 1 12 ? 5.397  -2.872 1.812  1.00 0.00 ? 16 DLY A HA   2  
HETATM 313  H HB2  . DLY A 1 12 ? 7.963  -2.639 0.245  1.00 0.00 ? 16 DLY A HB2  2  
HETATM 314  H HB3  . DLY A 1 12 ? 7.477  -4.146 1.021  1.00 0.00 ? 16 DLY A HB3  2  
HETATM 315  H HG2  . DLY A 1 12 ? 7.438  -3.010 3.193  1.00 0.00 ? 16 DLY A HG2  2  
HETATM 316  H HG3  . DLY A 1 12 ? 7.955  -1.511 2.408  1.00 0.00 ? 16 DLY A HG3  2  
HETATM 317  H HD2  . DLY A 1 12 ? 10.020 -2.596 1.681  1.00 0.00 ? 16 DLY A HD2  2  
HETATM 318  H HD3  . DLY A 1 12 ? 9.506  -4.100 2.449  1.00 0.00 ? 16 DLY A HD3  2  
HETATM 319  H HE2  . DLY A 1 12 ? 9.488  -2.983 4.625  1.00 0.00 ? 16 DLY A HE2  2  
HETATM 320  H HE3  . DLY A 1 12 ? 10.009 -1.484 3.860  1.00 0.00 ? 16 DLY A HE3  2  
HETATM 321  H HZ1  . DLY A 1 12 ? 11.552 -4.021 3.897  1.00 0.00 ? 16 DLY A HZ1  2  
HETATM 322  H HZ2  . DLY A 1 12 ? 11.862 -2.668 4.864  1.00 0.00 ? 16 DLY A HZ2  2  
HETATM 323  H HZ3  . DLY A 1 12 ? 12.052 -2.569 3.186  1.00 0.00 ? 16 DLY A HZ3  2  
ATOM   324  N N    . CYS A 1 13 ? 4.864  -2.877 -1.308 1.00 0.00 ? 17 CYS A N    2  
ATOM   325  C CA   . CYS A 1 13 ? 4.237  -3.551 -2.439 1.00 0.00 ? 17 CYS A CA   2  
ATOM   326  C C    . CYS A 1 13 ? 5.120  -3.472 -3.684 1.00 0.00 ? 17 CYS A C    2  
ATOM   327  O O    . CYS A 1 13 ? 5.511  -4.542 -4.197 1.00 0.00 ? 17 CYS A O    2  
ATOM   328  C CB   . CYS A 1 13 ? 2.867  -2.930 -2.714 1.00 0.00 ? 17 CYS A CB   2  
ATOM   329  S SG   . CYS A 1 13 ? 1.592  -3.394 -1.502 1.00 0.00 ? 17 CYS A SG   2  
ATOM   330  O OXT  . CYS A 1 13 ? 5.424  -2.343 -4.130 1.00 0.00 ? 17 CYS A OXT  2  
ATOM   331  H H    . CYS A 1 13 ? 4.976  -1.904 -1.347 1.00 0.00 ? 17 CYS A H    2  
ATOM   332  H HA   . CYS A 1 13 ? 4.103  -4.589 -2.172 1.00 0.00 ? 17 CYS A HA   2  
ATOM   333  H HB2  . CYS A 1 13 ? 2.958  -1.853 -2.691 1.00 0.00 ? 17 CYS A HB2  2  
ATOM   334  H HB3  . CYS A 1 13 ? 2.528  -3.242 -3.690 1.00 0.00 ? 17 CYS A HB3  2  
HETATM 335  N N    . DCY A 1 1  ? -6.983 -1.350 0.401  1.00 0.00 ? 5  DCY A N    3  
HETATM 336  C CA   . DCY A 1 1  ? -5.747 -0.531 0.488  1.00 0.00 ? 5  DCY A CA   3  
HETATM 337  C C    . DCY A 1 1  ? -5.295 -0.085 -0.901 1.00 0.00 ? 5  DCY A C    3  
HETATM 338  O O    . DCY A 1 1  ? -6.055 0.555  -1.637 1.00 0.00 ? 5  DCY A O    3  
HETATM 339  C CB   . DCY A 1 1  ? -5.986 0.684  1.388  1.00 0.00 ? 5  DCY A CB   3  
HETATM 340  S SG   . DCY A 1 1  ? -6.593 0.257  3.053  1.00 0.00 ? 5  DCY A SG   3  
HETATM 341  H H1   . DCY A 1 1  ? -7.749 -0.796 -0.033 1.00 0.00 ? 5  DCY A H1   3  
HETATM 342  H H2   . DCY A 1 1  ? -7.282 -1.647 1.352  1.00 0.00 ? 5  DCY A H2   3  
HETATM 343  H H3   . DCY A 1 1  ? -6.811 -2.197 -0.177 1.00 0.00 ? 5  DCY A H3   3  
HETATM 344  H HA   . DCY A 1 1  ? -4.969 -1.143 0.923  1.00 0.00 ? 5  DCY A HA   3  
HETATM 345  H HB2  . DCY A 1 1  ? -6.723 1.327  0.923  1.00 0.00 ? 5  DCY A HB2  3  
HETATM 346  H HB3  . DCY A 1 1  ? -5.058 1.228  1.504  1.00 0.00 ? 5  DCY A HB3  3  
ATOM   347  N N    . CYS A 1 2  ? -4.053 -0.440 -1.249 1.00 0.00 ? 6  CYS A N    3  
ATOM   348  C CA   . CYS A 1 2  ? -3.472 -0.103 -2.552 1.00 0.00 ? 6  CYS A CA   3  
ATOM   349  C C    . CYS A 1 2  ? -3.638 -1.284 -3.516 1.00 0.00 ? 6  CYS A C    3  
ATOM   350  O O    . CYS A 1 2  ? -4.277 -1.159 -4.565 1.00 0.00 ? 6  CYS A O    3  
ATOM   351  C CB   . CYS A 1 2  ? -1.987 0.258  -2.384 1.00 0.00 ? 6  CYS A CB   3  
ATOM   352  S SG   . CYS A 1 2  ? -1.309 1.290  -3.725 1.00 0.00 ? 6  CYS A SG   3  
ATOM   353  H H    . CYS A 1 2  ? -3.511 -0.945 -0.608 1.00 0.00 ? 6  CYS A H    3  
ATOM   354  H HA   . CYS A 1 2  ? -4.004 0.750  -2.945 1.00 0.00 ? 6  CYS A HA   3  
ATOM   355  H HB2  . CYS A 1 2  ? -1.855 0.799  -1.455 1.00 0.00 ? 6  CYS A HB2  3  
ATOM   356  H HB3  . CYS A 1 2  ? -1.407 -0.656 -2.348 1.00 0.00 ? 6  CYS A HB3  3  
ATOM   357  N N    . GLU A 1 3  ? -3.048 -2.428 -3.135 1.00 0.00 ? 7  GLU A N    3  
ATOM   358  C CA   . GLU A 1 3  ? -3.106 -3.683 -3.901 1.00 0.00 ? 7  GLU A CA   3  
ATOM   359  C C    . GLU A 1 3  ? -2.928 -4.856 -2.937 1.00 0.00 ? 7  GLU A C    3  
ATOM   360  O O    . GLU A 1 3  ? -3.631 -5.867 -3.023 1.00 0.00 ? 7  GLU A O    3  
ATOM   361  C CB   . GLU A 1 3  ? -2.019 -3.733 -4.992 1.00 0.00 ? 7  GLU A CB   3  
ATOM   362  C CG   . GLU A 1 3  ? -2.329 -2.875 -6.209 1.00 0.00 ? 7  GLU A CG   3  
ATOM   363  C CD   . GLU A 1 3  ? -2.524 -3.700 -7.467 1.00 0.00 ? 7  GLU A CD   3  
ATOM   364  O OE1  . GLU A 1 3  ? -3.674 -4.102 -7.740 1.00 0.00 ? 7  GLU A OE1  3  
ATOM   365  O OE2  . GLU A 1 3  ? -1.527 -3.942 -8.178 1.00 0.00 ? 7  GLU A OE2  3  
ATOM   366  H H    . GLU A 1 3  ? -2.546 -2.426 -2.293 1.00 0.00 ? 7  GLU A H    3  
ATOM   367  H HA   . GLU A 1 3  ? -4.083 -3.750 -4.361 1.00 0.00 ? 7  GLU A HA   3  
ATOM   368  H HB2  . GLU A 1 3  ? -1.084 -3.397 -4.567 1.00 0.00 ? 7  GLU A HB2  3  
ATOM   369  H HB3  . GLU A 1 3  ? -1.911 -4.755 -5.323 1.00 0.00 ? 7  GLU A HB3  3  
ATOM   370  H HG2  . GLU A 1 3  ? -3.236 -2.325 -6.017 1.00 0.00 ? 7  GLU A HG2  3  
ATOM   371  H HG3  . GLU A 1 3  ? -1.512 -2.184 -6.371 1.00 0.00 ? 7  GLU A HG3  3  
ATOM   372  N N    . LEU A 1 4  ? -1.969 -4.685 -2.020 1.00 0.00 ? 8  LEU A N    3  
ATOM   373  C CA   . LEU A 1 4  ? -1.646 -5.666 -0.982 1.00 0.00 ? 8  LEU A CA   3  
ATOM   374  C C    . LEU A 1 4  ? -1.430 -4.951 0.356  1.00 0.00 ? 8  LEU A C    3  
ATOM   375  O O    . LEU A 1 4  ? -1.794 -5.468 1.416  1.00 0.00 ? 8  LEU A O    3  
ATOM   376  C CB   . LEU A 1 4  ? -0.389 -6.463 -1.363 1.00 0.00 ? 8  LEU A CB   3  
ATOM   377  C CG   . LEU A 1 4  ? -0.556 -7.442 -2.533 1.00 0.00 ? 8  LEU A CG   3  
ATOM   378  C CD1  . LEU A 1 4  ? 0.764  -7.620 -3.268 1.00 0.00 ? 8  LEU A CD1  3  
ATOM   379  C CD2  . LEU A 1 4  ? -1.071 -8.790 -2.042 1.00 0.00 ? 8  LEU A CD2  3  
ATOM   380  H H    . LEU A 1 4  ? -1.449 -3.856 -2.051 1.00 0.00 ? 8  LEU A H    3  
ATOM   381  H HA   . LEU A 1 4  ? -2.484 -6.343 -0.889 1.00 0.00 ? 8  LEU A HA   3  
ATOM   382  H HB2  . LEU A 1 4  ? 0.390  -5.756 -1.624 1.00 0.00 ? 8  LEU A HB2  3  
ATOM   383  H HB3  . LEU A 1 4  ? -0.068 -7.024 -0.496 1.00 0.00 ? 8  LEU A HB3  3  
ATOM   384  H HG   . LEU A 1 4  ? -1.276 -7.041 -3.232 1.00 0.00 ? 8  LEU A HG   3  
ATOM   385  H HD11 . LEU A 1 4  ? 1.511  -7.992 -2.581 1.00 0.00 ? 8  LEU A HD11 3  
ATOM   386  H HD12 . LEU A 1 4  ? 1.084  -6.670 -3.668 1.00 0.00 ? 8  LEU A HD12 3  
ATOM   387  H HD13 . LEU A 1 4  ? 0.634  -8.325 -4.075 1.00 0.00 ? 8  LEU A HD13 3  
ATOM   388  H HD21 . LEU A 1 4  ? -0.372 -9.206 -1.331 1.00 0.00 ? 8  LEU A HD21 3  
ATOM   389  H HD22 . LEU A 1 4  ? -1.175 -9.463 -2.880 1.00 0.00 ? 8  LEU A HD22 3  
ATOM   390  H HD23 . LEU A 1 4  ? -2.032 -8.657 -1.566 1.00 0.00 ? 8  LEU A HD23 3  
ATOM   391  N N    . CYS A 1 5  ? -0.830 -3.756 0.276  1.00 0.00 ? 9  CYS A N    3  
ATOM   392  C CA   . CYS A 1 5  ? -0.546 -2.916 1.438  1.00 0.00 ? 9  CYS A CA   3  
ATOM   393  C C    . CYS A 1 5  ? -1.557 -1.776 1.538  1.00 0.00 ? 9  CYS A C    3  
ATOM   394  O O    . CYS A 1 5  ? -2.154 -1.380 0.531  1.00 0.00 ? 9  CYS A O    3  
ATOM   395  C CB   . CYS A 1 5  ? 0.868  -2.337 1.323  1.00 0.00 ? 9  CYS A CB   3  
ATOM   396  S SG   . CYS A 1 5  ? 1.282  -1.701 -0.335 1.00 0.00 ? 9  CYS A SG   3  
ATOM   397  H H    . CYS A 1 5  ? -0.559 -3.429 -0.605 1.00 0.00 ? 9  CYS A H    3  
ATOM   398  H HA   . CYS A 1 5  ? -0.611 -3.529 2.323  1.00 0.00 ? 9  CYS A HA   3  
ATOM   399  H HB2  . CYS A 1 5  ? 0.967  -1.514 2.015  1.00 0.00 ? 9  CYS A HB2  3  
ATOM   400  H HB3  . CYS A 1 5  ? 1.587  -3.106 1.572  1.00 0.00 ? 9  CYS A HB3  3  
ATOM   401  N N    . CYS A 1 6  ? -1.741 -1.252 2.754  1.00 0.00 ? 10 CYS A N    3  
ATOM   402  C CA   . CYS A 1 6  ? -2.673 -0.149 2.987  1.00 0.00 ? 10 CYS A CA   3  
ATOM   403  C C    . CYS A 1 6  ? -1.938 1.080  3.538  1.00 0.00 ? 10 CYS A C    3  
ATOM   404  O O    . CYS A 1 6  ? -2.155 1.503  4.681  1.00 0.00 ? 10 CYS A O    3  
ATOM   405  C CB   . CYS A 1 6  ? -3.805 -0.593 3.928  1.00 0.00 ? 10 CYS A CB   3  
ATOM   406  S SG   . CYS A 1 6  ? -5.037 0.707  4.278  1.00 0.00 ? 10 CYS A SG   3  
ATOM   407  H H    . CYS A 1 6  ? -1.238 -1.617 3.512  1.00 0.00 ? 10 CYS A H    3  
ATOM   408  H HA   . CYS A 1 6  ? -3.102 0.113  2.031  1.00 0.00 ? 10 CYS A HA   3  
ATOM   409  H HB2  . CYS A 1 6  ? -4.326 -1.427 3.483  1.00 0.00 ? 10 CYS A HB2  3  
ATOM   410  H HB3  . CYS A 1 6  ? -3.377 -0.903 4.870  1.00 0.00 ? 10 CYS A HB3  3  
ATOM   411  N N    . ASN A 1 7  ? -1.051 1.639  2.708  1.00 0.00 ? 11 ASN A N    3  
ATOM   412  C CA   . ASN A 1 7  ? -0.277 2.825  3.075  1.00 0.00 ? 11 ASN A CA   3  
ATOM   413  C C    . ASN A 1 7  ? -0.723 4.039  2.241  1.00 0.00 ? 11 ASN A C    3  
ATOM   414  O O    . ASN A 1 7  ? -1.180 3.864  1.108  1.00 0.00 ? 11 ASN A O    3  
ATOM   415  C CB   . ASN A 1 7  ? 1.222  2.573  2.877  1.00 0.00 ? 11 ASN A CB   3  
ATOM   416  C CG   . ASN A 1 7  ? 1.799  1.640  3.926  1.00 0.00 ? 11 ASN A CG   3  
ATOM   417  O OD1  . ASN A 1 7  ? 2.196  2.073  5.007  1.00 0.00 ? 11 ASN A OD1  3  
ATOM   418  N ND2  . ASN A 1 7  ? 1.854  0.351  3.606  1.00 0.00 ? 11 ASN A ND2  3  
ATOM   419  H H    . ASN A 1 7  ? -0.911 1.238  1.825  1.00 0.00 ? 11 ASN A H    3  
ATOM   420  H HA   . ASN A 1 7  ? -0.465 3.030  4.117  1.00 0.00 ? 11 ASN A HA   3  
ATOM   421  H HB2  . ASN A 1 7  ? 1.380  2.128  1.906  1.00 0.00 ? 11 ASN A HB2  3  
ATOM   422  H HB3  . ASN A 1 7  ? 1.749  3.515  2.931  1.00 0.00 ? 11 ASN A HB3  3  
ATOM   423  H HD21 . ASN A 1 7  ? 1.524  0.077  2.720  1.00 0.00 ? 11 ASN A HD21 3  
ATOM   424  H HD22 . ASN A 1 7  ? 2.225  -0.274 4.270  1.00 0.00 ? 11 ASN A HD22 3  
ATOM   425  N N    . PRO A 1 8  ? -0.599 5.295  2.783  1.00 0.00 ? 12 PRO A N    3  
ATOM   426  C CA   . PRO A 1 8  ? -1.005 6.514  2.054  1.00 0.00 ? 12 PRO A CA   3  
ATOM   427  C C    . PRO A 1 8  ? -0.271 6.701  0.718  1.00 0.00 ? 12 PRO A C    3  
ATOM   428  O O    . PRO A 1 8  ? -0.849 7.219  -0.243 1.00 0.00 ? 12 PRO A O    3  
ATOM   429  C CB   . PRO A 1 8  ? -0.664 7.679  2.994  1.00 0.00 ? 12 PRO A CB   3  
ATOM   430  C CG   . PRO A 1 8  ? -0.104 7.103  4.254  1.00 0.00 ? 12 PRO A CG   3  
ATOM   431  C CD   . PRO A 1 8  ? -0.077 5.601  4.134  1.00 0.00 ? 12 PRO A CD   3  
ATOM   432  H HA   . PRO A 1 8  ? -2.070 6.509  1.866  1.00 0.00 ? 12 PRO A HA   3  
ATOM   433  H HB2  . PRO A 1 8  ? 0.061  8.319  2.503  1.00 0.00 ? 12 PRO A HB2  3  
ATOM   434  H HB3  . PRO A 1 8  ? -1.561 8.245  3.203  1.00 0.00 ? 12 PRO A HB3  3  
ATOM   435  H HG2  . PRO A 1 8  ? 0.902  7.478  4.404  1.00 0.00 ? 12 PRO A HG2  3  
ATOM   436  H HG3  . PRO A 1 8  ? -0.730 7.389  5.090  1.00 0.00 ? 12 PRO A HG3  3  
ATOM   437  H HD2  . PRO A 1 8  ? 0.935  5.239  4.232  1.00 0.00 ? 12 PRO A HD2  3  
ATOM   438  H HD3  . PRO A 1 8  ? -0.708 5.159  4.893  1.00 0.00 ? 12 PRO A HD3  3  
ATOM   439  N N    . ALA A 1 9  ? 0.995  6.275  0.674  1.00 0.00 ? 13 ALA A N    3  
ATOM   440  C CA   . ALA A 1 9  ? 1.817  6.388  -0.534 1.00 0.00 ? 13 ALA A CA   3  
ATOM   441  C C    . ALA A 1 9  ? 2.161  5.008  -1.115 1.00 0.00 ? 13 ALA A C    3  
ATOM   442  O O    . ALA A 1 9  ? 2.966  4.898  -2.048 1.00 0.00 ? 13 ALA A O    3  
ATOM   443  C CB   . ALA A 1 9  ? 3.086  7.173  -0.221 1.00 0.00 ? 13 ALA A CB   3  
ATOM   444  H H    . ALA A 1 9  ? 1.388  5.874  1.477  1.00 0.00 ? 13 ALA A H    3  
ATOM   445  H HA   . ALA A 1 9  ? 1.252  6.944  -1.268 1.00 0.00 ? 13 ALA A HA   3  
ATOM   446  H HB1  . ALA A 1 9  ? 3.679  6.627  0.497  1.00 0.00 ? 13 ALA A HB1  3  
ATOM   447  H HB2  . ALA A 1 9  ? 2.822  8.137  0.188  1.00 0.00 ? 13 ALA A HB2  3  
ATOM   448  H HB3  . ALA A 1 9  ? 3.657  7.311  -1.128 1.00 0.00 ? 13 ALA A HB3  3  
ATOM   449  N N    . CYS A 1 10 ? 1.521  3.949  -0.567 1.00 0.00 ? 14 CYS A N    3  
ATOM   450  C CA   . CYS A 1 10 ? 1.732  2.547  -0.993 1.00 0.00 ? 14 CYS A CA   3  
ATOM   451  C C    . CYS A 1 10 ? 3.201  2.122  -0.833 1.00 0.00 ? 14 CYS A C    3  
ATOM   452  O O    . CYS A 1 10 ? 4.042  2.393  -1.701 1.00 0.00 ? 14 CYS A O    3  
ATOM   453  C CB   . CYS A 1 10 ? 1.250  2.314  -2.440 1.00 0.00 ? 14 CYS A CB   3  
ATOM   454  S SG   . CYS A 1 10 ? -0.462 2.856  -2.748 1.00 0.00 ? 14 CYS A SG   3  
ATOM   455  H H    . CYS A 1 10 ? 0.881  4.122  0.154  1.00 0.00 ? 14 CYS A H    3  
ATOM   456  H HA   . CYS A 1 10 ? 1.137  1.927  -0.337 1.00 0.00 ? 14 CYS A HA   3  
ATOM   457  H HB2  . CYS A 1 10 ? 1.894  2.860  -3.118 1.00 0.00 ? 14 CYS A HB2  3  
ATOM   458  H HB3  . CYS A 1 10 ? 1.309  1.256  -2.664 1.00 0.00 ? 14 CYS A HB3  3  
ATOM   459  N N    . ALA A 1 11 ? 3.495  1.476  0.301  1.00 0.00 ? 15 ALA A N    3  
ATOM   460  C CA   . ALA A 1 11 ? 4.848  1.008  0.607  1.00 0.00 ? 15 ALA A CA   3  
ATOM   461  C C    . ALA A 1 11 ? 4.840  -0.461 1.012  1.00 0.00 ? 15 ALA A C    3  
ATOM   462  O O    . ALA A 1 11 ? 3.977  -0.896 1.779  1.00 0.00 ? 15 ALA A O    3  
ATOM   463  C CB   . ALA A 1 11 ? 5.464  1.858  1.710  1.00 0.00 ? 15 ALA A CB   3  
ATOM   464  H H    . ALA A 1 11 ? 2.780  1.310  0.949  1.00 0.00 ? 15 ALA A H    3  
ATOM   465  H HA   . ALA A 1 11 ? 5.449  1.123  -0.283 1.00 0.00 ? 15 ALA A HA   3  
ATOM   466  H HB1  . ALA A 1 11 ? 5.461  2.895  1.409  1.00 0.00 ? 15 ALA A HB1  3  
ATOM   467  H HB2  . ALA A 1 11 ? 6.479  1.537  1.886  1.00 0.00 ? 15 ALA A HB2  3  
ATOM   468  H HB3  . ALA A 1 11 ? 4.888  1.745  2.616  1.00 0.00 ? 15 ALA A HB3  3  
HETATM 469  N N    . DLY A 1 12 ? 5.813  -1.213 0.488  1.00 0.00 ? 16 DLY A N    3  
HETATM 470  C CA   . DLY A 1 12 ? 5.941  -2.646 0.780  1.00 0.00 ? 16 DLY A CA   3  
HETATM 471  C C    . DLY A 1 12 ? 5.217  -3.501 -0.268 1.00 0.00 ? 16 DLY A C    3  
HETATM 472  O O    . DLY A 1 12 ? 5.019  -4.704 -0.064 1.00 0.00 ? 16 DLY A O    3  
HETATM 473  C CB   . DLY A 1 12 ? 7.420  -3.048 0.846  1.00 0.00 ? 16 DLY A CB   3  
HETATM 474  C CG   . DLY A 1 12 ? 8.137  -2.555 2.093  1.00 0.00 ? 16 DLY A CG   3  
HETATM 475  C CD   . DLY A 1 12 ? 9.599  -2.973 2.096  1.00 0.00 ? 16 DLY A CD   3  
HETATM 476  C CE   . DLY A 1 12 ? 10.319 -2.475 3.339  1.00 0.00 ? 16 DLY A CE   3  
HETATM 477  N NZ   . DLY A 1 12 ? 11.753 -2.876 3.346  1.00 0.00 ? 16 DLY A NZ   3  
HETATM 478  H H    . DLY A 1 12 ? 6.463  -0.794 -0.112 1.00 0.00 ? 16 DLY A H    3  
HETATM 479  H HA   . DLY A 1 12 ? 5.487  -2.826 1.744  1.00 0.00 ? 16 DLY A HA   3  
HETATM 480  H HB2  . DLY A 1 12 ? 7.928  -2.644 -0.019 1.00 0.00 ? 16 DLY A HB2  3  
HETATM 481  H HB3  . DLY A 1 12 ? 7.487  -4.128 0.822  1.00 0.00 ? 16 DLY A HB3  3  
HETATM 482  H HG2  . DLY A 1 12 ? 7.651  -2.972 2.966  1.00 0.00 ? 16 DLY A HG2  3  
HETATM 483  H HG3  . DLY A 1 12 ? 8.082  -1.476 2.126  1.00 0.00 ? 16 DLY A HG3  3  
HETATM 484  H HD2  . DLY A 1 12 ? 10.082 -2.563 1.221  1.00 0.00 ? 16 DLY A HD2  3  
HETATM 485  H HD3  . DLY A 1 12 ? 9.655  -4.051 2.068  1.00 0.00 ? 16 DLY A HD3  3  
HETATM 486  H HE2  . DLY A 1 12 ? 9.834  -2.888 4.210  1.00 0.00 ? 16 DLY A HE2  3  
HETATM 487  H HE3  . DLY A 1 12 ? 10.256 -1.397 3.368  1.00 0.00 ? 16 DLY A HE3  3  
HETATM 488  H HZ1  . DLY A 1 12 ? 12.239 -2.483 2.516  1.00 0.00 ? 16 DLY A HZ1  3  
HETATM 489  H HZ2  . DLY A 1 12 ? 11.835 -3.912 3.324  1.00 0.00 ? 16 DLY A HZ2  3  
HETATM 490  H HZ3  . DLY A 1 12 ? 12.218 -2.522 4.207  1.00 0.00 ? 16 DLY A HZ3  3  
ATOM   491  N N    . CYS A 1 13 ? 4.826  -2.869 -1.381 1.00 0.00 ? 17 CYS A N    3  
ATOM   492  C CA   . CYS A 1 13 ? 4.127  -3.549 -2.464 1.00 0.00 ? 17 CYS A CA   3  
ATOM   493  C C    . CYS A 1 13 ? 4.951  -3.523 -3.751 1.00 0.00 ? 17 CYS A C    3  
ATOM   494  O O    . CYS A 1 13 ? 5.290  -4.614 -4.257 1.00 0.00 ? 17 CYS A O    3  
ATOM   495  C CB   . CYS A 1 13 ? 2.763  -2.899 -2.689 1.00 0.00 ? 17 CYS A CB   3  
ATOM   496  S SG   . CYS A 1 13 ? 1.510  -3.375 -1.461 1.00 0.00 ? 17 CYS A SG   3  
ATOM   497  O OXT  . CYS A 1 13 ? 5.263  -2.413 -4.238 1.00 0.00 ? 17 CYS A OXT  3  
ATOM   498  H H    . CYS A 1 13 ? 5.008  -1.911 -1.470 1.00 0.00 ? 17 CYS A H    3  
ATOM   499  H HA   . CYS A 1 13 ? 3.979  -4.578 -2.168 1.00 0.00 ? 17 CYS A HA   3  
ATOM   500  H HB2  . CYS A 1 13 ? 2.873  -1.823 -2.638 1.00 0.00 ? 17 CYS A HB2  3  
ATOM   501  H HB3  . CYS A 1 13 ? 2.395  -3.177 -3.665 1.00 0.00 ? 17 CYS A HB3  3  
HETATM 502  N N    . DCY A 1 1  ? -7.230 -0.953 0.372  1.00 0.00 ? 5  DCY A N    4  
HETATM 503  C CA   . DCY A 1 1  ? -5.847 -0.415 0.438  1.00 0.00 ? 5  DCY A CA   4  
HETATM 504  C C    . DCY A 1 1  ? -5.363 0.012  -0.944 1.00 0.00 ? 5  DCY A C    4  
HETATM 505  O O    . DCY A 1 1  ? -6.085 0.688  -1.681 1.00 0.00 ? 5  DCY A O    4  
HETATM 506  C CB   . DCY A 1 1  ? -5.790 0.770  1.405  1.00 0.00 ? 5  DCY A CB   4  
HETATM 507  S SG   . DCY A 1 1  ? -6.167 0.335  3.137  1.00 0.00 ? 5  DCY A SG   4  
HETATM 508  H H1   . DCY A 1 1  ? -7.547 -1.240 1.320  1.00 0.00 ? 5  DCY A H1   4  
HETATM 509  H H2   . DCY A 1 1  ? -7.263 -1.779 -0.258 1.00 0.00 ? 5  DCY A H2   4  
HETATM 510  H H3   . DCY A 1 1  ? -7.880 -0.227 0.007  1.00 0.00 ? 5  DCY A H3   4  
HETATM 511  H HA   . DCY A 1 1  ? -5.199 -1.198 0.804  1.00 0.00 ? 5  DCY A HA   4  
HETATM 512  H HB2  . DCY A 1 1  ? -6.507 1.517  1.089  1.00 0.00 ? 5  DCY A HB2  4  
HETATM 513  H HB3  . DCY A 1 1  ? -4.797 1.196  1.383  1.00 0.00 ? 5  DCY A HB3  4  
ATOM   514  N N    . CYS A 1 2  ? -4.133 -0.392 -1.279 1.00 0.00 ? 6  CYS A N    4  
ATOM   515  C CA   . CYS A 1 2  ? -3.526 -0.075 -2.573 1.00 0.00 ? 6  CYS A CA   4  
ATOM   516  C C    . CYS A 1 2  ? -3.681 -1.265 -3.527 1.00 0.00 ? 6  CYS A C    4  
ATOM   517  O O    . CYS A 1 2  ? -4.331 -1.157 -4.571 1.00 0.00 ? 6  CYS A O    4  
ATOM   518  C CB   . CYS A 1 2  ? -2.043 0.284  -2.383 1.00 0.00 ? 6  CYS A CB   4  
ATOM   519  S SG   . CYS A 1 2  ? -1.336 1.291  -3.728 1.00 0.00 ? 6  CYS A SG   4  
ATOM   520  H H    . CYS A 1 2  ? -3.618 -0.920 -0.633 1.00 0.00 ? 6  CYS A H    4  
ATOM   521  H HA   . CYS A 1 2  ? -4.048 0.776  -2.986 1.00 0.00 ? 6  CYS A HA   4  
ATOM   522  H HB2  . CYS A 1 2  ? -1.926 0.839  -1.461 1.00 0.00 ? 6  CYS A HB2  4  
ATOM   523  H HB3  . CYS A 1 2  ? -1.467 -0.631 -2.321 1.00 0.00 ? 6  CYS A HB3  4  
ATOM   524  N N    . GLU A 1 3  ? -3.072 -2.398 -3.144 1.00 0.00 ? 7  GLU A N    4  
ATOM   525  C CA   . GLU A 1 3  ? -3.119 -3.656 -3.904 1.00 0.00 ? 7  GLU A CA   4  
ATOM   526  C C    . GLU A 1 3  ? -2.915 -4.827 -2.944 1.00 0.00 ? 7  GLU A C    4  
ATOM   527  O O    . GLU A 1 3  ? -3.605 -5.848 -3.025 1.00 0.00 ? 7  GLU A O    4  
ATOM   528  C CB   . GLU A 1 3  ? -2.044 -3.692 -5.009 1.00 0.00 ? 7  GLU A CB   4  
ATOM   529  C CG   . GLU A 1 3  ? -2.377 -2.851 -6.227 1.00 0.00 ? 7  GLU A CG   4  
ATOM   530  C CD   . GLU A 1 3  ? -3.246 -3.586 -7.231 1.00 0.00 ? 7  GLU A CD   4  
ATOM   531  O OE1  . GLU A 1 3  ? -2.684 -4.247 -8.130 1.00 0.00 ? 7  GLU A OE1  4  
ATOM   532  O OE2  . GLU A 1 3  ? -4.487 -3.501 -7.118 1.00 0.00 ? 7  GLU A OE2  4  
ATOM   533  H H    . GLU A 1 3  ? -2.565 -2.387 -2.306 1.00 0.00 ? 7  GLU A H    4  
ATOM   534  H HA   . GLU A 1 3  ? -4.098 -3.738 -4.355 1.00 0.00 ? 7  GLU A HA   4  
ATOM   535  H HB2  . GLU A 1 3  ? -1.108 -3.337 -4.598 1.00 0.00 ? 7  GLU A HB2  4  
ATOM   536  H HB3  . GLU A 1 3  ? -1.922 -4.708 -5.336 1.00 0.00 ? 7  GLU A HB3  4  
ATOM   537  H HG2  . GLU A 1 3  ? -2.906 -1.980 -5.893 1.00 0.00 ? 7  GLU A HG2  4  
ATOM   538  H HG3  . GLU A 1 3  ? -1.456 -2.555 -6.714 1.00 0.00 ? 7  GLU A HG3  4  
ATOM   539  N N    . LEU A 1 4  ? -1.947 -4.647 -2.036 1.00 0.00 ? 8  LEU A N    4  
ATOM   540  C CA   . LEU A 1 4  ? -1.603 -5.632 -1.007 1.00 0.00 ? 8  LEU A CA   4  
ATOM   541  C C    . LEU A 1 4  ? -1.343 -4.926 0.327  1.00 0.00 ? 8  LEU A C    4  
ATOM   542  O O    . LEU A 1 4  ? -1.683 -5.445 1.394  1.00 0.00 ? 8  LEU A O    4  
ATOM   543  C CB   . LEU A 1 4  ? -0.362 -6.438 -1.424 1.00 0.00 ? 8  LEU A CB   4  
ATOM   544  C CG   . LEU A 1 4  ? -0.563 -7.404 -2.600 1.00 0.00 ? 8  LEU A CG   4  
ATOM   545  C CD1  . LEU A 1 4  ? 0.738  -7.586 -3.365 1.00 0.00 ? 8  LEU A CD1  4  
ATOM   546  C CD2  . LEU A 1 4  ? -1.081 -8.752 -2.111 1.00 0.00 ? 8  LEU A CD2  4  
ATOM   547  H H    . LEU A 1 4  ? -1.440 -3.811 -2.065 1.00 0.00 ? 8  LEU A H    4  
ATOM   548  H HA   . LEU A 1 4  ? -2.441 -6.304 -0.892 1.00 0.00 ? 8  LEU A HA   4  
ATOM   549  H HB2  . LEU A 1 4  ? 0.419  -5.738 -1.694 1.00 0.00 ? 8  LEU A HB2  4  
ATOM   550  H HB3  . LEU A 1 4  ? -0.027 -7.013 -0.570 1.00 0.00 ? 8  LEU A HB3  4  
ATOM   551  H HG   . LEU A 1 4  ? -1.294 -6.988 -3.278 1.00 0.00 ? 8  LEU A HG   4  
ATOM   552  H HD11 . LEU A 1 4  ? 1.496  -7.973 -2.699 1.00 0.00 ? 8  LEU A HD11 4  
ATOM   553  H HD12 . LEU A 1 4  ? 1.060  -6.635 -3.762 1.00 0.00 ? 8  LEU A HD12 4  
ATOM   554  H HD13 . LEU A 1 4  ? 0.584  -8.281 -4.176 1.00 0.00 ? 8  LEU A HD13 4  
ATOM   555  H HD21 . LEU A 1 4  ? -2.028 -8.614 -1.610 1.00 0.00 ? 8  LEU A HD21 4  
ATOM   556  H HD22 . LEU A 1 4  ? -0.369 -9.183 -1.423 1.00 0.00 ? 8  LEU A HD22 4  
ATOM   557  H HD23 . LEU A 1 4  ? -1.213 -9.414 -2.955 1.00 0.00 ? 8  LEU A HD23 4  
ATOM   558  N N    . CYS A 1 5  ? -0.735 -3.735 0.240  1.00 0.00 ? 9  CYS A N    4  
ATOM   559  C CA   . CYS A 1 5  ? -0.413 -2.909 1.401  1.00 0.00 ? 9  CYS A CA   4  
ATOM   560  C C    . CYS A 1 5  ? -1.459 -1.814 1.600  1.00 0.00 ? 9  CYS A C    4  
ATOM   561  O O    . CYS A 1 5  ? -2.140 -1.419 0.649  1.00 0.00 ? 9  CYS A O    4  
ATOM   562  C CB   . CYS A 1 5  ? 0.971  -2.273 1.221  1.00 0.00 ? 9  CYS A CB   4  
ATOM   563  S SG   . CYS A 1 5  ? 1.301  -1.653 -0.463 1.00 0.00 ? 9  CYS A SG   4  
ATOM   564  H H    . CYS A 1 5  ? -0.488 -3.402 -0.646 1.00 0.00 ? 9  CYS A H    4  
ATOM   565  H HA   . CYS A 1 5  ? -0.398 -3.547 2.273  1.00 0.00 ? 9  CYS A HA   4  
ATOM   566  H HB2  . CYS A 1 5  ? 1.059  -1.432 1.895  1.00 0.00 ? 9  CYS A HB2  4  
ATOM   567  H HB3  . CYS A 1 5  ? 1.731  -3.004 1.460  1.00 0.00 ? 9  CYS A HB3  4  
ATOM   568  N N    . CYS A 1 6  ? -1.576 -1.329 2.841  1.00 0.00 ? 10 CYS A N    4  
ATOM   569  C CA   . CYS A 1 6  ? -2.530 -0.273 3.175  1.00 0.00 ? 10 CYS A CA   4  
ATOM   570  C C    . CYS A 1 6  ? -1.807 0.982  3.682  1.00 0.00 ? 10 CYS A C    4  
ATOM   571  O O    . CYS A 1 6  ? -1.936 1.373  4.850  1.00 0.00 ? 10 CYS A O    4  
ATOM   572  C CB   . CYS A 1 6  ? -3.552 -0.779 4.201  1.00 0.00 ? 10 CYS A CB   4  
ATOM   573  S SG   . CYS A 1 6  ? -5.111 -1.369 3.466  1.00 0.00 ? 10 CYS A SG   4  
ATOM   574  H H    . CYS A 1 6  ? -1.005 -1.693 3.550  1.00 0.00 ? 10 CYS A H    4  
ATOM   575  H HA   . CYS A 1 6  ? -3.053 -0.017 2.265  1.00 0.00 ? 10 CYS A HA   4  
ATOM   576  H HB2  . CYS A 1 6  ? -3.120 -1.598 4.756  1.00 0.00 ? 10 CYS A HB2  4  
ATOM   577  H HB3  . CYS A 1 6  ? -3.793 0.024  4.883  1.00 0.00 ? 10 CYS A HB3  4  
ATOM   578  N N    . ASN A 1 7  ? -1.033 1.598  2.784  1.00 0.00 ? 11 ASN A N    4  
ATOM   579  C CA   . ASN A 1 7  ? -0.287 2.816  3.099  1.00 0.00 ? 11 ASN A CA   4  
ATOM   580  C C    . ASN A 1 7  ? -0.771 3.986  2.227  1.00 0.00 ? 11 ASN A C    4  
ATOM   581  O O    . ASN A 1 7  ? -1.247 3.756  1.109  1.00 0.00 ? 11 ASN A O    4  
ATOM   582  C CB   . ASN A 1 7  ? 1.216  2.591  2.895  1.00 0.00 ? 11 ASN A CB   4  
ATOM   583  C CG   . ASN A 1 7  ? 1.825  1.715  3.973  1.00 0.00 ? 11 ASN A CG   4  
ATOM   584  O OD1  . ASN A 1 7  ? 2.237  2.201  5.026  1.00 0.00 ? 11 ASN A OD1  4  
ATOM   585  N ND2  . ASN A 1 7  ? 1.893  0.414  3.711  1.00 0.00 ? 11 ASN A ND2  4  
ATOM   586  H H    . ASN A 1 7  ? -0.955 1.218  1.884  1.00 0.00 ? 11 ASN A H    4  
ATOM   587  H HA   . ASN A 1 7  ? -0.470 3.053  4.135  1.00 0.00 ? 11 ASN A HA   4  
ATOM   588  H HB2  . ASN A 1 7  ? 1.374  2.112  1.939  1.00 0.00 ? 11 ASN A HB2  4  
ATOM   589  H HB3  . ASN A 1 7  ? 1.722  3.547  2.904  1.00 0.00 ? 11 ASN A HB3  4  
ATOM   590  H HD21 . ASN A 1 7  ? 1.549  0.096  2.845  1.00 0.00 ? 11 ASN A HD21 4  
ATOM   591  H HD22 . ASN A 1 7  ? 2.284  -0.177 4.395  1.00 0.00 ? 11 ASN A HD22 4  
ATOM   592  N N    . PRO A 1 8  ? -0.659 5.265  2.712  1.00 0.00 ? 12 PRO A N    4  
ATOM   593  C CA   . PRO A 1 8  ? -1.101 6.444  1.940  1.00 0.00 ? 12 PRO A CA   4  
ATOM   594  C C    . PRO A 1 8  ? -0.350 6.615  0.612  1.00 0.00 ? 12 PRO A C    4  
ATOM   595  O O    . PRO A 1 8  ? -0.934 7.058  -0.382 1.00 0.00 ? 12 PRO A O    4  
ATOM   596  C CB   . PRO A 1 8  ? -0.825 7.650  2.848  1.00 0.00 ? 12 PRO A CB   4  
ATOM   597  C CG   . PRO A 1 8  ? -0.208 7.140  4.111  1.00 0.00 ? 12 PRO A CG   4  
ATOM   598  C CD   . PRO A 1 8  ? -0.110 5.638  4.034  1.00 0.00 ? 12 PRO A CD   4  
ATOM   599  H HA   . PRO A 1 8  ? -2.160 6.389  1.732  1.00 0.00 ? 12 PRO A HA   4  
ATOM   600  H HB2  . PRO A 1 8  ? -0.153 8.325  2.332  1.00 0.00 ? 12 PRO A HB2  4  
ATOM   601  H HB3  . PRO A 1 8  ? -1.755 8.158  3.060  1.00 0.00 ? 12 PRO A HB3  4  
ATOM   602  H HG2  . PRO A 1 8  ? 0.782  7.568  4.224  1.00 0.00 ? 12 PRO A HG2  4  
ATOM   603  H HG3  . PRO A 1 8  ? -0.827 7.421  4.953  1.00 0.00 ? 12 PRO A HG3  4  
ATOM   604  H HD2  . PRO A 1 8  ? 0.921  5.328  4.109  1.00 0.00 ? 12 PRO A HD2  4  
ATOM   605  H HD3  . PRO A 1 8  ? -0.694 5.189  4.828  1.00 0.00 ? 12 PRO A HD3  4  
ATOM   606  N N    . ALA A 1 9  ? 0.939  6.260  0.612  1.00 0.00 ? 13 ALA A N    4  
ATOM   607  C CA   . ALA A 1 9  ? 1.781  6.362  -0.582 1.00 0.00 ? 13 ALA A CA   4  
ATOM   608  C C    . ALA A 1 9  ? 2.125  4.976  -1.148 1.00 0.00 ? 13 ALA A C    4  
ATOM   609  O O    . ALA A 1 9  ? 2.919  4.856  -2.089 1.00 0.00 ? 13 ALA A O    4  
ATOM   610  C CB   . ALA A 1 9  ? 3.049  7.141  -0.255 1.00 0.00 ? 13 ALA A CB   4  
ATOM   611  H H    . ALA A 1 9  ? 1.336  5.919  1.442  1.00 0.00 ? 13 ALA A H    4  
ATOM   612  H HA   . ALA A 1 9  ? 1.231  6.916  -1.329 1.00 0.00 ? 13 ALA A HA   4  
ATOM   613  H HB1  . ALA A 1 9  ? 3.627  6.597  0.477  1.00 0.00 ? 13 ALA A HB1  4  
ATOM   614  H HB2  . ALA A 1 9  ? 2.784  8.109  0.143  1.00 0.00 ? 13 ALA A HB2  4  
ATOM   615  H HB3  . ALA A 1 9  ? 3.635  7.270  -1.153 1.00 0.00 ? 13 ALA A HB3  4  
ATOM   616  N N    . CYS A 1 10 ? 1.499  3.924  -0.573 1.00 0.00 ? 14 CYS A N    4  
ATOM   617  C CA   . CYS A 1 10 ? 1.711  2.514  -0.977 1.00 0.00 ? 14 CYS A CA   4  
ATOM   618  C C    . CYS A 1 10 ? 3.179  2.093  -0.808 1.00 0.00 ? 14 CYS A C    4  
ATOM   619  O O    . CYS A 1 10 ? 4.025  2.365  -1.669 1.00 0.00 ? 14 CYS A O    4  
ATOM   620  C CB   . CYS A 1 10 ? 1.232  2.259  -2.420 1.00 0.00 ? 14 CYS A CB   4  
ATOM   621  S SG   . CYS A 1 10 ? -0.461 2.844  -2.757 1.00 0.00 ? 14 CYS A SG   4  
ATOM   622  H H    . CYS A 1 10 ? 0.867  4.105  0.154  1.00 0.00 ? 14 CYS A H    4  
ATOM   623  H HA   . CYS A 1 10 ? 1.115  1.906  -0.312 1.00 0.00 ? 14 CYS A HA   4  
ATOM   624  H HB2  . CYS A 1 10 ? 1.898  2.765  -3.108 1.00 0.00 ? 14 CYS A HB2  4  
ATOM   625  H HB3  . CYS A 1 10 ? 1.258  1.193  -2.615 1.00 0.00 ? 14 CYS A HB3  4  
ATOM   626  N N    . ALA A 1 11 ? 3.467  1.449  0.328  1.00 0.00 ? 15 ALA A N    4  
ATOM   627  C CA   . ALA A 1 11 ? 4.817  0.983  0.644  1.00 0.00 ? 15 ALA A CA   4  
ATOM   628  C C    . ALA A 1 11 ? 4.811  -0.489 1.038  1.00 0.00 ? 15 ALA A C    4  
ATOM   629  O O    . ALA A 1 11 ? 3.932  -0.936 1.779  1.00 0.00 ? 15 ALA A O    4  
ATOM   630  C CB   . ALA A 1 11 ? 5.419  1.826  1.760  1.00 0.00 ? 15 ALA A CB   4  
ATOM   631  H H    . ALA A 1 11 ? 2.746  1.283  0.972  1.00 0.00 ? 15 ALA A H    4  
ATOM   632  H HA   . ALA A 1 11 ? 5.427  1.108  -0.239 1.00 0.00 ? 15 ALA A HA   4  
ATOM   633  H HB1  . ALA A 1 11 ? 4.833  1.705  2.659  1.00 0.00 ? 15 ALA A HB1  4  
ATOM   634  H HB2  . ALA A 1 11 ? 5.417  2.865  1.467  1.00 0.00 ? 15 ALA A HB2  4  
ATOM   635  H HB3  . ALA A 1 11 ? 6.433  1.505  1.945  1.00 0.00 ? 15 ALA A HB3  4  
HETATM 636  N N    . DLY A 1 12 ? 5.801  -1.230 0.530  1.00 0.00 ? 16 DLY A N    4  
HETATM 637  C CA   . DLY A 1 12 ? 5.932  -2.665 0.813  1.00 0.00 ? 16 DLY A CA   4  
HETATM 638  C C    . DLY A 1 12 ? 5.253  -3.516 -0.266 1.00 0.00 ? 16 DLY A C    4  
HETATM 639  O O    . DLY A 1 12 ? 5.088  -4.729 -0.094 1.00 0.00 ? 16 DLY A O    4  
HETATM 640  C CB   . DLY A 1 12 ? 7.412  -3.052 0.930  1.00 0.00 ? 16 DLY A CB   4  
HETATM 641  C CG   . DLY A 1 12 ? 8.079  -2.561 2.207  1.00 0.00 ? 16 DLY A CG   4  
HETATM 642  C CD   . DLY A 1 12 ? 9.546  -2.956 2.256  1.00 0.00 ? 16 DLY A CD   4  
HETATM 643  C CE   . DLY A 1 12 ? 10.216 -2.455 3.525  1.00 0.00 ? 16 DLY A CE   4  
HETATM 644  N NZ   . DLY A 1 12 ? 11.656 -2.830 3.578  1.00 0.00 ? 16 DLY A NZ   4  
HETATM 645  H H    . DLY A 1 12 ? 6.463  -0.801 -0.051 1.00 0.00 ? 16 DLY A H    4  
HETATM 646  H HA   . DLY A 1 12 ? 5.447  -2.857 1.759  1.00 0.00 ? 16 DLY A HA   4  
HETATM 647  H HB2  . DLY A 1 12 ? 7.947  -2.636 0.087  1.00 0.00 ? 16 DLY A HB2  4  
HETATM 648  H HB3  . DLY A 1 12 ? 7.492  -4.131 0.901  1.00 0.00 ? 16 DLY A HB3  4  
HETATM 649  H HG2  . DLY A 1 12 ? 7.569  -2.995 3.058  1.00 0.00 ? 16 DLY A HG2  4  
HETATM 650  H HG3  . DLY A 1 12 ? 8.006  -1.483 2.248  1.00 0.00 ? 16 DLY A HG3  4  
HETATM 651  H HD2  . DLY A 1 12 ? 10.051 -2.533 1.400  1.00 0.00 ? 16 DLY A HD2  4  
HETATM 652  H HD3  . DLY A 1 12 ? 9.620  -4.033 2.224  1.00 0.00 ? 16 DLY A HD3  4  
HETATM 653  H HE2  . DLY A 1 12 ? 9.709  -2.882 4.377  1.00 0.00 ? 16 DLY A HE2  4  
HETATM 654  H HE3  . DLY A 1 12 ? 10.132 -1.379 3.559  1.00 0.00 ? 16 DLY A HE3  4  
HETATM 655  H HZ1  . DLY A 1 12 ? 11.757 -3.864 3.552  1.00 0.00 ? 16 DLY A HZ1  4  
HETATM 656  H HZ2  . DLY A 1 12 ? 12.087 -2.472 4.454  1.00 0.00 ? 16 DLY A HZ2  4  
HETATM 657  H HZ3  . DLY A 1 12 ? 12.162 -2.422 2.766  1.00 0.00 ? 16 DLY A HZ3  4  
ATOM   658  N N    . CYS A 1 13 ? 4.863  -2.870 -1.372 1.00 0.00 ? 17 CYS A N    4  
ATOM   659  C CA   . CYS A 1 13 ? 4.204  -3.547 -2.483 1.00 0.00 ? 17 CYS A CA   4  
ATOM   660  C C    . CYS A 1 13 ? 5.079  -3.522 -3.737 1.00 0.00 ? 17 CYS A C    4  
ATOM   661  O O    . CYS A 1 13 ? 5.433  -4.614 -4.229 1.00 0.00 ? 17 CYS A O    4  
ATOM   662  C CB   . CYS A 1 13 ? 2.851  -2.892 -2.762 1.00 0.00 ? 17 CYS A CB   4  
ATOM   663  S SG   . CYS A 1 13 ? 1.555  -3.340 -1.566 1.00 0.00 ? 17 CYS A SG   4  
ATOM   664  O OXT  . CYS A 1 13 ? 5.412  -2.413 -4.209 1.00 0.00 ? 17 CYS A OXT  4  
ATOM   665  H H    . CYS A 1 13 ? 5.016  -1.905 -1.437 1.00 0.00 ? 17 CYS A H    4  
ATOM   666  H HA   . CYS A 1 13 ? 4.041  -4.575 -2.194 1.00 0.00 ? 17 CYS A HA   4  
ATOM   667  H HB2  . CYS A 1 13 ? 2.967  -1.817 -2.729 1.00 0.00 ? 17 CYS A HB2  4  
ATOM   668  H HB3  . CYS A 1 13 ? 2.513  -3.187 -3.744 1.00 0.00 ? 17 CYS A HB3  4  
HETATM 669  N N    . DCY A 1 1  ? -6.980 -1.359 0.442  1.00 0.00 ? 5  DCY A N    5  
HETATM 670  C CA   . DCY A 1 1  ? -5.745 -0.537 0.530  1.00 0.00 ? 5  DCY A CA   5  
HETATM 671  C C    . DCY A 1 1  ? -5.302 -0.075 -0.856 1.00 0.00 ? 5  DCY A C    5  
HETATM 672  O O    . DCY A 1 1  ? -6.066 0.573  -1.580 1.00 0.00 ? 5  DCY A O    5  
HETATM 673  C CB   . DCY A 1 1  ? -5.986 0.668  1.445  1.00 0.00 ? 5  DCY A CB   5  
HETATM 674  S SG   . DCY A 1 1  ? -6.577 0.220  3.110  1.00 0.00 ? 5  DCY A SG   5  
HETATM 675  H H1   . DCY A 1 1  ? -7.749 -0.804 0.017  1.00 0.00 ? 5  DCY A H1   5  
HETATM 676  H H2   . DCY A 1 1  ? -7.272 -1.668 1.390  1.00 0.00 ? 5  DCY A H2   5  
HETATM 677  H H3   . DCY A 1 1  ? -6.806 -2.200 -0.146 1.00 0.00 ? 5  DCY A H3   5  
HETATM 678  H HA   . DCY A 1 1  ? -4.963 -1.150 0.956  1.00 0.00 ? 5  DCY A HA   5  
HETATM 679  H HB2  . DCY A 1 1  ? -6.730 1.312  0.992  1.00 0.00 ? 5  DCY A HB2  5  
HETATM 680  H HB3  . DCY A 1 1  ? -5.060 1.217  1.560  1.00 0.00 ? 5  DCY A HB3  5  
ATOM   681  N N    . CYS A 1 2  ? -4.062 -0.424 -1.215 1.00 0.00 ? 6  CYS A N    5  
ATOM   682  C CA   . CYS A 1 2  ? -3.488 -0.073 -2.517 1.00 0.00 ? 6  CYS A CA   5  
ATOM   683  C C    . CYS A 1 2  ? -3.658 -1.244 -3.494 1.00 0.00 ? 6  CYS A C    5  
ATOM   684  O O    . CYS A 1 2  ? -4.301 -1.108 -4.539 1.00 0.00 ? 6  CYS A O    5  
ATOM   685  C CB   . CYS A 1 2  ? -2.003 0.289  -2.354 1.00 0.00 ? 6  CYS A CB   5  
ATOM   686  S SG   . CYS A 1 2  ? -1.319 1.288  -3.717 1.00 0.00 ? 6  CYS A SG   5  
ATOM   687  H H    . CYS A 1 2  ? -3.515 -0.936 -0.583 1.00 0.00 ? 6  CYS A H    5  
ATOM   688  H HA   . CYS A 1 2  ? -4.024 0.784  -2.898 1.00 0.00 ? 6  CYS A HA   5  
ATOM   689  H HB2  . CYS A 1 2  ? -1.873 0.851  -1.437 1.00 0.00 ? 6  CYS A HB2  5  
ATOM   690  H HB3  . CYS A 1 2  ? -1.425 -0.624 -2.295 1.00 0.00 ? 6  CYS A HB3  5  
ATOM   691  N N    . GLU A 1 3  ? -3.066 -2.390 -3.126 1.00 0.00 ? 7  GLU A N    5  
ATOM   692  C CA   . GLU A 1 3  ? -3.127 -3.638 -3.905 1.00 0.00 ? 7  GLU A CA   5  
ATOM   693  C C    . GLU A 1 3  ? -2.938 -4.820 -2.954 1.00 0.00 ? 7  GLU A C    5  
ATOM   694  O O    . GLU A 1 3  ? -3.638 -5.832 -3.044 1.00 0.00 ? 7  GLU A O    5  
ATOM   695  C CB   . GLU A 1 3  ? -2.048 -3.673 -5.006 1.00 0.00 ? 7  GLU A CB   5  
ATOM   696  C CG   . GLU A 1 3  ? -2.366 -2.808 -6.211 1.00 0.00 ? 7  GLU A CG   5  
ATOM   697  C CD   . GLU A 1 3  ? -3.239 -3.515 -7.231 1.00 0.00 ? 7  GLU A CD   5  
ATOM   698  O OE1  . GLU A 1 3  ? -4.479 -3.415 -7.122 1.00 0.00 ? 7  GLU A OE1  5  
ATOM   699  O OE2  . GLU A 1 3  ? -2.682 -4.168 -8.139 1.00 0.00 ? 7  GLU A OE2  5  
ATOM   700  H H    . GLU A 1 3  ? -2.562 -2.398 -2.286 1.00 0.00 ? 7  GLU A H    5  
ATOM   701  H HA   . GLU A 1 3  ? -4.106 -3.704 -4.358 1.00 0.00 ? 7  GLU A HA   5  
ATOM   702  H HB2  . GLU A 1 3  ? -1.109 -3.340 -4.587 1.00 0.00 ? 7  GLU A HB2  5  
ATOM   703  H HB3  . GLU A 1 3  ? -1.942 -4.686 -5.349 1.00 0.00 ? 7  GLU A HB3  5  
ATOM   704  H HG2  . GLU A 1 3  ? -2.884 -1.935 -5.867 1.00 0.00 ? 7  GLU A HG2  5  
ATOM   705  H HG3  . GLU A 1 3  ? -1.438 -2.517 -6.690 1.00 0.00 ? 7  GLU A HG3  5  
ATOM   706  N N    . LEU A 1 4  ? -1.970 -4.655 -2.045 1.00 0.00 ? 8  LEU A N    5  
ATOM   707  C CA   . LEU A 1 4  ? -1.637 -5.645 -1.019 1.00 0.00 ? 8  LEU A CA   5  
ATOM   708  C C    . LEU A 1 4  ? -1.413 -4.942 0.323  1.00 0.00 ? 8  LEU A C    5  
ATOM   709  O O    . LEU A 1 4  ? -1.765 -5.470 1.382  1.00 0.00 ? 8  LEU A O    5  
ATOM   710  C CB   . LEU A 1 4  ? -0.378 -6.434 -1.418 1.00 0.00 ? 8  LEU A CB   5  
ATOM   711  C CG   . LEU A 1 4  ? -0.548 -7.396 -2.602 1.00 0.00 ? 8  LEU A CG   5  
ATOM   712  C CD1  . LEU A 1 4  ? 0.770  -7.559 -3.344 1.00 0.00 ? 8  LEU A CD1  5  
ATOM   713  C CD2  . LEU A 1 4  ? -1.059 -8.752 -2.131 1.00 0.00 ? 8  LEU A CD2  5  
ATOM   714  H H    . LEU A 1 4  ? -1.453 -3.825 -2.073 1.00 0.00 ? 8  LEU A H    5  
ATOM   715  H HA   . LEU A 1 4  ? -2.470 -6.326 -0.925 1.00 0.00 ? 8  LEU A HA   5  
ATOM   716  H HB2  . LEU A 1 4  ? 0.399  -5.723 -1.669 1.00 0.00 ? 8  LEU A HB2  5  
ATOM   717  H HB3  . LEU A 1 4  ? -0.054 -7.009 -0.560 1.00 0.00 ? 8  LEU A HB3  5  
ATOM   718  H HG   . LEU A 1 4  ? -1.271 -6.984 -3.292 1.00 0.00 ? 8  LEU A HG   5  
ATOM   719  H HD11 . LEU A 1 4  ? 0.638  -8.250 -4.163 1.00 0.00 ? 8  LEU A HD11 5  
ATOM   720  H HD12 . LEU A 1 4  ? 1.519  -7.940 -2.667 1.00 0.00 ? 8  LEU A HD12 5  
ATOM   721  H HD13 . LEU A 1 4  ? 1.087  -6.601 -3.730 1.00 0.00 ? 8  LEU A HD13 5  
ATOM   722  H HD21 . LEU A 1 4  ? -0.354 -9.180 -1.433 1.00 0.00 ? 8  LEU A HD21 5  
ATOM   723  H HD22 . LEU A 1 4  ? -1.169 -9.410 -2.979 1.00 0.00 ? 8  LEU A HD22 5  
ATOM   724  H HD23 . LEU A 1 4  ? -2.016 -8.627 -1.645 1.00 0.00 ? 8  LEU A HD23 5  
ATOM   725  N N    . CYS A 1 5  ? -0.817 -3.744 0.250  1.00 0.00 ? 9  CYS A N    5  
ATOM   726  C CA   . CYS A 1 5  ? -0.529 -2.913 1.417  1.00 0.00 ? 9  CYS A CA   5  
ATOM   727  C C    . CYS A 1 5  ? -1.543 -1.777 1.532  1.00 0.00 ? 9  CYS A C    5  
ATOM   728  O O    . CYS A 1 5  ? -2.140 -1.369 0.533  1.00 0.00 ? 9  CYS A O    5  
ATOM   729  C CB   . CYS A 1 5  ? 0.883  -2.329 1.301  1.00 0.00 ? 9  CYS A CB   5  
ATOM   730  S SG   . CYS A 1 5  ? 1.299  -1.704 -0.361 1.00 0.00 ? 9  CYS A SG   5  
ATOM   731  H H    . CYS A 1 5  ? -0.554 -3.408 -0.630 1.00 0.00 ? 9  CYS A H    5  
ATOM   732  H HA   . CYS A 1 5  ? -0.586 -3.534 2.298  1.00 0.00 ? 9  CYS A HA   5  
ATOM   733  H HB2  . CYS A 1 5  ? 0.976  -1.499 1.987  1.00 0.00 ? 9  CYS A HB2  5  
ATOM   734  H HB3  . CYS A 1 5  ? 1.606  -3.091 1.558  1.00 0.00 ? 9  CYS A HB3  5  
ATOM   735  N N    . CYS A 1 6  ? -1.728 -1.271 2.756  1.00 0.00 ? 10 CYS A N    5  
ATOM   736  C CA   . CYS A 1 6  ? -2.664 -0.174 3.003  1.00 0.00 ? 10 CYS A CA   5  
ATOM   737  C C    . CYS A 1 6  ? -1.928 1.060  3.547  1.00 0.00 ? 10 CYS A C    5  
ATOM   738  O O    . CYS A 1 6  ? -2.129 1.476  4.696  1.00 0.00 ? 10 CYS A O    5  
ATOM   739  C CB   . CYS A 1 6  ? -3.779 -0.626 3.959  1.00 0.00 ? 10 CYS A CB   5  
ATOM   740  S SG   . CYS A 1 6  ? -5.015 0.666  4.328  1.00 0.00 ? 10 CYS A SG   5  
ATOM   741  H H    . CYS A 1 6  ? -1.223 -1.643 3.508  1.00 0.00 ? 10 CYS A H    5  
ATOM   742  H HA   . CYS A 1 6  ? -3.107 0.088  2.054  1.00 0.00 ? 10 CYS A HA   5  
ATOM   743  H HB2  . CYS A 1 6  ? -4.302 -1.462 3.520  1.00 0.00 ? 10 CYS A HB2  5  
ATOM   744  H HB3  . CYS A 1 6  ? -3.338 -0.936 4.894  1.00 0.00 ? 10 CYS A HB3  5  
ATOM   745  N N    . ASN A 1 7  ? -1.061 1.629  2.704  1.00 0.00 ? 11 ASN A N    5  
ATOM   746  C CA   . ASN A 1 7  ? -0.292 2.820  3.061  1.00 0.00 ? 11 ASN A CA   5  
ATOM   747  C C    . ASN A 1 7  ? -0.739 4.025  2.216  1.00 0.00 ? 11 ASN A C    5  
ATOM   748  O O    . ASN A 1 7  ? -1.193 3.839  1.083  1.00 0.00 ? 11 ASN A O    5  
ATOM   749  C CB   . ASN A 1 7  ? 1.208  2.569  2.869  1.00 0.00 ? 11 ASN A CB   5  
ATOM   750  C CG   . ASN A 1 7  ? 1.785  1.647  3.928  1.00 0.00 ? 11 ASN A CG   5  
ATOM   751  O OD1  . ASN A 1 7  ? 2.185  2.091  5.003  1.00 0.00 ? 11 ASN A OD1  5  
ATOM   752  N ND2  . ASN A 1 7  ? 1.837  0.355  3.623  1.00 0.00 ? 11 ASN A ND2  5  
ATOM   753  H H    . ASN A 1 7  ? -0.932 1.232  1.817  1.00 0.00 ? 11 ASN A H    5  
ATOM   754  H HA   . ASN A 1 7  ? -0.483 3.034  4.101  1.00 0.00 ? 11 ASN A HA   5  
ATOM   755  H HB2  . ASN A 1 7  ? 1.369  2.117  1.902  1.00 0.00 ? 11 ASN A HB2  5  
ATOM   756  H HB3  . ASN A 1 7  ? 1.734  3.514  2.915  1.00 0.00 ? 11 ASN A HB3  5  
ATOM   757  H HD21 . ASN A 1 7  ? 1.505  0.072  2.741  1.00 0.00 ? 11 ASN A HD21 5  
ATOM   758  H HD22 . ASN A 1 7  ? 2.206  -0.264 4.293  1.00 0.00 ? 11 ASN A HD22 5  
ATOM   759  N N    . PRO A 1 8  ? -0.620 5.287  2.745  1.00 0.00 ? 12 PRO A N    5  
ATOM   760  C CA   . PRO A 1 8  ? -1.027 6.498  2.005  1.00 0.00 ? 12 PRO A CA   5  
ATOM   761  C C    . PRO A 1 8  ? -0.285 6.678  0.673  1.00 0.00 ? 12 PRO A C    5  
ATOM   762  O O    . PRO A 1 8  ? -0.861 7.175  -0.300 1.00 0.00 ? 12 PRO A O    5  
ATOM   763  C CB   . PRO A 1 8  ? -0.701 7.672  2.938  1.00 0.00 ? 12 PRO A CB   5  
ATOM   764  C CG   . PRO A 1 8  ? -0.138 7.110  4.203  1.00 0.00 ? 12 PRO A CG   5  
ATOM   765  C CD   . PRO A 1 8  ? -0.099 5.607  4.093  1.00 0.00 ? 12 PRO A CD   5  
ATOM   766  H HA   . PRO A 1 8  ? -2.091 6.484  1.807  1.00 0.00 ? 12 PRO A HA   5  
ATOM   767  H HB2  . PRO A 1 8  ? 0.016  8.317  2.445  1.00 0.00 ? 12 PRO A HB2  5  
ATOM   768  H HB3  . PRO A 1 8  ? -1.605 8.228  3.141  1.00 0.00 ? 12 PRO A HB3  5  
ATOM   769  H HG2  . PRO A 1 8  ? 0.866  7.494  4.349  1.00 0.00 ? 12 PRO A HG2  5  
ATOM   770  H HG3  . PRO A 1 8  ? -0.766 7.396  5.036  1.00 0.00 ? 12 PRO A HG3  5  
ATOM   771  H HD2  . PRO A 1 8  ? 0.916  5.253  4.194  1.00 0.00 ? 12 PRO A HD2  5  
ATOM   772  H HD3  . PRO A 1 8  ? -0.726 5.165  4.857  1.00 0.00 ? 12 PRO A HD3  5  
ATOM   773  N N    . ALA A 1 9  ? 0.989  6.270  0.646  1.00 0.00 ? 13 ALA A N    5  
ATOM   774  C CA   . ALA A 1 9  ? 1.820  6.377  -0.556 1.00 0.00 ? 13 ALA A CA   5  
ATOM   775  C C    . ALA A 1 9  ? 2.162  4.995  -1.133 1.00 0.00 ? 13 ALA A C    5  
ATOM   776  O O    . ALA A 1 9  ? 2.968  4.881  -2.064 1.00 0.00 ? 13 ALA A O    5  
ATOM   777  C CB   . ALA A 1 9  ? 3.090  7.158  -0.236 1.00 0.00 ? 13 ALA A CB   5  
ATOM   778  H H    . ALA A 1 9  ? 1.380  5.885  1.457  1.00 0.00 ? 13 ALA A H    5  
ATOM   779  H HA   . ALA A 1 9  ? 1.263  6.934  -1.295 1.00 0.00 ? 13 ALA A HA   5  
ATOM   780  H HB1  . ALA A 1 9  ? 3.667  7.293  -1.139 1.00 0.00 ? 13 ALA A HB1  5  
ATOM   781  H HB2  . ALA A 1 9  ? 3.676  6.610  0.487  1.00 0.00 ? 13 ALA A HB2  5  
ATOM   782  H HB3  . ALA A 1 9  ? 2.826  8.123  0.171  1.00 0.00 ? 13 ALA A HB3  5  
ATOM   783  N N    . CYS A 1 10 ? 1.521  3.940  -0.581 1.00 0.00 ? 14 CYS A N    5  
ATOM   784  C CA   . CYS A 1 10 ? 1.730  2.535  -1.001 1.00 0.00 ? 14 CYS A CA   5  
ATOM   785  C C    . CYS A 1 10 ? 3.197  2.108  -0.831 1.00 0.00 ? 14 CYS A C    5  
ATOM   786  O O    . CYS A 1 10 ? 4.044  2.374  -1.694 1.00 0.00 ? 14 CYS A O    5  
ATOM   787  C CB   . CYS A 1 10 ? 1.256  2.298  -2.449 1.00 0.00 ? 14 CYS A CB   5  
ATOM   788  S SG   . CYS A 1 10 ? -0.448 2.861  -2.772 1.00 0.00 ? 14 CYS A SG   5  
ATOM   789  H H    . CYS A 1 10 ? 0.881  4.116  0.139  1.00 0.00 ? 14 CYS A H    5  
ATOM   790  H HA   . CYS A 1 10 ? 1.131  1.919  -0.345 1.00 0.00 ? 14 CYS A HA   5  
ATOM   791  H HB2  . CYS A 1 10 ? 1.911  2.830  -3.127 1.00 0.00 ? 14 CYS A HB2  5  
ATOM   792  H HB3  . CYS A 1 10 ? 1.300  1.238  -2.665 1.00 0.00 ? 14 CYS A HB3  5  
ATOM   793  N N    . ALA A 1 11 ? 3.482  1.462  0.305  1.00 0.00 ? 15 ALA A N    5  
ATOM   794  C CA   . ALA A 1 11 ? 4.832  0.992  0.621  1.00 0.00 ? 15 ALA A CA   5  
ATOM   795  C C    . ALA A 1 11 ? 4.821  -0.478 1.022  1.00 0.00 ? 15 ALA A C    5  
ATOM   796  O O    . ALA A 1 11 ? 3.937  -0.920 1.761  1.00 0.00 ? 15 ALA A O    5  
ATOM   797  C CB   . ALA A 1 11 ? 5.439  1.838  1.732  1.00 0.00 ? 15 ALA A CB   5  
ATOM   798  H H    . ALA A 1 11 ? 2.763  1.298  0.949  1.00 0.00 ? 15 ALA A H    5  
ATOM   799  H HA   . ALA A 1 11 ? 5.441  1.110  -0.263 1.00 0.00 ? 15 ALA A HA   5  
ATOM   800  H HB1  . ALA A 1 11 ? 5.440  2.877  1.435  1.00 0.00 ? 15 ALA A HB1  5  
ATOM   801  H HB2  . ALA A 1 11 ? 6.453  1.517  1.916  1.00 0.00 ? 15 ALA A HB2  5  
ATOM   802  H HB3  . ALA A 1 11 ? 4.856  1.721  2.634  1.00 0.00 ? 15 ALA A HB3  5  
HETATM 803  N N    . DLY A 1 12 ? 5.812  -1.224 0.525  1.00 0.00 ? 16 DLY A N    5  
HETATM 804  C CA   . DLY A 1 12 ? 5.939  -2.658 0.816  1.00 0.00 ? 16 DLY A CA   5  
HETATM 805  C C    . DLY A 1 12 ? 5.244  -3.513 -0.251 1.00 0.00 ? 16 DLY A C    5  
HETATM 806  O O    . DLY A 1 12 ? 5.072  -4.722 -0.068 1.00 0.00 ? 16 DLY A O    5  
HETATM 807  C CB   . DLY A 1 12 ? 7.417  -3.053 0.918  1.00 0.00 ? 16 DLY A CB   5  
HETATM 808  C CG   . DLY A 1 12 ? 8.099  -2.565 2.188  1.00 0.00 ? 16 DLY A CG   5  
HETATM 809  C CD   . DLY A 1 12 ? 9.561  -2.982 2.229  1.00 0.00 ? 16 DLY A CD   5  
HETATM 810  C CE   . DLY A 1 12 ? 10.243 -2.497 3.498  1.00 0.00 ? 16 DLY A CE   5  
HETATM 811  N NZ   . DLY A 1 12 ? 11.674 -2.906 3.550  1.00 0.00 ? 16 DLY A NZ   5  
HETATM 812  H H    . DLY A 1 12 ? 6.479  -0.799 -0.054 1.00 0.00 ? 16 DLY A H    5  
HETATM 813  H HA   . DLY A 1 12 ? 5.463  -2.841 1.768  1.00 0.00 ? 16 DLY A HA   5  
HETATM 814  H HB2  . DLY A 1 12 ? 7.947  -2.639 0.069  1.00 0.00 ? 16 DLY A HB2  5  
HETATM 815  H HB3  . DLY A 1 12 ? 7.491  -4.132 0.888  1.00 0.00 ? 16 DLY A HB3  5  
HETATM 816  H HG2  . DLY A 1 12 ? 7.588  -2.988 3.044  1.00 0.00 ? 16 DLY A HG2  5  
HETATM 817  H HG3  . DLY A 1 12 ? 8.043  -1.487 2.225  1.00 0.00 ? 16 DLY A HG3  5  
HETATM 818  H HD2  . DLY A 1 12 ? 10.069 -2.562 1.374  1.00 0.00 ? 16 DLY A HD2  5  
HETATM 819  H HD3  . DLY A 1 12 ? 9.619  -4.060 2.191  1.00 0.00 ? 16 DLY A HD3  5  
HETATM 820  H HE2  . DLY A 1 12 ? 9.726  -2.913 4.351  1.00 0.00 ? 16 DLY A HE2  5  
HETATM 821  H HE3  . DLY A 1 12 ? 10.184 -1.419 3.533  1.00 0.00 ? 16 DLY A HE3  5  
HETATM 822  H HZ1  . DLY A 1 12 ? 12.188 -2.513 2.736  1.00 0.00 ? 16 DLY A HZ1  5  
HETATM 823  H HZ2  . DLY A 1 12 ? 11.751 -3.943 3.527  1.00 0.00 ? 16 DLY A HZ2  5  
HETATM 824  H HZ3  . DLY A 1 12 ? 12.113 -2.557 4.426  1.00 0.00 ? 16 DLY A HZ3  5  
ATOM   825  N N    . CYS A 1 13 ? 4.845  -2.872 -1.356 1.00 0.00 ? 17 CYS A N    5  
ATOM   826  C CA   . CYS A 1 13 ? 4.170  -3.552 -2.455 1.00 0.00 ? 17 CYS A CA   5  
ATOM   827  C C    . CYS A 1 13 ? 5.013  -3.506 -3.730 1.00 0.00 ? 17 CYS A C    5  
ATOM   828  O O    . CYS A 1 13 ? 5.370  -4.589 -4.237 1.00 0.00 ? 17 CYS A O    5  
ATOM   829  C CB   . CYS A 1 13 ? 2.802  -2.913 -2.696 1.00 0.00 ? 17 CYS A CB   5  
ATOM   830  S SG   . CYS A 1 13 ? 1.544  -3.386 -1.471 1.00 0.00 ? 17 CYS A SG   5  
ATOM   831  O OXT  . CYS A 1 13 ? 5.319  -2.389 -4.203 1.00 0.00 ? 17 CYS A OXT  5  
ATOM   832  H H    . CYS A 1 13 ? 5.004  -1.908 -1.429 1.00 0.00 ? 17 CYS A H    5  
ATOM   833  H HA   . CYS A 1 13 ? 4.028  -4.583 -2.169 1.00 0.00 ? 17 CYS A HA   5  
ATOM   834  H HB2  . CYS A 1 13 ? 2.904  -1.836 -2.655 1.00 0.00 ? 17 CYS A HB2  5  
ATOM   835  H HB3  . CYS A 1 13 ? 2.443  -3.204 -3.671 1.00 0.00 ? 17 CYS A HB3  5  
HETATM 836  N N    . DCY A 1 1  ? -6.982 -1.352 0.425  1.00 0.00 ? 5  DCY A N    6  
HETATM 837  C CA   . DCY A 1 1  ? -5.747 -0.533 0.513  1.00 0.00 ? 5  DCY A CA   6  
HETATM 838  C C    . DCY A 1 1  ? -5.300 -0.077 -0.875 1.00 0.00 ? 5  DCY A C    6  
HETATM 839  O O    . DCY A 1 1  ? -6.061 0.572  -1.601 1.00 0.00 ? 5  DCY A O    6  
HETATM 840  C CB   . DCY A 1 1  ? -5.984 0.676  1.423  1.00 0.00 ? 5  DCY A CB   6  
HETATM 841  S SG   . DCY A 1 1  ? -6.581 0.235  3.088  1.00 0.00 ? 5  DCY A SG   6  
HETATM 842  H H1   . DCY A 1 1  ? -7.278 -1.657 1.374  1.00 0.00 ? 5  DCY A H1   6  
HETATM 843  H H2   . DCY A 1 1  ? -6.813 -2.194 -0.160 1.00 0.00 ? 5  DCY A H2   6  
HETATM 844  H H3   . DCY A 1 1  ? -7.750 -0.795 -0.003 1.00 0.00 ? 5  DCY A H3   6  
HETATM 845  H HA   . DCY A 1 1  ? -4.967 -1.147 0.941  1.00 0.00 ? 5  DCY A HA   6  
HETATM 846  H HB2  . DCY A 1 1  ? -6.725 1.320  0.967  1.00 0.00 ? 5  DCY A HB2  6  
HETATM 847  H HB3  . DCY A 1 1  ? -5.057 1.220  1.539  1.00 0.00 ? 5  DCY A HB3  6  
ATOM   848  N N    . CYS A 1 2  ? -4.060 -0.432 -1.231 1.00 0.00 ? 6  CYS A N    6  
ATOM   849  C CA   . CYS A 1 2  ? -3.484 -0.087 -2.533 1.00 0.00 ? 6  CYS A CA   6  
ATOM   850  C C    . CYS A 1 2  ? -3.653 -1.261 -3.505 1.00 0.00 ? 6  CYS A C    6  
ATOM   851  O O    . CYS A 1 2  ? -4.296 -1.130 -4.551 1.00 0.00 ? 6  CYS A O    6  
ATOM   852  C CB   . CYS A 1 2  ? -1.999 0.275  -2.369 1.00 0.00 ? 6  CYS A CB   6  
ATOM   853  S SG   . CYS A 1 2  ? -1.318 1.287  -3.723 1.00 0.00 ? 6  CYS A SG   6  
ATOM   854  H H    . CYS A 1 2  ? -3.517 -0.944 -0.597 1.00 0.00 ? 6  CYS A H    6  
ATOM   855  H HA   . CYS A 1 2  ? -4.019 0.769  -2.919 1.00 0.00 ? 6  CYS A HA   6  
ATOM   856  H HB2  . CYS A 1 2  ? -1.867 0.827  -1.447 1.00 0.00 ? 6  CYS A HB2  6  
ATOM   857  H HB3  . CYS A 1 2  ? -1.420 -0.640 -2.320 1.00 0.00 ? 6  CYS A HB3  6  
ATOM   858  N N    . GLU A 1 3  ? -3.062 -2.407 -3.132 1.00 0.00 ? 7  GLU A N    6  
ATOM   859  C CA   . GLU A 1 3  ? -3.123 -3.658 -3.906 1.00 0.00 ? 7  GLU A CA   6  
ATOM   860  C C    . GLU A 1 3  ? -2.935 -4.837 -2.950 1.00 0.00 ? 7  GLU A C    6  
ATOM   861  O O    . GLU A 1 3  ? -3.631 -5.851 -3.041 1.00 0.00 ? 7  GLU A O    6  
ATOM   862  C CB   . GLU A 1 3  ? -2.044 -3.698 -5.006 1.00 0.00 ? 7  GLU A CB   6  
ATOM   863  C CG   . GLU A 1 3  ? -2.360 -2.839 -6.215 1.00 0.00 ? 7  GLU A CG   6  
ATOM   864  C CD   . GLU A 1 3  ? -3.234 -3.551 -7.233 1.00 0.00 ? 7  GLU A CD   6  
ATOM   865  O OE1  . GLU A 1 3  ? -2.676 -4.210 -8.136 1.00 0.00 ? 7  GLU A OE1  6  
ATOM   866  O OE2  . GLU A 1 3  ? -4.474 -3.450 -7.125 1.00 0.00 ? 7  GLU A OE2  6  
ATOM   867  H H    . GLU A 1 3  ? -2.559 -2.411 -2.291 1.00 0.00 ? 7  GLU A H    6  
ATOM   868  H HA   . GLU A 1 3  ? -4.102 -3.724 -4.358 1.00 0.00 ? 7  GLU A HA   6  
ATOM   869  H HB2  . GLU A 1 3  ? -1.104 -3.362 -4.588 1.00 0.00 ? 7  GLU A HB2  6  
ATOM   870  H HB3  . GLU A 1 3  ? -1.937 -4.712 -5.344 1.00 0.00 ? 7  GLU A HB3  6  
ATOM   871  H HG2  . GLU A 1 3  ? -2.880 -1.964 -5.875 1.00 0.00 ? 7  GLU A HG2  6  
ATOM   872  H HG3  . GLU A 1 3  ? -1.433 -2.551 -6.695 1.00 0.00 ? 7  GLU A HG3  6  
ATOM   873  N N    . LEU A 1 4  ? -1.973 -4.665 -2.036 1.00 0.00 ? 8  LEU A N    6  
ATOM   874  C CA   . LEU A 1 4  ? -1.641 -5.652 -1.006 1.00 0.00 ? 8  LEU A CA   6  
ATOM   875  C C    . LEU A 1 4  ? -1.419 -4.945 0.335  1.00 0.00 ? 8  LEU A C    6  
ATOM   876  O O    . LEU A 1 4  ? -1.776 -5.467 1.394  1.00 0.00 ? 8  LEU A O    6  
ATOM   877  C CB   . LEU A 1 4  ? -0.382 -6.443 -1.398 1.00 0.00 ? 8  LEU A CB   6  
ATOM   878  C CG   . LEU A 1 4  ? -0.551 -7.412 -2.576 1.00 0.00 ? 8  LEU A CG   6  
ATOM   879  C CD1  . LEU A 1 4  ? 0.766  -7.580 -3.317 1.00 0.00 ? 8  LEU A CD1  6  
ATOM   880  C CD2  . LEU A 1 4  ? -1.062 -8.765 -2.095 1.00 0.00 ? 8  LEU A CD2  6  
ATOM   881  H H    . LEU A 1 4  ? -1.458 -3.834 -2.063 1.00 0.00 ? 8  LEU A H    6  
ATOM   882  H HA   . LEU A 1 4  ? -2.475 -6.332 -0.911 1.00 0.00 ? 8  LEU A HA   6  
ATOM   883  H HB2  . LEU A 1 4  ? 0.393  -5.732 -1.655 1.00 0.00 ? 8  LEU A HB2  6  
ATOM   884  H HB3  . LEU A 1 4  ? -0.058 -7.011 -0.537 1.00 0.00 ? 8  LEU A HB3  6  
ATOM   885  H HG   . LEU A 1 4  ? -1.275 -7.005 -3.269 1.00 0.00 ? 8  LEU A HG   6  
ATOM   886  H HD11 . LEU A 1 4  ? 0.635  -8.277 -4.131 1.00 0.00 ? 8  LEU A HD11 6  
ATOM   887  H HD12 . LEU A 1 4  ? 1.516  -7.956 -2.637 1.00 0.00 ? 8  LEU A HD12 6  
ATOM   888  H HD13 . LEU A 1 4  ? 1.082  -6.625 -3.709 1.00 0.00 ? 8  LEU A HD13 6  
ATOM   889  H HD21 . LEU A 1 4  ? -2.022 -8.639 -1.617 1.00 0.00 ? 8  LEU A HD21 6  
ATOM   890  H HD22 . LEU A 1 4  ? -0.360 -9.185 -1.389 1.00 0.00 ? 8  LEU A HD22 6  
ATOM   891  H HD23 . LEU A 1 4  ? -1.165 -9.431 -2.939 1.00 0.00 ? 8  LEU A HD23 6  
ATOM   892  N N    . CYS A 1 5  ? -0.822 -3.747 0.258  1.00 0.00 ? 9  CYS A N    6  
ATOM   893  C CA   . CYS A 1 5  ? -0.533 -2.913 1.423  1.00 0.00 ? 9  CYS A CA   6  
ATOM   894  C C    . CYS A 1 5  ? -1.546 -1.774 1.534  1.00 0.00 ? 9  CYS A C    6  
ATOM   895  O O    . CYS A 1 5  ? -2.142 -1.369 0.531  1.00 0.00 ? 9  CYS A O    6  
ATOM   896  C CB   . CYS A 1 5  ? 0.880  -2.332 1.307  1.00 0.00 ? 9  CYS A CB   6  
ATOM   897  S SG   . CYS A 1 5  ? 1.296  -1.703 -0.353 1.00 0.00 ? 9  CYS A SG   6  
ATOM   898  H H    . CYS A 1 5  ? -0.555 -3.416 -0.622 1.00 0.00 ? 9  CYS A H    6  
ATOM   899  H HA   . CYS A 1 5  ? -0.594 -3.530 2.306  1.00 0.00 ? 9  CYS A HA   6  
ATOM   900  H HB2  . CYS A 1 5  ? 0.975  -1.504 1.994  1.00 0.00 ? 9  CYS A HB2  6  
ATOM   901  H HB3  . CYS A 1 5  ? 1.600  -3.097 1.562  1.00 0.00 ? 9  CYS A HB3  6  
ATOM   902  N N    . CYS A 1 6  ? -1.732 -1.262 2.755  1.00 0.00 ? 10 CYS A N    6  
ATOM   903  C CA   . CYS A 1 6  ? -2.666 -0.164 2.997  1.00 0.00 ? 10 CYS A CA   6  
ATOM   904  C C    . CYS A 1 6  ? -1.928 1.067  3.545  1.00 0.00 ? 10 CYS A C    6  
ATOM   905  O O    . CYS A 1 6  ? -2.134 1.485  4.692  1.00 0.00 ? 10 CYS A O    6  
ATOM   906  C CB   . CYS A 1 6  ? -3.787 -0.613 3.948  1.00 0.00 ? 10 CYS A CB   6  
ATOM   907  S SG   . CYS A 1 6  ? -5.021 0.682  4.309  1.00 0.00 ? 10 CYS A SG   6  
ATOM   908  H H    . CYS A 1 6  ? -1.228 -1.634 3.508  1.00 0.00 ? 10 CYS A H    6  
ATOM   909  H HA   . CYS A 1 6  ? -3.103 0.099  2.046  1.00 0.00 ? 10 CYS A HA   6  
ATOM   910  H HB2  . CYS A 1 6  ? -4.309 -1.449 3.506  1.00 0.00 ? 10 CYS A HB2  6  
ATOM   911  H HB3  . CYS A 1 6  ? -3.351 -0.923 4.886  1.00 0.00 ? 10 CYS A HB3  6  
ATOM   912  N N    . ASN A 1 7  ? -1.055 1.633  2.706  1.00 0.00 ? 11 ASN A N    6  
ATOM   913  C CA   . ASN A 1 7  ? -0.282 2.821  3.067  1.00 0.00 ? 11 ASN A CA   6  
ATOM   914  C C    . ASN A 1 7  ? -0.730 4.030  2.229  1.00 0.00 ? 11 ASN A C    6  
ATOM   915  O O    . ASN A 1 7  ? -1.187 3.850  1.096  1.00 0.00 ? 11 ASN A O    6  
ATOM   916  C CB   . ASN A 1 7  ? 1.217  2.569  2.872  1.00 0.00 ? 11 ASN A CB   6  
ATOM   917  C CG   . ASN A 1 7  ? 1.793  1.639  3.924  1.00 0.00 ? 11 ASN A CG   6  
ATOM   918  O OD1  . ASN A 1 7  ? 2.199  2.079  5.000  1.00 0.00 ? 11 ASN A OD1  6  
ATOM   919  N ND2  . ASN A 1 7  ? 1.840  0.349  3.614  1.00 0.00 ? 11 ASN A ND2  6  
ATOM   920  H H    . ASN A 1 7  ? -0.922 1.235  1.820  1.00 0.00 ? 11 ASN A H    6  
ATOM   921  H HA   . ASN A 1 7  ? -0.471 3.031  4.109  1.00 0.00 ? 11 ASN A HA   6  
ATOM   922  H HB2  . ASN A 1 7  ? 1.376  2.121  1.901  1.00 0.00 ? 11 ASN A HB2  6  
ATOM   923  H HB3  . ASN A 1 7  ? 1.744  3.512  2.921  1.00 0.00 ? 11 ASN A HB3  6  
ATOM   924  H HD21 . ASN A 1 7  ? 1.504  0.071  2.732  1.00 0.00 ? 11 ASN A HD21 6  
ATOM   925  H HD22 . ASN A 1 7  ? 2.209  -0.275 4.279  1.00 0.00 ? 11 ASN A HD22 6  
ATOM   926  N N    . PRO A 1 8  ? -0.606 5.290  2.764  1.00 0.00 ? 12 PRO A N    6  
ATOM   927  C CA   . PRO A 1 8  ? -1.014 6.505  2.030  1.00 0.00 ? 12 PRO A CA   6  
ATOM   928  C C    . PRO A 1 8  ? -0.279 6.689  0.695  1.00 0.00 ? 12 PRO A C    6  
ATOM   929  O O    . PRO A 1 8  ? -0.857 7.198  -0.270 1.00 0.00 ? 12 PRO A O    6  
ATOM   930  C CB   . PRO A 1 8  ? -0.679 7.674  2.966  1.00 0.00 ? 12 PRO A CB   6  
ATOM   931  C CG   . PRO A 1 8  ? -0.115 7.104  4.227  1.00 0.00 ? 12 PRO A CG   6  
ATOM   932  C CD   . PRO A 1 8  ? -0.082 5.602  4.112  1.00 0.00 ? 12 PRO A CD   6  
ATOM   933  H HA   . PRO A 1 8  ? -2.078 6.496  1.839  1.00 0.00 ? 12 PRO A HA   6  
ATOM   934  H HB2  . PRO A 1 8  ? 0.041  8.317  2.473  1.00 0.00 ? 12 PRO A HB2  6  
ATOM   935  H HB3  . PRO A 1 8  ? -1.580 8.234  3.174  1.00 0.00 ? 12 PRO A HB3  6  
ATOM   936  H HG2  . PRO A 1 8  ? 0.890  7.485  4.374  1.00 0.00 ? 12 PRO A HG2  6  
ATOM   937  H HG3  . PRO A 1 8  ? -0.740 7.390  5.064  1.00 0.00 ? 12 PRO A HG3  6  
ATOM   938  H HD2  . PRO A 1 8  ? 0.932  5.246  4.209  1.00 0.00 ? 12 PRO A HD2  6  
ATOM   939  H HD3  . PRO A 1 8  ? -0.708 5.161  4.875  1.00 0.00 ? 12 PRO A HD3  6  
ATOM   940  N N    . ALA A 1 9  ? 0.991  6.271  0.656  1.00 0.00 ? 13 ALA A N    6  
ATOM   941  C CA   . ALA A 1 9  ? 1.815  6.380  -0.551 1.00 0.00 ? 13 ALA A CA   6  
ATOM   942  C C    . ALA A 1 9  ? 2.156  4.999  -1.131 1.00 0.00 ? 13 ALA A C    6  
ATOM   943  O O    . ALA A 1 9  ? 2.956  4.888  -2.068 1.00 0.00 ? 13 ALA A O    6  
ATOM   944  C CB   . ALA A 1 9  ? 3.086  7.162  -0.237 1.00 0.00 ? 13 ALA A CB   6  
ATOM   945  H H    . ALA A 1 9  ? 1.384  5.877  1.462  1.00 0.00 ? 13 ALA A H    6  
ATOM   946  H HA   . ALA A 1 9  ? 1.252  6.938  -1.286 1.00 0.00 ? 13 ALA A HA   6  
ATOM   947  H HB1  . ALA A 1 9  ? 3.674  6.617  0.487  1.00 0.00 ? 13 ALA A HB1  6  
ATOM   948  H HB2  . ALA A 1 9  ? 2.823  8.129  0.168  1.00 0.00 ? 13 ALA A HB2  6  
ATOM   949  H HB3  . ALA A 1 9  ? 3.660  7.295  -1.142 1.00 0.00 ? 13 ALA A HB3  6  
ATOM   950  N N    . CYS A 1 10 ? 1.519  3.943  -0.577 1.00 0.00 ? 14 CYS A N    6  
ATOM   951  C CA   . CYS A 1 10 ? 1.728  2.539  -1.000 1.00 0.00 ? 14 CYS A CA   6  
ATOM   952  C C    . CYS A 1 10 ? 3.195  2.112  -0.835 1.00 0.00 ? 14 CYS A C    6  
ATOM   953  O O    . CYS A 1 10 ? 4.040  2.380  -1.699 1.00 0.00 ? 14 CYS A O    6  
ATOM   954  C CB   . CYS A 1 10 ? 1.251  2.304  -2.448 1.00 0.00 ? 14 CYS A CB   6  
ATOM   955  S SG   . CYS A 1 10 ? -0.458 2.858  -2.764 1.00 0.00 ? 14 CYS A SG   6  
ATOM   956  H H    . CYS A 1 10 ? 0.883  4.117  0.148  1.00 0.00 ? 14 CYS A H    6  
ATOM   957  H HA   . CYS A 1 10 ? 1.130  1.922  -0.344 1.00 0.00 ? 14 CYS A HA   6  
ATOM   958  H HB2  . CYS A 1 10 ? 1.900  2.842  -3.125 1.00 0.00 ? 14 CYS A HB2  6  
ATOM   959  H HB3  . CYS A 1 10 ? 1.302  1.245  -2.667 1.00 0.00 ? 14 CYS A HB3  6  
ATOM   960  N N    . ALA A 1 11 ? 3.484  1.467  0.301  1.00 0.00 ? 15 ALA A N    6  
ATOM   961  C CA   . ALA A 1 11 ? 4.834  0.998  0.614  1.00 0.00 ? 15 ALA A CA   6  
ATOM   962  C C    . ALA A 1 11 ? 4.824  -0.472 1.016  1.00 0.00 ? 15 ALA A C    6  
ATOM   963  O O    . ALA A 1 11 ? 3.943  -0.913 1.760  1.00 0.00 ? 15 ALA A O    6  
ATOM   964  C CB   . ALA A 1 11 ? 5.446  1.844  1.721  1.00 0.00 ? 15 ALA A CB   6  
ATOM   965  H H    . ALA A 1 11 ? 2.766  1.303  0.947  1.00 0.00 ? 15 ALA A H    6  
ATOM   966  H HA   . ALA A 1 11 ? 5.441  1.114  -0.272 1.00 0.00 ? 15 ALA A HA   6  
ATOM   967  H HB1  . ALA A 1 11 ? 5.447  2.882  1.422  1.00 0.00 ? 15 ALA A HB1  6  
ATOM   968  H HB2  . ALA A 1 11 ? 6.460  1.521  1.904  1.00 0.00 ? 15 ALA A HB2  6  
ATOM   969  H HB3  . ALA A 1 11 ? 4.864  1.732  2.624  1.00 0.00 ? 15 ALA A HB3  6  
HETATM 970  N N    . DLY A 1 12 ? 5.812  -1.220 0.515  1.00 0.00 ? 16 DLY A N    6  
HETATM 971  C CA   . DLY A 1 12 ? 5.939  -2.653 0.807  1.00 0.00 ? 16 DLY A CA   6  
HETATM 972  C C    . DLY A 1 12 ? 5.239  -3.509 -0.255 1.00 0.00 ? 16 DLY A C    6  
HETATM 973  O O    . DLY A 1 12 ? 5.063  -4.718 -0.068 1.00 0.00 ? 16 DLY A O    6  
HETATM 974  C CB   . DLY A 1 12 ? 7.417  -3.050 0.904  1.00 0.00 ? 16 DLY A CB   6  
HETATM 975  C CG   . DLY A 1 12 ? 8.106  -2.561 2.170  1.00 0.00 ? 16 DLY A CG   6  
HETATM 976  C CD   . DLY A 1 12 ? 9.567  -2.979 2.205  1.00 0.00 ? 16 DLY A CD   6  
HETATM 977  C CE   . DLY A 1 12 ? 10.257 -2.489 3.468  1.00 0.00 ? 16 DLY A CE   6  
HETATM 978  N NZ   . DLY A 1 12 ? 11.690 -2.892 3.509  1.00 0.00 ? 16 DLY A NZ   6  
HETATM 979  H H    . DLY A 1 12 ? 6.476  -0.796 -0.068 1.00 0.00 ? 16 DLY A H    6  
HETATM 980  H HA   . DLY A 1 12 ? 5.467  -2.835 1.762  1.00 0.00 ? 16 DLY A HA   6  
HETATM 981  H HB2  . DLY A 1 12 ? 7.943  -2.639 0.053  1.00 0.00 ? 16 DLY A HB2  6  
HETATM 982  H HB3  . DLY A 1 12 ? 7.490  -4.129 0.876  1.00 0.00 ? 16 DLY A HB3  6  
HETATM 983  H HG2  . DLY A 1 12 ? 7.599  -2.981 3.029  1.00 0.00 ? 16 DLY A HG2  6  
HETATM 984  H HG3  . DLY A 1 12 ? 8.050  -1.481 2.205  1.00 0.00 ? 16 DLY A HG3  6  
HETATM 985  H HD2  . DLY A 1 12 ? 10.071 -2.565 1.344  1.00 0.00 ? 16 DLY A HD2  6  
HETATM 986  H HD3  . DLY A 1 12 ? 9.623  -4.057 2.172  1.00 0.00 ? 16 DLY A HD3  6  
HETATM 987  H HE2  . DLY A 1 12 ? 9.749  -2.904 4.325  1.00 0.00 ? 16 DLY A HE2  6  
HETATM 988  H HE3  . DLY A 1 12 ? 10.194 -1.411 3.499  1.00 0.00 ? 16 DLY A HE3  6  
HETATM 989  H HZ1  . DLY A 1 12 ? 12.196 -2.496 2.692  1.00 0.00 ? 16 DLY A HZ1  6  
HETATM 990  H HZ2  . DLY A 1 12 ? 11.770 -3.928 3.484  1.00 0.00 ? 16 DLY A HZ2  6  
HETATM 991  H HZ3  . DLY A 1 12 ? 12.134 -2.542 4.382  1.00 0.00 ? 16 DLY A HZ3  6  
ATOM   992  N N    . CYS A 1 13 ? 4.838  -2.870 -1.362 1.00 0.00 ? 17 CYS A N    6  
ATOM   993  C CA   . CYS A 1 13 ? 4.158  -3.551 -2.456 1.00 0.00 ? 17 CYS A CA   6  
ATOM   994  C C    . CYS A 1 13 ? 4.998  -3.509 -3.734 1.00 0.00 ? 17 CYS A C    6  
ATOM   995  O O    . CYS A 1 13 ? 5.302  -2.394 -4.211 1.00 0.00 ? 17 CYS A O    6  
ATOM   996  C CB   . CYS A 1 13 ? 2.791  -2.910 -2.694 1.00 0.00 ? 17 CYS A CB   6  
ATOM   997  S SG   . CYS A 1 13 ? 1.534  -3.383 -1.468 1.00 0.00 ? 17 CYS A SG   6  
ATOM   998  O OXT  . CYS A 1 13 ? 5.344  -4.594 -4.245 1.00 0.00 ? 17 CYS A OXT  6  
ATOM   999  H H    . CYS A 1 13 ? 5.001  -1.908 -1.437 1.00 0.00 ? 17 CYS A H    6  
ATOM   1000 H HA   . CYS A 1 13 ? 4.015  -4.582 -2.167 1.00 0.00 ? 17 CYS A HA   6  
ATOM   1001 H HB2  . CYS A 1 13 ? 2.894  -1.833 -2.651 1.00 0.00 ? 17 CYS A HB2  6  
ATOM   1002 H HB3  . CYS A 1 13 ? 2.430  -3.198 -3.669 1.00 0.00 ? 17 CYS A HB3  6  
HETATM 1003 N N    . DCY A 1 1  ? -7.187 -0.980 0.326  1.00 0.00 ? 5  DCY A N    7  
HETATM 1004 C CA   . DCY A 1 1  ? -5.810 -0.425 0.386  1.00 0.00 ? 5  DCY A CA   7  
HETATM 1005 C C    . DCY A 1 1  ? -5.327 -0.013 -1.001 1.00 0.00 ? 5  DCY A C    7  
HETATM 1006 O O    . DCY A 1 1  ? -6.055 0.649  -1.747 1.00 0.00 ? 5  DCY A O    7  
HETATM 1007 C CB   . DCY A 1 1  ? -5.768 0.774  1.336  1.00 0.00 ? 5  DCY A CB   7  
HETATM 1008 S SG   . DCY A 1 1  ? -6.163 0.364  3.070  1.00 0.00 ? 5  DCY A SG   7  
HETATM 1009 H H1   . DCY A 1 1  ? -7.843 -0.267 -0.052 1.00 0.00 ? 5  DCY A H1   7  
HETATM 1010 H H2   . DCY A 1 1  ? -7.502 -1.257 1.277  1.00 0.00 ? 5  DCY A H2   7  
HETATM 1011 H H3   . DCY A 1 1  ? -7.208 -1.817 -0.292 1.00 0.00 ? 5  DCY A H3   7  
HETATM 1012 H HA   . DCY A 1 1  ? -5.154 -1.195 0.765  1.00 0.00 ? 5  DCY A HA   7  
HETATM 1013 H HB2  . DCY A 1 1  ? -6.485 1.513  1.001  1.00 0.00 ? 5  DCY A HB2  7  
HETATM 1014 H HB3  . DCY A 1 1  ? -4.777 1.205  1.318  1.00 0.00 ? 5  DCY A HB3  7  
ATOM   1015 N N    . CYS A 1 2  ? -4.094 -0.413 -1.330 1.00 0.00 ? 6  CYS A N    7  
ATOM   1016 C CA   . CYS A 1 2  ? -3.490 -0.109 -2.627 1.00 0.00 ? 6  CYS A CA   7  
ATOM   1017 C C    . CYS A 1 2  ? -3.638 -1.311 -3.567 1.00 0.00 ? 6  CYS A C    7  
ATOM   1018 O O    . CYS A 1 2  ? -4.273 -1.215 -4.621 1.00 0.00 ? 6  CYS A O    7  
ATOM   1019 C CB   . CYS A 1 2  ? -2.009 0.261  -2.443 1.00 0.00 ? 6  CYS A CB   7  
ATOM   1020 S SG   . CYS A 1 2  ? -1.331 1.327  -3.755 1.00 0.00 ? 6  CYS A SG   7  
ATOM   1021 H H    . CYS A 1 2  ? -3.577 -0.930 -0.678 1.00 0.00 ? 6  CYS A H    7  
ATOM   1022 H HA   . CYS A 1 2  ? -4.017 0.734  -3.051 1.00 0.00 ? 6  CYS A HA   7  
ATOM   1023 H HB2  . CYS A 1 2  ? -1.887 0.780  -1.501 1.00 0.00 ? 6  CYS A HB2  7  
ATOM   1024 H HB3  . CYS A 1 2  ? -1.422 -0.650 -2.424 1.00 0.00 ? 6  CYS A HB3  7  
ATOM   1025 N N    . GLU A 1 3  ? -3.040 -2.441 -3.158 1.00 0.00 ? 7  GLU A N    7  
ATOM   1026 C CA   . GLU A 1 3  ? -3.083 -3.711 -3.901 1.00 0.00 ? 7  GLU A CA   7  
ATOM   1027 C C    . GLU A 1 3  ? -2.895 -4.868 -2.920 1.00 0.00 ? 7  GLU A C    7  
ATOM   1028 O O    . GLU A 1 3  ? -3.585 -5.889 -2.998 1.00 0.00 ? 7  GLU A O    7  
ATOM   1029 C CB   . GLU A 1 3  ? -1.993 -3.767 -4.990 1.00 0.00 ? 7  GLU A CB   7  
ATOM   1030 C CG   . GLU A 1 3  ? -2.309 -2.945 -6.225 1.00 0.00 ? 7  GLU A CG   7  
ATOM   1031 C CD   . GLU A 1 3  ? -3.163 -3.696 -7.230 1.00 0.00 ? 7  GLU A CD   7  
ATOM   1032 O OE1  . GLU A 1 3  ? -4.406 -3.606 -7.138 1.00 0.00 ? 7  GLU A OE1  7  
ATOM   1033 O OE2  . GLU A 1 3  ? -2.589 -4.372 -8.109 1.00 0.00 ? 7  GLU A OE2  7  
ATOM   1034 H H    . GLU A 1 3  ? -2.545 -2.419 -2.312 1.00 0.00 ? 7  GLU A H    7  
ATOM   1035 H HA   . GLU A 1 3  ? -4.056 -3.795 -4.362 1.00 0.00 ? 7  GLU A HA   7  
ATOM   1036 H HB2  . GLU A 1 3  ? -1.062 -3.407 -4.572 1.00 0.00 ? 7  GLU A HB2  7  
ATOM   1037 H HB3  . GLU A 1 3  ? -1.870 -4.788 -5.299 1.00 0.00 ? 7  GLU A HB3  7  
ATOM   1038 H HG2  . GLU A 1 3  ? -2.842 -2.068 -5.914 1.00 0.00 ? 7  GLU A HG2  7  
ATOM   1039 H HG3  . GLU A 1 3  ? -1.381 -2.658 -6.703 1.00 0.00 ? 7  GLU A HG3  7  
ATOM   1040 N N    . LEU A 1 4  ? -1.942 -4.678 -2.000 1.00 0.00 ? 8  LEU A N    7  
ATOM   1041 C CA   . LEU A 1 4  ? -1.615 -5.649 -0.953 1.00 0.00 ? 8  LEU A CA   7  
ATOM   1042 C C    . LEU A 1 4  ? -1.359 -4.924 0.373  1.00 0.00 ? 8  LEU A C    7  
ATOM   1043 O O    . LEU A 1 4  ? -1.712 -5.424 1.445  1.00 0.00 ? 8  LEU A O    7  
ATOM   1044 C CB   . LEU A 1 4  ? -0.376 -6.471 -1.347 1.00 0.00 ? 8  LEU A CB   7  
ATOM   1045 C CG   . LEU A 1 4  ? -0.581 -7.462 -2.500 1.00 0.00 ? 8  LEU A CG   7  
ATOM   1046 C CD1  . LEU A 1 4  ? 0.721  -7.673 -3.256 1.00 0.00 ? 8  LEU A CD1  7  
ATOM   1047 C CD2  . LEU A 1 4  ? -1.111 -8.795 -1.982 1.00 0.00 ? 8  LEU A CD2  7  
ATOM   1048 H H    . LEU A 1 4  ? -1.433 -3.842 -2.032 1.00 0.00 ? 8  LEU A H    7  
ATOM   1049 H HA   . LEU A 1 4  ? -2.459 -6.311 -0.835 1.00 0.00 ? 8  LEU A HA   7  
ATOM   1050 H HB2  . LEU A 1 4  ? 0.409  -5.782 -1.630 1.00 0.00 ? 8  LEU A HB2  7  
ATOM   1051 H HB3  . LEU A 1 4  ? -0.049 -7.027 -0.479 1.00 0.00 ? 8  LEU A HB3  7  
ATOM   1052 H HG   . LEU A 1 4  ? -1.307 -7.057 -3.191 1.00 0.00 ? 8  LEU A HG   7  
ATOM   1053 H HD11 . LEU A 1 4  ? 1.050  -6.733 -3.674 1.00 0.00 ? 8  LEU A HD11 7  
ATOM   1054 H HD12 . LEU A 1 4  ? 0.564  -8.386 -4.052 1.00 0.00 ? 8  LEU A HD12 7  
ATOM   1055 H HD13 . LEU A 1 4  ? 1.473  -8.048 -2.579 1.00 0.00 ? 8  LEU A HD13 7  
ATOM   1056 H HD21 . LEU A 1 4  ? -1.245 -9.475 -2.810 1.00 0.00 ? 8  LEU A HD21 7  
ATOM   1057 H HD22 . LEU A 1 4  ? -2.058 -8.639 -1.488 1.00 0.00 ? 8  LEU A HD22 7  
ATOM   1058 H HD23 . LEU A 1 4  ? -0.405 -9.215 -1.281 1.00 0.00 ? 8  LEU A HD23 7  
ATOM   1059 N N    . CYS A 1 5  ? -0.739 -3.740 0.272  1.00 0.00 ? 9  CYS A N    7  
ATOM   1060 C CA   . CYS A 1 5  ? -0.417 -2.901 1.424  1.00 0.00 ? 9  CYS A CA   7  
ATOM   1061 C C    . CYS A 1 5  ? -1.463 -1.803 1.611  1.00 0.00 ? 9  CYS A C    7  
ATOM   1062 O O    . CYS A 1 5  ? -2.146 -1.420 0.655  1.00 0.00 ? 9  CYS A O    7  
ATOM   1063 C CB   . CYS A 1 5  ? 0.966  -2.267 1.235  1.00 0.00 ? 9  CYS A CB   7  
ATOM   1064 S SG   . CYS A 1 5  ? 1.276  -1.627 -0.446 1.00 0.00 ? 9  CYS A SG   7  
ATOM   1065 H H    . CYS A 1 5  ? -0.482 -3.423 -0.617 1.00 0.00 ? 9  CYS A H    7  
ATOM   1066 H HA   . CYS A 1 5  ? -0.402 -3.527 2.303  1.00 0.00 ? 9  CYS A HA   7  
ATOM   1067 H HB2  . CYS A 1 5  ? 1.066  -1.434 1.917  1.00 0.00 ? 9  CYS A HB2  7  
ATOM   1068 H HB3  . CYS A 1 5  ? 1.726  -3.004 1.454  1.00 0.00 ? 9  CYS A HB3  7  
ATOM   1069 N N    . CYS A 1 6  ? -1.579 -1.304 2.847  1.00 0.00 ? 10 CYS A N    7  
ATOM   1070 C CA   . CYS A 1 6  ? -2.532 -0.244 3.168  1.00 0.00 ? 10 CYS A CA   7  
ATOM   1071 C C    . CYS A 1 6  ? -1.809 1.008  3.682  1.00 0.00 ? 10 CYS A C    7  
ATOM   1072 O O    . CYS A 1 6  ? -1.952 1.404  4.847  1.00 0.00 ? 10 CYS A O    7  
ATOM   1073 C CB   . CYS A 1 6  ? -3.567 -0.743 4.185  1.00 0.00 ? 10 CYS A CB   7  
ATOM   1074 S SG   . CYS A 1 6  ? -5.115 -1.339 3.433  1.00 0.00 ? 10 CYS A SG   7  
ATOM   1075 H H    . CYS A 1 6  ? -1.007 -1.660 3.558  1.00 0.00 ? 10 CYS A H    7  
ATOM   1076 H HA   . CYS A 1 6  ? -3.044 0.014  2.254  1.00 0.00 ? 10 CYS A HA   7  
ATOM   1077 H HB2  . CYS A 1 6  ? -3.142 -1.560 4.750  1.00 0.00 ? 10 CYS A HB2  7  
ATOM   1078 H HB3  . CYS A 1 6  ? -3.817 0.063  4.859  1.00 0.00 ? 10 CYS A HB3  7  
ATOM   1079 N N    . ASN A 1 7  ? -1.018 1.617  2.794  1.00 0.00 ? 11 ASN A N    7  
ATOM   1080 C CA   . ASN A 1 7  ? -0.268 2.830  3.118  1.00 0.00 ? 11 ASN A CA   7  
ATOM   1081 C C    . ASN A 1 7  ? -0.750 4.008  2.253  1.00 0.00 ? 11 ASN A C    7  
ATOM   1082 O O    . ASN A 1 7  ? -1.221 3.789  1.133  1.00 0.00 ? 11 ASN A O    7  
ATOM   1083 C CB   . ASN A 1 7  ? 1.234  2.604  2.911  1.00 0.00 ? 11 ASN A CB   7  
ATOM   1084 C CG   . ASN A 1 7  ? 1.840  1.711  3.978  1.00 0.00 ? 11 ASN A CG   7  
ATOM   1085 O OD1  . ASN A 1 7  ? 2.256  2.183  5.036  1.00 0.00 ? 11 ASN A OD1  7  
ATOM   1086 N ND2  . ASN A 1 7  ? 1.899  0.413  3.701  1.00 0.00 ? 11 ASN A ND2  7  
ATOM   1087 H H    . ASN A 1 7  ? -0.931 1.235  1.897  1.00 0.00 ? 11 ASN A H    7  
ATOM   1088 H HA   . ASN A 1 7  ? -0.450 3.062  4.156  1.00 0.00 ? 11 ASN A HA   7  
ATOM   1089 H HB2  . ASN A 1 7  ? 1.391  2.137  1.950  1.00 0.00 ? 11 ASN A HB2  7  
ATOM   1090 H HB3  . ASN A 1 7  ? 1.743  3.558  2.933  1.00 0.00 ? 11 ASN A HB3  7  
ATOM   1091 H HD21 . ASN A 1 7  ? 1.551  0.107  2.832  1.00 0.00 ? 11 ASN A HD21 7  
ATOM   1092 H HD22 . ASN A 1 7  ? 2.288  -0.188 4.377  1.00 0.00 ? 11 ASN A HD22 7  
ATOM   1093 N N    . PRO A 1 8  ? -0.640 5.284  2.751  1.00 0.00 ? 12 PRO A N    7  
ATOM   1094 C CA   . PRO A 1 8  ? -1.079 6.469  1.988  1.00 0.00 ? 12 PRO A CA   7  
ATOM   1095 C C    . PRO A 1 8  ? -0.334 6.644  0.657  1.00 0.00 ? 12 PRO A C    7  
ATOM   1096 O O    . PRO A 1 8  ? -0.919 7.103  -0.329 1.00 0.00 ? 12 PRO A O    7  
ATOM   1097 C CB   . PRO A 1 8  ? -0.791 7.668  2.902  1.00 0.00 ? 12 PRO A CB   7  
ATOM   1098 C CG   . PRO A 1 8  ? -0.183 7.147  4.164  1.00 0.00 ? 12 PRO A CG   7  
ATOM   1099 C CD   . PRO A 1 8  ? -0.097 5.644  4.079  1.00 0.00 ? 12 PRO A CD   7  
ATOM   1100 H HA   . PRO A 1 8  ? -2.140 6.422  1.786  1.00 0.00 ? 12 PRO A HA   7  
ATOM   1101 H HB2  . PRO A 1 8  ? -0.110 8.338  2.391  1.00 0.00 ? 12 PRO A HB2  7  
ATOM   1102 H HB3  . PRO A 1 8  ? -1.716 8.187  3.114  1.00 0.00 ? 12 PRO A HB3  7  
ATOM   1103 H HG2  . PRO A 1 8  ? 0.808  7.567  4.284  1.00 0.00 ? 12 PRO A HG2  7  
ATOM   1104 H HG3  . PRO A 1 8  ? -0.804 7.427  5.005  1.00 0.00 ? 12 PRO A HG3  7  
ATOM   1105 H HD2  . PRO A 1 8  ? 0.931  5.327  4.158  1.00 0.00 ? 12 PRO A HD2  7  
ATOM   1106 H HD3  . PRO A 1 8  ? -0.689 5.195  4.866  1.00 0.00 ? 12 PRO A HD3  7  
ATOM   1107 N N    . ALA A 1 9  ? 0.951  6.276  0.647  1.00 0.00 ? 13 ALA A N    7  
ATOM   1108 C CA   . ALA A 1 9  ? 1.787  6.381  -0.553 1.00 0.00 ? 13 ALA A CA   7  
ATOM   1109 C C    . ALA A 1 9  ? 2.123  4.997  -1.127 1.00 0.00 ? 13 ALA A C    7  
ATOM   1110 O O    . ALA A 1 9  ? 2.911  4.880  -2.073 1.00 0.00 ? 13 ALA A O    7  
ATOM   1111 C CB   . ALA A 1 9  ? 3.060  7.153  -0.227 1.00 0.00 ? 13 ALA A CB   7  
ATOM   1112 H H    . ALA A 1 9  ? 1.348  5.924  1.469  1.00 0.00 ? 13 ALA A H    7  
ATOM   1113 H HA   . ALA A 1 9  ? 1.235  6.941  -1.293 1.00 0.00 ? 13 ALA A HA   7  
ATOM   1114 H HB1  . ALA A 1 9  ? 3.639  7.289  -1.128 1.00 0.00 ? 13 ALA A HB1  7  
ATOM   1115 H HB2  . ALA A 1 9  ? 3.643  6.599  0.494  1.00 0.00 ? 13 ALA A HB2  7  
ATOM   1116 H HB3  . ALA A 1 9  ? 2.801  8.118  0.184  1.00 0.00 ? 13 ALA A HB3  7  
ATOM   1117 N N    . CYS A 1 10 ? 1.497  3.944  -0.553 1.00 0.00 ? 14 CYS A N    7  
ATOM   1118 C CA   . CYS A 1 10 ? 1.702  2.536  -0.966 1.00 0.00 ? 14 CYS A CA   7  
ATOM   1119 C C    . CYS A 1 10 ? 3.168  2.108  -0.801 1.00 0.00 ? 14 CYS A C    7  
ATOM   1120 O O    . CYS A 1 10 ? 4.014  2.380  -1.663 1.00 0.00 ? 14 CYS A O    7  
ATOM   1121 C CB   . CYS A 1 10 ? 1.220  2.289  -2.410 1.00 0.00 ? 14 CYS A CB   7  
ATOM   1122 S SG   . CYS A 1 10 ? -0.480 2.863  -2.735 1.00 0.00 ? 14 CYS A SG   7  
ATOM   1123 H H    . CYS A 1 10 ? 0.870  4.123  0.178  1.00 0.00 ? 14 CYS A H    7  
ATOM   1124 H HA   . CYS A 1 10 ? 1.105  1.926  -0.303 1.00 0.00 ? 14 CYS A HA   7  
ATOM   1125 H HB2  . CYS A 1 10 ? 1.877  2.807  -3.095 1.00 0.00 ? 14 CYS A HB2  7  
ATOM   1126 H HB3  . CYS A 1 10 ? 1.254  1.227  -2.615 1.00 0.00 ? 14 CYS A HB3  7  
ATOM   1127 N N    . ALA A 1 11 ? 3.455  1.456  0.331  1.00 0.00 ? 15 ALA A N    7  
ATOM   1128 C CA   . ALA A 1 11 ? 4.804  0.984  0.642  1.00 0.00 ? 15 ALA A CA   7  
ATOM   1129 C C    . ALA A 1 11 ? 4.794  -0.491 1.027  1.00 0.00 ? 15 ALA A C    7  
ATOM   1130 O O    . ALA A 1 11 ? 3.925  -0.935 1.782  1.00 0.00 ? 15 ALA A O    7  
ATOM   1131 C CB   . ALA A 1 11 ? 5.410  1.818  1.762  1.00 0.00 ? 15 ALA A CB   7  
ATOM   1132 H H    . ALA A 1 11 ? 2.736  1.289  0.975  1.00 0.00 ? 15 ALA A H    7  
ATOM   1133 H HA   . ALA A 1 11 ? 5.414  1.111  -0.241 1.00 0.00 ? 15 ALA A HA   7  
ATOM   1134 H HB1  . ALA A 1 11 ? 6.425  1.492  1.944  1.00 0.00 ? 15 ALA A HB1  7  
ATOM   1135 H HB2  . ALA A 1 11 ? 4.826  1.694  2.660  1.00 0.00 ? 15 ALA A HB2  7  
ATOM   1136 H HB3  . ALA A 1 11 ? 5.413  2.859  1.474  1.00 0.00 ? 15 ALA A HB3  7  
HETATM 1137 N N    . DLY A 1 12 ? 5.769  -1.237 0.498  1.00 0.00 ? 16 DLY A N    7  
HETATM 1138 C CA   . DLY A 1 12 ? 5.893  -2.674 0.771  1.00 0.00 ? 16 DLY A CA   7  
HETATM 1139 C C    . DLY A 1 12 ? 5.187  -3.514 -0.300 1.00 0.00 ? 16 DLY A C    7  
HETATM 1140 O O    . DLY A 1 12 ? 4.987  -4.720 -0.117 1.00 0.00 ? 16 DLY A O    7  
HETATM 1141 C CB   . DLY A 1 12 ? 7.371  -3.076 0.856  1.00 0.00 ? 16 DLY A CB   7  
HETATM 1142 C CG   . DLY A 1 12 ? 8.066  -2.602 2.124  1.00 0.00 ? 16 DLY A CG   7  
HETATM 1143 C CD   . DLY A 1 12 ? 9.530  -3.012 2.142  1.00 0.00 ? 16 DLY A CD   7  
HETATM 1144 C CE   . DLY A 1 12 ? 10.227 -2.534 3.405  1.00 0.00 ? 16 DLY A CE   7  
HETATM 1145 N NZ   . DLY A 1 12 ? 11.660 -2.936 3.435  1.00 0.00 ? 16 DLY A NZ   7  
HETATM 1146 H H    . DLY A 1 12 ? 6.423  -0.811 -0.093 1.00 0.00 ? 16 DLY A H    7  
HETATM 1147 H HA   . DLY A 1 12 ? 5.425  -2.868 1.724  1.00 0.00 ? 16 DLY A HA   7  
HETATM 1148 H HB2  . DLY A 1 12 ? 7.893  -2.656 0.005  1.00 0.00 ? 16 DLY A HB2  7  
HETATM 1149 H HB3  . DLY A 1 12 ? 7.441  -4.155 0.816  1.00 0.00 ? 16 DLY A HB3  7  
HETATM 1150 H HG2  . DLY A 1 12 ? 7.568  -3.037 2.980  1.00 0.00 ? 16 DLY A HG2  7  
HETATM 1151 H HG3  . DLY A 1 12 ? 8.005  -1.523 2.175  1.00 0.00 ? 16 DLY A HG3  7  
HETATM 1152 H HD2  . DLY A 1 12 ? 10.025 -2.583 1.284  1.00 0.00 ? 16 DLY A HD2  7  
HETATM 1153 H HD3  . DLY A 1 12 ? 9.592  -4.089 2.094  1.00 0.00 ? 16 DLY A HD3  7  
HETATM 1154 H HE2  . DLY A 1 12 ? 9.724  -2.959 4.261  1.00 0.00 ? 16 DLY A HE2  7  
HETATM 1155 H HE3  . DLY A 1 12 ? 10.164 -1.457 3.450  1.00 0.00 ? 16 DLY A HE3  7  
HETATM 1156 H HZ1  . DLY A 1 12 ? 11.741 -3.972 3.405  1.00 0.00 ? 16 DLY A HZ1  7  
HETATM 1157 H HZ2  . DLY A 1 12 ? 12.110 -2.590 4.306  1.00 0.00 ? 16 DLY A HZ2  7  
HETATM 1158 H HZ3  . DLY A 1 12 ? 12.161 -2.536 2.616  1.00 0.00 ? 16 DLY A HZ3  7  
ATOM   1159 N N    . CYS A 1 13 ? 4.812  -2.867 -1.410 1.00 0.00 ? 17 CYS A N    7  
ATOM   1160 C CA   . CYS A 1 13 ? 4.131  -3.533 -2.514 1.00 0.00 ? 17 CYS A CA   7  
ATOM   1161 C C    . CYS A 1 13 ? 4.992  -3.522 -3.777 1.00 0.00 ? 17 CYS A C    7  
ATOM   1162 O O    . CYS A 1 13 ? 5.335  -2.418 -4.255 1.00 0.00 ? 17 CYS A O    7  
ATOM   1163 C CB   . CYS A 1 13 ? 2.785  -2.857 -2.778 1.00 0.00 ? 17 CYS A CB   7  
ATOM   1164 S SG   . CYS A 1 13 ? 1.490  -3.300 -1.578 1.00 0.00 ? 17 CYS A SG   7  
ATOM   1165 O OXT  . CYS A 1 13 ? 5.317  -4.619 -4.277 1.00 0.00 ? 17 CYS A OXT  7  
ATOM   1166 H H    . CYS A 1 13 ? 4.996  -1.907 -1.483 1.00 0.00 ? 17 CYS A H    7  
ATOM   1167 H HA   . CYS A 1 13 ? 3.955  -4.559 -2.221 1.00 0.00 ? 17 CYS A HA   7  
ATOM   1168 H HB2  . CYS A 1 13 ? 2.916  -1.784 -2.733 1.00 0.00 ? 17 CYS A HB2  7  
ATOM   1169 H HB3  . CYS A 1 13 ? 2.437  -3.136 -3.760 1.00 0.00 ? 17 CYS A HB3  7  
HETATM 1170 N N    . DCY A 1 1  ? -7.202 -0.994 0.361  1.00 0.00 ? 5  DCY A N    8  
HETATM 1171 C CA   . DCY A 1 1  ? -5.826 -0.438 0.425  1.00 0.00 ? 5  DCY A CA   8  
HETATM 1172 C C    . DCY A 1 1  ? -5.347 -0.010 -0.958 1.00 0.00 ? 5  DCY A C    8  
HETATM 1173 O O    . DCY A 1 1  ? -6.077 0.656  -1.697 1.00 0.00 ? 5  DCY A O    8  
HETATM 1174 C CB   . DCY A 1 1  ? -5.784 0.751  1.388  1.00 0.00 ? 5  DCY A CB   8  
HETATM 1175 S SG   . DCY A 1 1  ? -6.166 0.318  3.119  1.00 0.00 ? 5  DCY A SG   8  
HETATM 1176 H H1   . DCY A 1 1  ? -7.517 -1.283 1.310  1.00 0.00 ? 5  DCY A H1   8  
HETATM 1177 H H2   . DCY A 1 1  ? -7.224 -1.824 -0.265 1.00 0.00 ? 5  DCY A H2   8  
HETATM 1178 H H3   . DCY A 1 1  ? -7.861 -0.278 -0.008 1.00 0.00 ? 5  DCY A H3   8  
HETATM 1179 H HA   . DCY A 1 1  ? -5.169 -1.212 0.794  1.00 0.00 ? 5  DCY A HA   8  
HETATM 1180 H HB2  . DCY A 1 1  ? -6.508 1.489  1.067  1.00 0.00 ? 5  DCY A HB2  8  
HETATM 1181 H HB3  . DCY A 1 1  ? -4.795 1.187  1.368  1.00 0.00 ? 5  DCY A HB3  8  
ATOM   1182 N N    . CYS A 1 2  ? -4.113 -0.403 -1.293 1.00 0.00 ? 6  CYS A N    8  
ATOM   1183 C CA   . CYS A 1 2  ? -3.510 -0.084 -2.587 1.00 0.00 ? 6  CYS A CA   8  
ATOM   1184 C C    . CYS A 1 2  ? -3.659 -1.278 -3.540 1.00 0.00 ? 6  CYS A C    8  
ATOM   1185 O O    . CYS A 1 2  ? -4.300 -1.172 -4.589 1.00 0.00 ? 6  CYS A O    8  
ATOM   1186 C CB   . CYS A 1 2  ? -2.029 0.284  -2.401 1.00 0.00 ? 6  CYS A CB   8  
ATOM   1187 S SG   . CYS A 1 2  ? -1.336 1.309  -3.738 1.00 0.00 ? 6  CYS A SG   8  
ATOM   1188 H H    . CYS A 1 2  ? -3.592 -0.924 -0.646 1.00 0.00 ? 6  CYS A H    8  
ATOM   1189 H HA   . CYS A 1 2  ? -4.038 0.763  -3.002 1.00 0.00 ? 6  CYS A HA   8  
ATOM   1190 H HB2  . CYS A 1 2  ? -1.913 0.831  -1.474 1.00 0.00 ? 6  CYS A HB2  8  
ATOM   1191 H HB3  . CYS A 1 2  ? -1.446 -0.627 -2.351 1.00 0.00 ? 6  CYS A HB3  8  
ATOM   1192 N N    . GLU A 1 3  ? -3.054 -2.409 -3.147 1.00 0.00 ? 7  GLU A N    8  
ATOM   1193 C CA   . GLU A 1 3  ? -3.096 -3.670 -3.904 1.00 0.00 ? 7  GLU A CA   8  
ATOM   1194 C C    . GLU A 1 3  ? -2.898 -4.838 -2.935 1.00 0.00 ? 7  GLU A C    8  
ATOM   1195 O O    . GLU A 1 3  ? -3.588 -5.858 -3.016 1.00 0.00 ? 7  GLU A O    8  
ATOM   1196 C CB   . GLU A 1 3  ? -2.013 -3.711 -4.999 1.00 0.00 ? 7  GLU A CB   8  
ATOM   1197 C CG   . GLU A 1 3  ? -2.339 -2.876 -6.223 1.00 0.00 ? 7  GLU A CG   8  
ATOM   1198 C CD   . GLU A 1 3  ? -3.198 -3.617 -7.231 1.00 0.00 ? 7  GLU A CD   8  
ATOM   1199 O OE1  . GLU A 1 3  ? -4.440 -3.533 -7.128 1.00 0.00 ? 7  GLU A OE1  8  
ATOM   1200 O OE2  . GLU A 1 3  ? -2.630 -4.281 -8.123 1.00 0.00 ? 7  GLU A OE2  8  
ATOM   1201 H H    . GLU A 1 3  ? -2.554 -2.395 -2.304 1.00 0.00 ? 7  GLU A H    8  
ATOM   1202 H HA   . GLU A 1 3  ? -4.072 -3.755 -4.360 1.00 0.00 ? 7  GLU A HA   8  
ATOM   1203 H HB2  . GLU A 1 3  ? -1.080 -3.353 -4.584 1.00 0.00 ? 7  GLU A HB2  8  
ATOM   1204 H HB3  . GLU A 1 3  ? -1.888 -4.729 -5.321 1.00 0.00 ? 7  GLU A HB3  8  
ATOM   1205 H HG2  . GLU A 1 3  ? -2.871 -2.004 -5.899 1.00 0.00 ? 7  GLU A HG2  8  
ATOM   1206 H HG3  . GLU A 1 3  ? -1.414 -2.581 -6.706 1.00 0.00 ? 7  GLU A HG3  8  
ATOM   1207 N N    . LEU A 1 4  ? -1.936 -4.653 -2.023 1.00 0.00 ? 8  LEU A N    8  
ATOM   1208 C CA   . LEU A 1 4  ? -1.597 -5.633 -0.988 1.00 0.00 ? 8  LEU A CA   8  
ATOM   1209 C C    . LEU A 1 4  ? -1.338 -4.918 0.343  1.00 0.00 ? 8  LEU A C    8  
ATOM   1210 O O    . LEU A 1 4  ? -1.681 -5.430 1.413  1.00 0.00 ? 8  LEU A O    8  
ATOM   1211 C CB   . LEU A 1 4  ? -0.358 -6.446 -1.395 1.00 0.00 ? 8  LEU A CB   8  
ATOM   1212 C CG   . LEU A 1 4  ? -0.562 -7.419 -2.564 1.00 0.00 ? 8  LEU A CG   8  
ATOM   1213 C CD1  . LEU A 1 4  ? 0.741  -7.612 -3.326 1.00 0.00 ? 8  LEU A CD1  8  
ATOM   1214 C CD2  . LEU A 1 4  ? -1.085 -8.762 -2.067 1.00 0.00 ? 8  LEU A CD2  8  
ATOM   1215 H H    . LEU A 1 4  ? -1.429 -3.817 -2.053 1.00 0.00 ? 8  LEU A H    8  
ATOM   1216 H HA   . LEU A 1 4  ? -2.439 -6.300 -0.870 1.00 0.00 ? 8  LEU A HA   8  
ATOM   1217 H HB2  . LEU A 1 4  ? 0.426  -5.751 -1.669 1.00 0.00 ? 8  LEU A HB2  8  
ATOM   1218 H HB3  . LEU A 1 4  ? -0.029 -7.015 -0.536 1.00 0.00 ? 8  LEU A HB3  8  
ATOM   1219 H HG   . LEU A 1 4  ? -1.290 -7.006 -3.247 1.00 0.00 ? 8  LEU A HG   8  
ATOM   1220 H HD11 . LEU A 1 4  ? 0.584  -8.313 -4.133 1.00 0.00 ? 8  LEU A HD11 8  
ATOM   1221 H HD12 . LEU A 1 4  ? 1.495  -7.997 -2.656 1.00 0.00 ? 8  LEU A HD12 8  
ATOM   1222 H HD13 . LEU A 1 4  ? 1.066  -6.666 -3.730 1.00 0.00 ? 8  LEU A HD13 8  
ATOM   1223 H HD21 . LEU A 1 4  ? -1.220 -9.429 -2.906 1.00 0.00 ? 8  LEU A HD21 8  
ATOM   1224 H HD22 . LEU A 1 4  ? -2.033 -8.616 -1.567 1.00 0.00 ? 8  LEU A HD22 8  
ATOM   1225 H HD23 . LEU A 1 4  ? -0.376 -9.191 -1.374 1.00 0.00 ? 8  LEU A HD23 8  
ATOM   1226 N N    . CYS A 1 5  ? -0.726 -3.729 0.249  1.00 0.00 ? 9  CYS A N    8  
ATOM   1227 C CA   . CYS A 1 5  ? -0.402 -2.897 1.406  1.00 0.00 ? 9  CYS A CA   8  
ATOM   1228 C C    . CYS A 1 5  ? -1.451 -1.804 1.603  1.00 0.00 ? 9  CYS A C    8  
ATOM   1229 O O    . CYS A 1 5  ? -2.137 -1.416 0.652  1.00 0.00 ? 9  CYS A O    8  
ATOM   1230 C CB   . CYS A 1 5  ? 0.979  -2.257 1.217  1.00 0.00 ? 9  CYS A CB   8  
ATOM   1231 S SG   . CYS A 1 5  ? 1.292  -1.627 -0.467 1.00 0.00 ? 9  CYS A SG   8  
ATOM   1232 H H    . CYS A 1 5  ? -0.476 -3.403 -0.639 1.00 0.00 ? 9  CYS A H    8  
ATOM   1233 H HA   . CYS A 1 5  ? -0.383 -3.530 2.280  1.00 0.00 ? 9  CYS A HA   8  
ATOM   1234 H HB2  . CYS A 1 5  ? 1.071  -1.421 1.894  1.00 0.00 ? 9  CYS A HB2  8  
ATOM   1235 H HB3  . CYS A 1 5  ? 1.742  -2.988 1.443  1.00 0.00 ? 9  CYS A HB3  8  
ATOM   1236 N N    . CYS A 1 6  ? -1.565 -1.313 2.843  1.00 0.00 ? 10 CYS A N    8  
ATOM   1237 C CA   . CYS A 1 6  ? -2.521 -0.259 3.174  1.00 0.00 ? 10 CYS A CA   8  
ATOM   1238 C C    . CYS A 1 6  ? -1.801 0.997  3.682  1.00 0.00 ? 10 CYS A C    8  
ATOM   1239 O O    . CYS A 1 6  ? -1.934 1.389  4.849  1.00 0.00 ? 10 CYS A O    8  
ATOM   1240 C CB   . CYS A 1 6  ? -3.545 -0.765 4.199  1.00 0.00 ? 10 CYS A CB   8  
ATOM   1241 S SG   . CYS A 1 6  ? -5.094 -1.374 3.459  1.00 0.00 ? 10 CYS A SG   8  
ATOM   1242 H H    . CYS A 1 6  ? -0.990 -1.673 3.550  1.00 0.00 ? 10 CYS A H    8  
ATOM   1243 H HA   . CYS A 1 6  ? -3.042 -0.003 2.264  1.00 0.00 ? 10 CYS A HA   8  
ATOM   1244 H HB2  . CYS A 1 6  ? -3.108 -1.577 4.761  1.00 0.00 ? 10 CYS A HB2  8  
ATOM   1245 H HB3  . CYS A 1 6  ? -3.796 0.039  4.874  1.00 0.00 ? 10 CYS A HB3  8  
ATOM   1246 N N    . ASN A 1 7  ? -1.024 1.613  2.787  1.00 0.00 ? 11 ASN A N    8  
ATOM   1247 C CA   . ASN A 1 7  ? -0.280 2.831  3.104  1.00 0.00 ? 11 ASN A CA   8  
ATOM   1248 C C    . ASN A 1 7  ? -0.762 4.001  2.231  1.00 0.00 ? 11 ASN A C    8  
ATOM   1249 O O    . ASN A 1 7  ? -1.233 3.771  1.112  1.00 0.00 ? 11 ASN A O    8  
ATOM   1250 C CB   . ASN A 1 7  ? 1.224  2.608  2.903  1.00 0.00 ? 11 ASN A CB   8  
ATOM   1251 C CG   . ASN A 1 7  ? 1.831  1.727  3.980  1.00 0.00 ? 11 ASN A CG   8  
ATOM   1252 O OD1  . ASN A 1 7  ? 2.245  2.212  5.033  1.00 0.00 ? 11 ASN A OD1  8  
ATOM   1253 N ND2  . ASN A 1 7  ? 1.892  0.426  3.717  1.00 0.00 ? 11 ASN A ND2  8  
ATOM   1254 H H    . ASN A 1 7  ? -0.943 1.232  1.888  1.00 0.00 ? 11 ASN A H    8  
ATOM   1255 H HA   . ASN A 1 7  ? -0.465 3.069  4.139  1.00 0.00 ? 11 ASN A HA   8  
ATOM   1256 H HB2  . ASN A 1 7  ? 1.385  2.132  1.946  1.00 0.00 ? 11 ASN A HB2  8  
ATOM   1257 H HB3  . ASN A 1 7  ? 1.729  3.564  2.918  1.00 0.00 ? 11 ASN A HB3  8  
ATOM   1258 H HD21 . ASN A 1 7  ? 1.546  0.112  2.851  1.00 0.00 ? 11 ASN A HD21 8  
ATOM   1259 H HD22 . ASN A 1 7  ? 2.281  -0.166 4.400  1.00 0.00 ? 11 ASN A HD22 8  
ATOM   1260 N N    . PRO A 1 8  ? -0.655 5.280  2.718  1.00 0.00 ? 12 PRO A N    8  
ATOM   1261 C CA   . PRO A 1 8  ? -1.094 6.459  1.944  1.00 0.00 ? 12 PRO A CA   8  
ATOM   1262 C C    . PRO A 1 8  ? -0.341 6.628  0.618  1.00 0.00 ? 12 PRO A C    8  
ATOM   1263 O O    . PRO A 1 8  ? -0.921 7.073  -0.377 1.00 0.00 ? 12 PRO A O    8  
ATOM   1264 C CB   . PRO A 1 8  ? -0.819 7.665  2.853  1.00 0.00 ? 12 PRO A CB   8  
ATOM   1265 C CG   . PRO A 1 8  ? -0.209 7.155  4.119  1.00 0.00 ? 12 PRO A CG   8  
ATOM   1266 C CD   . PRO A 1 8  ? -0.114 5.652  4.043  1.00 0.00 ? 12 PRO A CD   8  
ATOM   1267 H HA   . PRO A 1 8  ? -2.153 6.405  1.735  1.00 0.00 ? 12 PRO A HA   8  
ATOM   1268 H HB2  . PRO A 1 8  ? -0.143 8.338  2.339  1.00 0.00 ? 12 PRO A HB2  8  
ATOM   1269 H HB3  . PRO A 1 8  ? -1.748 8.176  3.060  1.00 0.00 ? 12 PRO A HB3  8  
ATOM   1270 H HG2  . PRO A 1 8  ? 0.782  7.581  4.237  1.00 0.00 ? 12 PRO A HG2  8  
ATOM   1271 H HG3  . PRO A 1 8  ? -0.832 7.437  4.957  1.00 0.00 ? 12 PRO A HG3  8  
ATOM   1272 H HD2  . PRO A 1 8  ? 0.916  5.342  4.125  1.00 0.00 ? 12 PRO A HD2  8  
ATOM   1273 H HD3  . PRO A 1 8  ? -0.702 5.205  4.833  1.00 0.00 ? 12 PRO A HD3  8  
ATOM   1274 N N    . ALA A 1 9  ? 0.949  6.271  0.621  1.00 0.00 ? 13 ALA A N    8  
ATOM   1275 C CA   . ALA A 1 9  ? 1.793  6.370  -0.571 1.00 0.00 ? 13 ALA A CA   8  
ATOM   1276 C C    . ALA A 1 9  ? 2.129  4.984  -1.139 1.00 0.00 ? 13 ALA A C    8  
ATOM   1277 O O    . ALA A 1 9  ? 2.922  4.861  -2.081 1.00 0.00 ? 13 ALA A O    8  
ATOM   1278 C CB   . ALA A 1 9  ? 3.067  7.140  -0.239 1.00 0.00 ? 13 ALA A CB   8  
ATOM   1279 H H    . ALA A 1 9  ? 1.342  5.930  1.452  1.00 0.00 ? 13 ALA A H    8  
ATOM   1280 H HA   . ALA A 1 9  ? 1.249  6.931  -1.318 1.00 0.00 ? 13 ALA A HA   8  
ATOM   1281 H HB1  . ALA A 1 9  ? 2.807  8.107  0.166  1.00 0.00 ? 13 ALA A HB1  8  
ATOM   1282 H HB2  . ALA A 1 9  ? 3.653  7.271  -1.136 1.00 0.00 ? 13 ALA A HB2  8  
ATOM   1283 H HB3  . ALA A 1 9  ? 3.641  6.587  0.489  1.00 0.00 ? 13 ALA A HB3  8  
ATOM   1284 N N    . CYS A 1 10 ? 1.499  3.934  -0.565 1.00 0.00 ? 14 CYS A N    8  
ATOM   1285 C CA   . CYS A 1 10 ? 1.702  2.524  -0.971 1.00 0.00 ? 14 CYS A CA   8  
ATOM   1286 C C    . CYS A 1 10 ? 3.166  2.093  -0.796 1.00 0.00 ? 14 CYS A C    8  
ATOM   1287 O O    . CYS A 1 10 ? 4.018  2.361  -1.655 1.00 0.00 ? 14 CYS A O    8  
ATOM   1288 C CB   . CYS A 1 10 ? 1.227  2.274  -2.417 1.00 0.00 ? 14 CYS A CB   8  
ATOM   1289 S SG   . CYS A 1 10 ? -0.466 2.859  -2.755 1.00 0.00 ? 14 CYS A SG   8  
ATOM   1290 H H    . CYS A 1 10 ? 0.870  4.118  0.163  1.00 0.00 ? 14 CYS A H    8  
ATOM   1291 H HA   . CYS A 1 10 ? 1.099  1.919  -0.309 1.00 0.00 ? 14 CYS A HA   8  
ATOM   1292 H HB2  . CYS A 1 10 ? 1.893  2.785  -3.100 1.00 0.00 ? 14 CYS A HB2  8  
ATOM   1293 H HB3  . CYS A 1 10 ? 1.255  1.211  -2.616 1.00 0.00 ? 14 CYS A HB3  8  
ATOM   1294 N N    . ALA A 1 11 ? 3.445  1.442  0.338  1.00 0.00 ? 15 ALA A N    8  
ATOM   1295 C CA   . ALA A 1 11 ? 4.790  0.967  0.658  1.00 0.00 ? 15 ALA A CA   8  
ATOM   1296 C C    . ALA A 1 11 ? 4.774  -0.510 1.037  1.00 0.00 ? 15 ALA A C    8  
ATOM   1297 O O    . ALA A 1 11 ? 3.885  -0.961 1.764  1.00 0.00 ? 15 ALA A O    8  
ATOM   1298 C CB   . ALA A 1 11 ? 5.389  1.794  1.787  1.00 0.00 ? 15 ALA A CB   8  
ATOM   1299 H H    . ALA A 1 11 ? 2.721  1.280  0.979  1.00 0.00 ? 15 ALA A H    8  
ATOM   1300 H HA   . ALA A 1 11 ? 5.407  1.097  -0.219 1.00 0.00 ? 15 ALA A HA   8  
ATOM   1301 H HB1  . ALA A 1 11 ? 4.797  1.667  2.681  1.00 0.00 ? 15 ALA A HB1  8  
ATOM   1302 H HB2  . ALA A 1 11 ? 5.395  2.837  1.505  1.00 0.00 ? 15 ALA A HB2  8  
ATOM   1303 H HB3  . ALA A 1 11 ? 6.401  1.468  1.975  1.00 0.00 ? 15 ALA A HB3  8  
HETATM 1304 N N    . DLY A 1 12 ? 5.767  -1.251 0.533  1.00 0.00 ? 16 DLY A N    8  
HETATM 1305 C CA   . DLY A 1 12 ? 5.888  -2.689 0.803  1.00 0.00 ? 16 DLY A CA   8  
HETATM 1306 C C    . DLY A 1 12 ? 5.206  -3.525 -0.286 1.00 0.00 ? 16 DLY A C    8  
HETATM 1307 O O    . DLY A 1 12 ? 5.021  -4.735 -0.120 1.00 0.00 ? 16 DLY A O    8  
HETATM 1308 C CB   . DLY A 1 12 ? 7.365  -3.088 0.916  1.00 0.00 ? 16 DLY A CB   8  
HETATM 1309 C CG   . DLY A 1 12 ? 8.031  -2.624 2.203  1.00 0.00 ? 16 DLY A CG   8  
HETATM 1310 C CD   . DLY A 1 12 ? 9.489  -3.049 2.259  1.00 0.00 ? 16 DLY A CD   8  
HETATM 1311 C CE   . DLY A 1 12 ? 10.155 -2.588 3.546  1.00 0.00 ? 16 DLY A CE   8  
HETATM 1312 N NZ   . DLY A 1 12 ? 11.584 -3.001 3.611  1.00 0.00 ? 16 DLY A NZ   8  
HETATM 1313 H H    . DLY A 1 12 ? 6.437  -0.819 -0.036 1.00 0.00 ? 16 DLY A H    8  
HETATM 1314 H HA   . DLY A 1 12 ? 5.401  -2.887 1.746  1.00 0.00 ? 16 DLY A HA   8  
HETATM 1315 H HB2  . DLY A 1 12 ? 7.905  -2.659 0.082  1.00 0.00 ? 16 DLY A HB2  8  
HETATM 1316 H HB3  . DLY A 1 12 ? 7.438  -4.167 0.868  1.00 0.00 ? 16 DLY A HB3  8  
HETATM 1317 H HG2  . DLY A 1 12 ? 7.506  -3.058 3.045  1.00 0.00 ? 16 DLY A HG2  8  
HETATM 1318 H HG3  . DLY A 1 12 ? 7.978  -1.545 2.256  1.00 0.00 ? 16 DLY A HG3  8  
HETATM 1319 H HD2  . DLY A 1 12 ? 10.012 -2.616 1.418  1.00 0.00 ? 16 DLY A HD2  8  
HETATM 1320 H HD3  . DLY A 1 12 ? 9.543  -4.126 2.204  1.00 0.00 ? 16 DLY A HD3  8  
HETATM 1321 H HE2  . DLY A 1 12 ? 9.625  -3.017 4.384  1.00 0.00 ? 16 DLY A HE2  8  
HETATM 1322 H HE3  . DLY A 1 12 ? 10.099 -1.511 3.600  1.00 0.00 ? 16 DLY A HE3  8  
HETATM 1323 H HZ1  . DLY A 1 12 ? 12.011 -2.671 4.501  1.00 0.00 ? 16 DLY A HZ1  8  
HETATM 1324 H HZ2  . DLY A 1 12 ? 12.112 -2.592 2.814  1.00 0.00 ? 16 DLY A HZ2  8  
HETATM 1325 H HZ3  . DLY A 1 12 ? 11.658 -4.037 3.567  1.00 0.00 ? 16 DLY A HZ3  8  
ATOM   1326 N N    . CYS A 1 13 ? 4.832  -2.869 -1.391 1.00 0.00 ? 17 CYS A N    8  
ATOM   1327 C CA   . CYS A 1 13 ? 4.170  -3.529 -2.509 1.00 0.00 ? 17 CYS A CA   8  
ATOM   1328 C C    . CYS A 1 13 ? 5.047  -3.498 -3.761 1.00 0.00 ? 17 CYS A C    8  
ATOM   1329 O O    . CYS A 1 13 ? 5.386  -2.386 -4.224 1.00 0.00 ? 17 CYS A O    8  
ATOM   1330 C CB   . CYS A 1 13 ? 2.822  -2.861 -2.783 1.00 0.00 ? 17 CYS A CB   8  
ATOM   1331 S SG   . CYS A 1 13 ? 1.524  -3.305 -1.588 1.00 0.00 ? 17 CYS A SG   8  
ATOM   1332 O OXT  . CYS A 1 13 ? 5.388  -4.587 -4.269 1.00 0.00 ? 17 CYS A OXT  8  
ATOM   1333 H H    . CYS A 1 13 ? 5.001  -1.906 -1.450 1.00 0.00 ? 17 CYS A H    8  
ATOM   1334 H HA   . CYS A 1 13 ? 3.999  -4.559 -2.230 1.00 0.00 ? 17 CYS A HA   8  
ATOM   1335 H HB2  . CYS A 1 13 ? 2.947  -1.788 -2.744 1.00 0.00 ? 17 CYS A HB2  8  
ATOM   1336 H HB3  . CYS A 1 13 ? 2.480  -3.147 -3.767 1.00 0.00 ? 17 CYS A HB3  8  
HETATM 1337 N N    . DCY A 1 1  ? -6.957 -1.374 0.462  1.00 0.00 ? 5  DCY A N    9  
HETATM 1338 C CA   . DCY A 1 1  ? -5.729 -0.542 0.547  1.00 0.00 ? 5  DCY A CA   9  
HETATM 1339 C C    . DCY A 1 1  ? -5.295 -0.076 -0.842 1.00 0.00 ? 5  DCY A C    9  
HETATM 1340 O O    . DCY A 1 1  ? -6.064 0.573  -1.559 1.00 0.00 ? 5  DCY A O    9  
HETATM 1341 C CB   . DCY A 1 1  ? -5.977 0.661  1.463  1.00 0.00 ? 5  DCY A CB   9  
HETATM 1342 S SG   . DCY A 1 1  ? -6.562 0.207  3.129  1.00 0.00 ? 5  DCY A SG   9  
HETATM 1343 H H1   . DCY A 1 1  ? -7.733 -0.824 0.040  1.00 0.00 ? 5  DCY A H1   9  
HETATM 1344 H H2   . DCY A 1 1  ? -7.245 -1.686 1.412  1.00 0.00 ? 5  DCY A H2   9  
HETATM 1345 H H3   . DCY A 1 1  ? -6.780 -2.213 -0.127 1.00 0.00 ? 5  DCY A H3   9  
HETATM 1346 H HA   . DCY A 1 1  ? -4.941 -1.149 0.968  1.00 0.00 ? 5  DCY A HA   9  
HETATM 1347 H HB2  . DCY A 1 1  ? -6.725 1.299  1.013  1.00 0.00 ? 5  DCY A HB2  9  
HETATM 1348 H HB3  . DCY A 1 1  ? -5.054 1.214  1.578  1.00 0.00 ? 5  DCY A HB3  9  
ATOM   1349 N N    . CYS A 1 2  ? -4.057 -0.423 -1.208 1.00 0.00 ? 6  CYS A N    9  
ATOM   1350 C CA   . CYS A 1 2  ? -3.490 -0.067 -2.512 1.00 0.00 ? 6  CYS A CA   9  
ATOM   1351 C C    . CYS A 1 2  ? -3.663 -1.236 -3.491 1.00 0.00 ? 6  CYS A C    9  
ATOM   1352 O O    . CYS A 1 2  ? -4.315 -1.101 -4.529 1.00 0.00 ? 6  CYS A O    9  
ATOM   1353 C CB   . CYS A 1 2  ? -2.005 0.297  -2.355 1.00 0.00 ? 6  CYS A CB   9  
ATOM   1354 S SG   . CYS A 1 2  ? -1.327 1.292  -3.724 1.00 0.00 ? 6  CYS A SG   9  
ATOM   1355 H H    . CYS A 1 2  ? -3.506 -0.936 -0.580 1.00 0.00 ? 6  CYS A H    9  
ATOM   1356 H HA   . CYS A 1 2  ? -4.030 0.789  -2.888 1.00 0.00 ? 6  CYS A HA   9  
ATOM   1357 H HB2  . CYS A 1 2  ? -1.872 0.862  -1.441 1.00 0.00 ? 6  CYS A HB2  9  
ATOM   1358 H HB3  . CYS A 1 2  ? -1.425 -0.616 -2.296 1.00 0.00 ? 6  CYS A HB3  9  
ATOM   1359 N N    . GLU A 1 3  ? -3.064 -2.382 -3.131 1.00 0.00 ? 7  GLU A N    9  
ATOM   1360 C CA   . GLU A 1 3  ? -3.126 -3.627 -3.912 1.00 0.00 ? 7  GLU A CA   9  
ATOM   1361 C C    . GLU A 1 3  ? -2.933 -4.811 -2.963 1.00 0.00 ? 7  GLU A C    9  
ATOM   1362 O O    . GLU A 1 3  ? -3.626 -5.828 -3.058 1.00 0.00 ? 7  GLU A O    9  
ATOM   1363 C CB   . GLU A 1 3  ? -2.052 -3.659 -5.015 1.00 0.00 ? 7  GLU A CB   9  
ATOM   1364 C CG   . GLU A 1 3  ? -2.377 -2.786 -6.216 1.00 0.00 ? 7  GLU A CG   9  
ATOM   1365 C CD   . GLU A 1 3  ? -2.586 -3.593 -7.483 1.00 0.00 ? 7  GLU A CD   9  
ATOM   1366 O OE1  . GLU A 1 3  ? -1.597 -3.821 -8.211 1.00 0.00 ? 7  GLU A OE1  9  
ATOM   1367 O OE2  . GLU A 1 3  ? -3.738 -3.997 -7.746 1.00 0.00 ? 7  GLU A OE2  9  
ATOM   1368 H H    . GLU A 1 3  ? -2.553 -2.389 -2.295 1.00 0.00 ? 7  GLU A H    9  
ATOM   1369 H HA   . GLU A 1 3  ? -4.107 -3.694 -4.361 1.00 0.00 ? 7  GLU A HA   9  
ATOM   1370 H HB2  . GLU A 1 3  ? -1.112 -3.329 -4.597 1.00 0.00 ? 7  GLU A HB2  9  
ATOM   1371 H HB3  . GLU A 1 3  ? -1.945 -4.677 -5.362 1.00 0.00 ? 7  GLU A HB3  9  
ATOM   1372 H HG2  . GLU A 1 3  ? -3.283 -2.240 -6.005 1.00 0.00 ? 7  GLU A HG2  9  
ATOM   1373 H HG3  . GLU A 1 3  ? -1.562 -2.091 -6.379 1.00 0.00 ? 7  GLU A HG3  9  
ATOM   1374 N N    . LEU A 1 4  ? -1.968 -4.643 -2.050 1.00 0.00 ? 8  LEU A N    9  
ATOM   1375 C CA   . LEU A 1 4  ? -1.631 -5.633 -1.026 1.00 0.00 ? 8  LEU A CA   9  
ATOM   1376 C C    . LEU A 1 4  ? -1.402 -4.929 0.316  1.00 0.00 ? 8  LEU A C    9  
ATOM   1377 O O    . LEU A 1 4  ? -1.756 -5.454 1.375  1.00 0.00 ? 8  LEU A O    9  
ATOM   1378 C CB   . LEU A 1 4  ? -0.374 -6.422 -1.428 1.00 0.00 ? 8  LEU A CB   9  
ATOM   1379 C CG   . LEU A 1 4  ? -0.546 -7.381 -2.613 1.00 0.00 ? 8  LEU A CG   9  
ATOM   1380 C CD1  . LEU A 1 4  ? 0.769  -7.544 -3.359 1.00 0.00 ? 8  LEU A CD1  9  
ATOM   1381 C CD2  . LEU A 1 4  ? -1.056 -8.739 -2.142 1.00 0.00 ? 8  LEU A CD2  9  
ATOM   1382 H H    . LEU A 1 4  ? -1.456 -3.809 -2.075 1.00 0.00 ? 8  LEU A H    9  
ATOM   1383 H HA   . LEU A 1 4  ? -2.465 -6.314 -0.930 1.00 0.00 ? 8  LEU A HA   9  
ATOM   1384 H HB2  . LEU A 1 4  ? 0.403  -5.711 -1.681 1.00 0.00 ? 8  LEU A HB2  9  
ATOM   1385 H HB3  . LEU A 1 4  ? -0.048 -6.999 -0.572 1.00 0.00 ? 8  LEU A HB3  9  
ATOM   1386 H HG   . LEU A 1 4  ? -1.271 -6.970 -3.300 1.00 0.00 ? 8  LEU A HG   9  
ATOM   1387 H HD11 . LEU A 1 4  ? 1.085  -6.585 -3.745 1.00 0.00 ? 8  LEU A HD11 9  
ATOM   1388 H HD12 . LEU A 1 4  ? 0.636  -8.235 -4.178 1.00 0.00 ? 8  LEU A HD12 9  
ATOM   1389 H HD13 . LEU A 1 4  ? 1.521  -7.926 -2.684 1.00 0.00 ? 8  LEU A HD13 9  
ATOM   1390 H HD21 . LEU A 1 4  ? -1.164 -9.397 -2.991 1.00 0.00 ? 8  LEU A HD21 9  
ATOM   1391 H HD22 . LEU A 1 4  ? -2.013 -8.617 -1.658 1.00 0.00 ? 8  LEU A HD22 9  
ATOM   1392 H HD23 . LEU A 1 4  ? -0.351 -9.165 -1.443 1.00 0.00 ? 8  LEU A HD23 9  
ATOM   1393 N N    . CYS A 1 5  ? -0.801 -3.734 0.240  1.00 0.00 ? 9  CYS A N    9  
ATOM   1394 C CA   . CYS A 1 5  ? -0.508 -2.903 1.405  1.00 0.00 ? 9  CYS A CA   9  
ATOM   1395 C C    . CYS A 1 5  ? -1.523 -1.769 1.527  1.00 0.00 ? 9  CYS A C    9  
ATOM   1396 O O    . CYS A 1 5  ? -2.120 -1.355 0.529  1.00 0.00 ? 9  CYS A O    9  
ATOM   1397 C CB   . CYS A 1 5  ? 0.902  -2.316 1.280  1.00 0.00 ? 9  CYS A CB   9  
ATOM   1398 S SG   . CYS A 1 5  ? 1.306  -1.688 -0.383 1.00 0.00 ? 9  CYS A SG   9  
ATOM   1399 H H    . CYS A 1 5  ? -0.538 -3.401 -0.642 1.00 0.00 ? 9  CYS A H    9  
ATOM   1400 H HA   . CYS A 1 5  ? -0.559 -3.524 2.286  1.00 0.00 ? 9  CYS A HA   9  
ATOM   1401 H HB2  . CYS A 1 5  ? 0.998  -1.487 1.966  1.00 0.00 ? 9  CYS A HB2  9  
ATOM   1402 H HB3  . CYS A 1 5  ? 1.627  -3.076 1.532  1.00 0.00 ? 9  CYS A HB3  9  
ATOM   1403 N N    . CYS A 1 6  ? -1.713 -1.271 2.754  1.00 0.00 ? 10 CYS A N    9  
ATOM   1404 C CA   . CYS A 1 6  ? -2.650 -0.179 3.007  1.00 0.00 ? 10 CYS A CA   9  
ATOM   1405 C C    . CYS A 1 6  ? -1.916 1.057  3.548  1.00 0.00 ? 10 CYS A C    9  
ATOM   1406 O O    . CYS A 1 6  ? -2.112 1.471  4.699  1.00 0.00 ? 10 CYS A O    9  
ATOM   1407 C CB   . CYS A 1 6  ? -3.759 -0.635 3.968  1.00 0.00 ? 10 CYS A CB   9  
ATOM   1408 S SG   . CYS A 1 6  ? -4.997 0.652  4.344  1.00 0.00 ? 10 CYS A SG   9  
ATOM   1409 H H    . CYS A 1 6  ? -1.208 -1.649 3.505  1.00 0.00 ? 10 CYS A H    9  
ATOM   1410 H HA   . CYS A 1 6  ? -3.099 0.083  2.060  1.00 0.00 ? 10 CYS A HA   9  
ATOM   1411 H HB2  . CYS A 1 6  ? -4.282 -1.473 3.530  1.00 0.00 ? 10 CYS A HB2  9  
ATOM   1412 H HB3  . CYS A 1 6  ? -3.312 -0.945 4.901  1.00 0.00 ? 10 CYS A HB3  9  
ATOM   1413 N N    . ASN A 1 7  ? -1.056 1.629  2.702  1.00 0.00 ? 11 ASN A N    9  
ATOM   1414 C CA   . ASN A 1 7  ? -0.289 2.824  3.056  1.00 0.00 ? 11 ASN A CA   9  
ATOM   1415 C C    . ASN A 1 7  ? -0.738 4.025  2.209  1.00 0.00 ? 11 ASN A C    9  
ATOM   1416 O O    . ASN A 1 7  ? -1.190 3.836  1.076  1.00 0.00 ? 11 ASN A O    9  
ATOM   1417 C CB   . ASN A 1 7  ? 1.211  2.575  2.867  1.00 0.00 ? 11 ASN A CB   9  
ATOM   1418 C CG   . ASN A 1 7  ? 1.790  1.658  3.927  1.00 0.00 ? 11 ASN A CG   9  
ATOM   1419 O OD1  . ASN A 1 7  ? 2.204  2.109  4.996  1.00 0.00 ? 11 ASN A OD1  9  
ATOM   1420 N ND2  . ASN A 1 7  ? 1.827  0.362  3.636  1.00 0.00 ? 11 ASN A ND2  9  
ATOM   1421 H H    . ASN A 1 7  ? -0.929 1.235  1.815  1.00 0.00 ? 11 ASN A H    9  
ATOM   1422 H HA   . ASN A 1 7  ? -0.480 3.040  4.096  1.00 0.00 ? 11 ASN A HA   9  
ATOM   1423 H HB2  . ASN A 1 7  ? 1.374  2.120  1.900  1.00 0.00 ? 11 ASN A HB2  9  
ATOM   1424 H HB3  . ASN A 1 7  ? 1.736  3.521  2.910  1.00 0.00 ? 11 ASN A HB3  9  
ATOM   1425 H HD21 . ASN A 1 7  ? 1.482  0.074  2.760  1.00 0.00 ? 11 ASN A HD21 9  
ATOM   1426 H HD22 . ASN A 1 7  ? 2.196  -0.254 4.308  1.00 0.00 ? 11 ASN A HD22 9  
ATOM   1427 N N    . PRO A 1 8  ? -0.621 5.289  2.736  1.00 0.00 ? 12 PRO A N    9  
ATOM   1428 C CA   . PRO A 1 8  ? -1.031 6.497  1.992  1.00 0.00 ? 12 PRO A CA   9  
ATOM   1429 C C    . PRO A 1 8  ? -0.286 6.675  0.661  1.00 0.00 ? 12 PRO A C    9  
ATOM   1430 O O    . PRO A 1 8  ? -0.861 7.168  -0.314 1.00 0.00 ? 12 PRO A O    9  
ATOM   1431 C CB   . PRO A 1 8  ? -0.708 7.674  2.921  1.00 0.00 ? 12 PRO A CB   9  
ATOM   1432 C CG   . PRO A 1 8  ? -0.145 7.116  4.189  1.00 0.00 ? 12 PRO A CG   9  
ATOM   1433 C CD   . PRO A 1 8  ? -0.103 5.613  4.083  1.00 0.00 ? 12 PRO A CD   9  
ATOM   1434 H HA   . PRO A 1 8  ? -2.093 6.481  1.792  1.00 0.00 ? 12 PRO A HA   9  
ATOM   1435 H HB2  . PRO A 1 8  ? 0.010  8.319  2.428  1.00 0.00 ? 12 PRO A HB2  9  
ATOM   1436 H HB3  . PRO A 1 8  ? -1.613 8.229  3.123  1.00 0.00 ? 12 PRO A HB3  9  
ATOM   1437 H HG2  . PRO A 1 8  ? 0.857  7.502  4.337  1.00 0.00 ? 12 PRO A HG2  9  
ATOM   1438 H HG3  . PRO A 1 8  ? -0.776 7.404  5.021  1.00 0.00 ? 12 PRO A HG3  9  
ATOM   1439 H HD2  . PRO A 1 8  ? 0.912  5.262  4.186  1.00 0.00 ? 12 PRO A HD2  9  
ATOM   1440 H HD3  . PRO A 1 8  ? -0.729 5.172  4.847  1.00 0.00 ? 12 PRO A HD3  9  
ATOM   1441 N N    . ALA A 1 9  ? 0.988  6.270  0.636  1.00 0.00 ? 13 ALA A N    9  
ATOM   1442 C CA   . ALA A 1 9  ? 1.821  6.375  -0.564 1.00 0.00 ? 13 ALA A CA   9  
ATOM   1443 C C    . ALA A 1 9  ? 2.160  4.992  -1.141 1.00 0.00 ? 13 ALA A C    9  
ATOM   1444 O O    . ALA A 1 9  ? 2.965  4.874  -2.071 1.00 0.00 ? 13 ALA A O    9  
ATOM   1445 C CB   . ALA A 1 9  ? 3.094  7.151  -0.241 1.00 0.00 ? 13 ALA A CB   9  
ATOM   1446 H H    . ALA A 1 9  ? 1.379  5.890  1.451  1.00 0.00 ? 13 ALA A H    9  
ATOM   1447 H HA   . ALA A 1 9  ? 1.267  6.934  -1.303 1.00 0.00 ? 13 ALA A HA   9  
ATOM   1448 H HB1  . ALA A 1 9  ? 3.678  6.599  0.480  1.00 0.00 ? 13 ALA A HB1  9  
ATOM   1449 H HB2  . ALA A 1 9  ? 2.833  8.116  0.168  1.00 0.00 ? 13 ALA A HB2  9  
ATOM   1450 H HB3  . ALA A 1 9  ? 3.671  7.286  -1.145 1.00 0.00 ? 13 ALA A HB3  9  
ATOM   1451 N N    . CYS A 1 10 ? 1.514  3.940  -0.587 1.00 0.00 ? 14 CYS A N    9  
ATOM   1452 C CA   . CYS A 1 10 ? 1.718  2.533  -1.005 1.00 0.00 ? 14 CYS A CA   9  
ATOM   1453 C C    . CYS A 1 10 ? 3.181  2.097  -0.828 1.00 0.00 ? 14 CYS A C    9  
ATOM   1454 O O    . CYS A 1 10 ? 4.035  2.361  -1.686 1.00 0.00 ? 14 CYS A O    9  
ATOM   1455 C CB   . CYS A 1 10 ? 1.250  2.299  -2.456 1.00 0.00 ? 14 CYS A CB   9  
ATOM   1456 S SG   . CYS A 1 10 ? -0.451 2.868  -2.788 1.00 0.00 ? 14 CYS A SG   9  
ATOM   1457 H H    . CYS A 1 10 ? 0.874  4.118  0.134  1.00 0.00 ? 14 CYS A H    9  
ATOM   1458 H HA   . CYS A 1 10 ? 1.111  1.922  -0.353 1.00 0.00 ? 14 CYS A HA   9  
ATOM   1459 H HB2  . CYS A 1 10 ? 1.909  2.828  -3.130 1.00 0.00 ? 14 CYS A HB2  9  
ATOM   1460 H HB3  . CYS A 1 10 ? 1.291  1.238  -2.672 1.00 0.00 ? 14 CYS A HB3  9  
ATOM   1461 N N    . ALA A 1 11 ? 3.457  1.451  0.310  1.00 0.00 ? 15 ALA A N    9  
ATOM   1462 C CA   . ALA A 1 11 ? 4.801  0.974  0.633  1.00 0.00 ? 15 ALA A CA   9  
ATOM   1463 C C    . ALA A 1 11 ? 4.780  -0.500 1.022  1.00 0.00 ? 15 ALA A C    9  
ATOM   1464 O O    . ALA A 1 11 ? 3.872  -0.950 1.726  1.00 0.00 ? 15 ALA A O    9  
ATOM   1465 C CB   . ALA A 1 11 ? 5.403  1.807  1.755  1.00 0.00 ? 15 ALA A CB   9  
ATOM   1466 H H    . ALA A 1 11 ? 2.733  1.293  0.950  1.00 0.00 ? 15 ALA A H    9  
ATOM   1467 H HA   . ALA A 1 11 ? 5.419  1.095  -0.245 1.00 0.00 ? 15 ALA A HA   9  
ATOM   1468 H HB1  . ALA A 1 11 ? 6.414  1.480  1.945  1.00 0.00 ? 15 ALA A HB1  9  
ATOM   1469 H HB2  . ALA A 1 11 ? 4.811  1.687  2.650  1.00 0.00 ? 15 ALA A HB2  9  
ATOM   1470 H HB3  . ALA A 1 11 ? 5.410  2.848  1.466  1.00 0.00 ? 15 ALA A HB3  9  
HETATM 1471 N N    . DLY A 1 12 ? 5.791  -1.240 0.553  1.00 0.00 ? 16 DLY A N    9  
HETATM 1472 C CA   . DLY A 1 12 ? 5.910  -2.676 0.837  1.00 0.00 ? 16 DLY A CA   9  
HETATM 1473 C C    . DLY A 1 12 ? 5.233  -3.524 -0.248 1.00 0.00 ? 16 DLY A C    9  
HETATM 1474 O O    . DLY A 1 12 ? 5.073  -4.738 -0.085 1.00 0.00 ? 16 DLY A O    9  
HETATM 1475 C CB   . DLY A 1 12 ? 7.386  -3.075 0.965  1.00 0.00 ? 16 DLY A CB   9  
HETATM 1476 C CG   . DLY A 1 12 ? 8.040  -2.604 2.256  1.00 0.00 ? 16 DLY A CG   9  
HETATM 1477 C CD   . DLY A 1 12 ? 9.493  -3.043 2.334  1.00 0.00 ? 16 DLY A CD   9  
HETATM 1478 C CE   . DLY A 1 12 ? 10.144 -2.585 3.630  1.00 0.00 ? 16 DLY A CE   9  
HETATM 1479 N NZ   . DLY A 1 12 ? 11.566 -3.016 3.719  1.00 0.00 ? 16 DLY A NZ   9  
HETATM 1480 H H    . DLY A 1 12 ? 6.476  -0.810 0.001  1.00 0.00 ? 16 DLY A H    9  
HETATM 1481 H HA   . DLY A 1 12 ? 5.415  -2.865 1.779  1.00 0.00 ? 16 DLY A HA   9  
HETATM 1482 H HB2  . DLY A 1 12 ? 7.933  -2.650 0.133  1.00 0.00 ? 16 DLY A HB2  9  
HETATM 1483 H HB3  . DLY A 1 12 ? 7.459  -4.153 0.924  1.00 0.00 ? 16 DLY A HB3  9  
HETATM 1484 H HG2  . DLY A 1 12 ? 7.501  -3.023 3.096  1.00 0.00 ? 16 DLY A HG2  9  
HETATM 1485 H HG3  . DLY A 1 12 ? 7.998  -1.524 2.298  1.00 0.00 ? 16 DLY A HG3  9  
HETATM 1486 H HD2  . DLY A 1 12 ? 10.033 -2.618 1.501  1.00 0.00 ? 16 DLY A HD2  9  
HETATM 1487 H HD3  . DLY A 1 12 ? 9.537  -4.121 2.283  1.00 0.00 ? 16 DLY A HD3  9  
HETATM 1488 H HE2  . DLY A 1 12 ? 9.596  -3.005 4.461  1.00 0.00 ? 16 DLY A HE2  9  
HETATM 1489 H HE3  . DLY A 1 12 ? 10.100 -1.507 3.679  1.00 0.00 ? 16 DLY A HE3  9  
HETATM 1490 H HZ1  . DLY A 1 12 ? 11.629 -4.053 3.672  1.00 0.00 ? 16 DLY A HZ1  9  
HETATM 1491 H HZ2  . DLY A 1 12 ? 11.981 -2.696 4.617  1.00 0.00 ? 16 DLY A HZ2  9  
HETATM 1492 H HZ3  . DLY A 1 12 ? 12.113 -2.610 2.933  1.00 0.00 ? 16 DLY A HZ3  9  
ATOM   1493 N N    . CYS A 1 13 ? 4.836  -2.870 -1.348 1.00 0.00 ? 17 CYS A N    9  
ATOM   1494 C CA   . CYS A 1 13 ? 4.178  -3.541 -2.462 1.00 0.00 ? 17 CYS A CA   9  
ATOM   1495 C C    . CYS A 1 13 ? 5.038  -3.482 -3.724 1.00 0.00 ? 17 CYS A C    9  
ATOM   1496 O O    . CYS A 1 13 ? 5.404  -4.561 -4.238 1.00 0.00 ? 17 CYS A O    9  
ATOM   1497 C CB   . CYS A 1 13 ? 2.812  -2.901 -2.715 1.00 0.00 ? 17 CYS A CB   9  
ATOM   1498 S SG   . CYS A 1 13 ? 1.544  -3.369 -1.499 1.00 0.00 ? 17 CYS A SG   9  
ATOM   1499 O OXT  . CYS A 1 13 ? 5.349  -2.361 -4.182 1.00 0.00 ? 17 CYS A OXT  9  
ATOM   1500 H H    . CYS A 1 13 ? 4.985  -1.904 -1.405 1.00 0.00 ? 17 CYS A H    9  
ATOM   1501 H HA   . CYS A 1 13 ? 4.032  -4.576 -2.188 1.00 0.00 ? 17 CYS A HA   9  
ATOM   1502 H HB2  . CYS A 1 13 ? 2.915  -1.825 -2.677 1.00 0.00 ? 17 CYS A HB2  9  
ATOM   1503 H HB3  . CYS A 1 13 ? 2.460  -3.195 -3.692 1.00 0.00 ? 17 CYS A HB3  9  
HETATM 1504 N N    . DCY A 1 1  ? -7.300 -1.027 0.292  1.00 0.00 ? 5  DCY A N    10 
HETATM 1505 C CA   . DCY A 1 1  ? -5.930 -0.463 0.401  1.00 0.00 ? 5  DCY A CA   10 
HETATM 1506 C C    . DCY A 1 1  ? -5.413 -0.019 -0.963 1.00 0.00 ? 5  DCY A C    10 
HETATM 1507 O O    . DCY A 1 1  ? -6.126 0.648  -1.719 1.00 0.00 ? 5  DCY A O    10 
HETATM 1508 C CB   . DCY A 1 1  ? -5.923 0.718  1.375  1.00 0.00 ? 5  DCY A CB   10 
HETATM 1509 S SG   . DCY A 1 1  ? -6.342 0.266  3.092  1.00 0.00 ? 5  DCY A SG   10 
HETATM 1510 H H1   . DCY A 1 1  ? -7.952 -0.311 -0.090 1.00 0.00 ? 5  DCY A H1   10 
HETATM 1511 H H2   . DCY A 1 1  ? -7.640 -1.324 1.228  1.00 0.00 ? 5  DCY A H2   10 
HETATM 1512 H H3   . DCY A 1 1  ? -7.297 -1.851 -0.342 1.00 0.00 ? 5  DCY A H3   10 
HETATM 1513 H HA   . DCY A 1 1  ? -5.277 -1.235 0.781  1.00 0.00 ? 5  DCY A HA   10 
HETATM 1514 H HB2  . DCY A 1 1  ? -6.646 1.452  1.042  1.00 0.00 ? 5  DCY A HB2  10 
HETATM 1515 H HB3  . DCY A 1 1  ? -4.939 1.164  1.383  1.00 0.00 ? 5  DCY A HB3  10 
ATOM   1516 N N    . CYS A 1 2  ? -4.167 -0.399 -1.265 1.00 0.00 ? 6  CYS A N    10 
ATOM   1517 C CA   . CYS A 1 2  ? -3.529 -0.064 -2.540 1.00 0.00 ? 6  CYS A CA   10 
ATOM   1518 C C    . CYS A 1 2  ? -3.643 -1.248 -3.508 1.00 0.00 ? 6  CYS A C    10 
ATOM   1519 O O    . CYS A 1 2  ? -4.259 -1.137 -4.572 1.00 0.00 ? 6  CYS A O    10 
ATOM   1520 C CB   . CYS A 1 2  ? -2.055 0.310  -2.306 1.00 0.00 ? 6  CYS A CB   10 
ATOM   1521 S SG   . CYS A 1 2  ? -1.323 1.337  -3.623 1.00 0.00 ? 6  CYS A SG   10 
ATOM   1522 H H    . CYS A 1 2  ? -3.661 -0.922 -0.608 1.00 0.00 ? 6  CYS A H    10 
ATOM   1523 H HA   . CYS A 1 2  ? -4.049 0.783  -2.961 1.00 0.00 ? 6  CYS A HA   10 
ATOM   1524 H HB2  . CYS A 1 2  ? -1.971 0.859  -1.377 1.00 0.00 ? 6  CYS A HB2  10 
ATOM   1525 H HB3  . CYS A 1 2  ? -1.472 -0.598 -2.236 1.00 0.00 ? 6  CYS A HB3  10 
ATOM   1526 N N    . GLU A 1 3  ? -3.038 -2.380 -3.112 1.00 0.00 ? 7  GLU A N    10 
ATOM   1527 C CA   . GLU A 1 3  ? -3.050 -3.633 -3.883 1.00 0.00 ? 7  GLU A CA   10 
ATOM   1528 C C    . GLU A 1 3  ? -2.864 -4.809 -2.924 1.00 0.00 ? 7  GLU A C    10 
ATOM   1529 O O    . GLU A 1 3  ? -3.541 -5.835 -3.032 1.00 0.00 ? 7  GLU A O    10 
ATOM   1530 C CB   . GLU A 1 3  ? -1.941 -3.652 -4.954 1.00 0.00 ? 7  GLU A CB   10 
ATOM   1531 C CG   . GLU A 1 3  ? -2.247 -2.807 -6.177 1.00 0.00 ? 7  GLU A CG   10 
ATOM   1532 C CD   . GLU A 1 3  ? -3.073 -3.547 -7.212 1.00 0.00 ? 7  GLU A CD   10 
ATOM   1533 O OE1  . GLU A 1 3  ? -4.319 -3.477 -7.139 1.00 0.00 ? 7  GLU A OE1  10 
ATOM   1534 O OE2  . GLU A 1 3  ? -2.475 -4.196 -8.096 1.00 0.00 ? 7  GLU A OE2  10 
ATOM   1535 H H    . GLU A 1 3  ? -2.559 -2.370 -2.257 1.00 0.00 ? 7  GLU A H    10 
ATOM   1536 H HA   . GLU A 1 3  ? -4.015 -3.722 -4.363 1.00 0.00 ? 7  GLU A HA   10 
ATOM   1537 H HB2  . GLU A 1 3  ? -1.023 -3.289 -4.513 1.00 0.00 ? 7  GLU A HB2  10 
ATOM   1538 H HB3  . GLU A 1 3  ? -1.799 -4.664 -5.282 1.00 0.00 ? 7  GLU A HB3  10 
ATOM   1539 H HG2  . GLU A 1 3  ? -2.797 -1.944 -5.856 1.00 0.00 ? 7  GLU A HG2  10 
ATOM   1540 H HG3  . GLU A 1 3  ? -1.315 -2.498 -6.632 1.00 0.00 ? 7  GLU A HG3  10 
ATOM   1541 N N    . LEU A 1 4  ? -1.926 -4.625 -1.985 1.00 0.00 ? 8  LEU A N    10 
ATOM   1542 C CA   . LEU A 1 4  ? -1.602 -5.613 -0.953 1.00 0.00 ? 8  LEU A CA   10 
ATOM   1543 C C    . LEU A 1 4  ? -1.383 -4.911 0.392  1.00 0.00 ? 8  LEU A C    10 
ATOM   1544 O O    . LEU A 1 4  ? -1.749 -5.438 1.446  1.00 0.00 ? 8  LEU A O    10 
ATOM   1545 C CB   . LEU A 1 4  ? -0.343 -6.407 -1.340 1.00 0.00 ? 8  LEU A CB   10 
ATOM   1546 C CG   . LEU A 1 4  ? -0.510 -7.376 -2.518 1.00 0.00 ? 8  LEU A CG   10 
ATOM   1547 C CD1  . LEU A 1 4  ? 0.810  -7.548 -3.253 1.00 0.00 ? 8  LEU A CD1  10 
ATOM   1548 C CD2  . LEU A 1 4  ? -1.024 -8.730 -2.037 1.00 0.00 ? 8  LEU A CD2  10 
ATOM   1549 H H    . LEU A 1 4  ? -1.427 -3.784 -1.995 1.00 0.00 ? 8  LEU A H    10 
ATOM   1550 H HA   . LEU A 1 4  ? -2.438 -6.291 -0.864 1.00 0.00 ? 8  LEU A HA   10 
ATOM   1551 H HB2  . LEU A 1 4  ? 0.435  -5.699 -1.595 1.00 0.00 ? 8  LEU A HB2  10 
ATOM   1552 H HB3  . LEU A 1 4  ? -0.023 -6.975 -0.477 1.00 0.00 ? 8  LEU A HB3  10 
ATOM   1553 H HG   . LEU A 1 4  ? -1.230 -6.970 -3.213 1.00 0.00 ? 8  LEU A HG   10 
ATOM   1554 H HD11 . LEU A 1 4  ? 1.130  -6.594 -3.646 1.00 0.00 ? 8  LEU A HD11 10 
ATOM   1555 H HD12 . LEU A 1 4  ? 0.680  -8.246 -4.067 1.00 0.00 ? 8  LEU A HD12 10 
ATOM   1556 H HD13 . LEU A 1 4  ? 1.557  -7.925 -2.570 1.00 0.00 ? 8  LEU A HD13 10 
ATOM   1557 H HD21 . LEU A 1 4  ? -1.129 -9.395 -2.882 1.00 0.00 ? 8  LEU A HD21 10 
ATOM   1558 H HD22 . LEU A 1 4  ? -1.984 -8.601 -1.559 1.00 0.00 ? 8  LEU A HD22 10 
ATOM   1559 H HD23 . LEU A 1 4  ? -0.324 -9.151 -1.330 1.00 0.00 ? 8  LEU A HD23 10 
ATOM   1560 N N    . CYS A 1 5  ? -0.782 -3.716 0.325  1.00 0.00 ? 9  CYS A N    10 
ATOM   1561 C CA   . CYS A 1 5  ? -0.494 -2.893 1.499  1.00 0.00 ? 9  CYS A CA   10 
ATOM   1562 C C    . CYS A 1 5  ? -1.542 -1.793 1.662  1.00 0.00 ? 9  CYS A C    10 
ATOM   1563 O O    . CYS A 1 5  ? -2.181 -1.387 0.687  1.00 0.00 ? 9  CYS A O    10 
ATOM   1564 C CB   . CYS A 1 5  ? 0.897  -2.263 1.365  1.00 0.00 ? 9  CYS A CB   10 
ATOM   1565 S SG   . CYS A 1 5  ? 1.297  -1.677 -0.317 1.00 0.00 ? 9  CYS A SG   10 
ATOM   1566 H H    . CYS A 1 5  ? -0.514 -3.378 -0.552 1.00 0.00 ? 9  CYS A H    10 
ATOM   1567 H HA   . CYS A 1 5  ? -0.513 -3.531 2.369  1.00 0.00 ? 9  CYS A HA   10 
ATOM   1568 H HB2  . CYS A 1 5  ? 0.960  -1.409 2.023  1.00 0.00 ? 9  CYS A HB2  10 
ATOM   1569 H HB3  . CYS A 1 5  ? 1.644  -2.991 1.647  1.00 0.00 ? 9  CYS A HB3  10 
ATOM   1570 N N    . CYS A 1 6  ? -1.708 -1.317 2.901  1.00 0.00 ? 10 CYS A N    10 
ATOM   1571 C CA   . CYS A 1 6  ? -2.669 -0.257 3.201  1.00 0.00 ? 10 CYS A CA   10 
ATOM   1572 C C    . CYS A 1 6  ? -1.957 1.004  3.706  1.00 0.00 ? 10 CYS A C    10 
ATOM   1573 O O    . CYS A 1 6  ? -2.104 1.408  4.868  1.00 0.00 ? 10 CYS A O    10 
ATOM   1574 C CB   . CYS A 1 6  ? -3.711 -0.750 4.214  1.00 0.00 ? 10 CYS A CB   10 
ATOM   1575 S SG   . CYS A 1 6  ? -5.233 -1.399 3.453  1.00 0.00 ? 10 CYS A SG   10 
ATOM   1576 H H    . CYS A 1 6  ? -1.169 -1.689 3.630  1.00 0.00 ? 10 CYS A H    10 
ATOM   1577 H HA   . CYS A 1 6  ? -3.174 -0.014 2.279  1.00 0.00 ? 10 CYS A HA   10 
ATOM   1578 H HB2  . CYS A 1 6  ? -3.279 -1.541 4.809  1.00 0.00 ? 10 CYS A HB2  10 
ATOM   1579 H HB3  . CYS A 1 6  ? -3.990 0.070  4.861  1.00 0.00 ? 10 CYS A HB3  10 
ATOM   1580 N N    . ASN A 1 7  ? -1.170 1.613  2.814  1.00 0.00 ? 11 ASN A N    10 
ATOM   1581 C CA   . ASN A 1 7  ? -0.431 2.833  3.127  1.00 0.00 ? 11 ASN A CA   10 
ATOM   1582 C C    . ASN A 1 7  ? -0.884 3.984  2.211  1.00 0.00 ? 11 ASN A C    10 
ATOM   1583 O O    . ASN A 1 7  ? -1.342 3.727  1.093  1.00 0.00 ? 11 ASN A O    10 
ATOM   1584 C CB   . ASN A 1 7  ? 1.078  2.596  2.974  1.00 0.00 ? 11 ASN A CB   10 
ATOM   1585 C CG   . ASN A 1 7  ? 1.660  1.718  4.073  1.00 0.00 ? 11 ASN A CG   10 
ATOM   1586 O OD1  . ASN A 1 7  ? 1.234  1.770  5.229  1.00 0.00 ? 11 ASN A OD1  10 
ATOM   1587 N ND2  . ASN A 1 7  ? 2.644  0.902  3.713  1.00 0.00 ? 11 ASN A ND2  10 
ATOM   1588 H H    . ASN A 1 7  ? -1.076 1.224  1.921  1.00 0.00 ? 11 ASN A H    10 
ATOM   1589 H HA   . ASN A 1 7  ? -0.645 3.095  4.150  1.00 0.00 ? 11 ASN A HA   10 
ATOM   1590 H HB2  . ASN A 1 7  ? 1.263  2.113  2.027  1.00 0.00 ? 11 ASN A HB2  10 
ATOM   1591 H HB3  . ASN A 1 7  ? 1.589  3.549  2.993  1.00 0.00 ? 11 ASN A HB3  10 
ATOM   1592 H HD21 . ASN A 1 7  ? 2.934  0.913  2.772  1.00 0.00 ? 11 ASN A HD21 10 
ATOM   1593 H HD22 . ASN A 1 7  ? 3.041  0.320  4.401  1.00 0.00 ? 11 ASN A HD22 10 
ATOM   1594 N N    . PRO A 1 8  ? -0.764 5.276  2.659  1.00 0.00 ? 12 PRO A N    10 
ATOM   1595 C CA   . PRO A 1 8  ? -1.176 6.434  1.843  1.00 0.00 ? 12 PRO A CA   10 
ATOM   1596 C C    . PRO A 1 8  ? -0.347 6.599  0.562  1.00 0.00 ? 12 PRO A C    10 
ATOM   1597 O O    . PRO A 1 8  ? -0.873 7.029  -0.469 1.00 0.00 ? 12 PRO A O    10 
ATOM   1598 C CB   . PRO A 1 8  ? -0.977 7.657  2.750  1.00 0.00 ? 12 PRO A CB   10 
ATOM   1599 C CG   . PRO A 1 8  ? -0.364 7.183  4.028  1.00 0.00 ? 12 PRO A CG   10 
ATOM   1600 C CD   . PRO A 1 8  ? -0.228 5.683  3.976  1.00 0.00 ? 12 PRO A CD   10 
ATOM   1601 H HA   . PRO A 1 8  ? -2.219 6.358  1.571  1.00 0.00 ? 12 PRO A HA   10 
ATOM   1602 H HB2  . PRO A 1 8  ? -0.326 8.359  2.244  1.00 0.00 ? 12 PRO A HB2  10 
ATOM   1603 H HB3  . PRO A 1 8  ? -1.934 8.123  2.937  1.00 0.00 ? 12 PRO A HB3  10 
ATOM   1604 H HG2  . PRO A 1 8  ? 0.614  7.637  4.146  1.00 0.00 ? 12 PRO A HG2  10 
ATOM   1605 H HG3  . PRO A 1 8  ? -0.999 7.462  4.858  1.00 0.00 ? 12 PRO A HG3  10 
ATOM   1606 H HD2  . PRO A 1 8  ? 0.809  5.399  4.058  1.00 0.00 ? 12 PRO A HD2  10 
ATOM   1607 H HD3  . PRO A 1 8  ? -0.803 5.233  4.776  1.00 0.00 ? 12 PRO A HD3  10 
ATOM   1608 N N    . ALA A 1 9  ? 0.942  6.254  0.643  1.00 0.00 ? 13 ALA A N    10 
ATOM   1609 C CA   . ALA A 1 9  ? 1.854  6.353  -0.500 1.00 0.00 ? 13 ALA A CA   10 
ATOM   1610 C C    . ALA A 1 9  ? 2.197  4.971  -1.072 1.00 0.00 ? 13 ALA A C    10 
ATOM   1611 O O    . ALA A 1 9  ? 2.978  4.859  -2.024 1.00 0.00 ? 13 ALA A O    10 
ATOM   1612 C CB   . ALA A 1 9  ? 3.120  7.095  -0.090 1.00 0.00 ? 13 ALA A CB   10 
ATOM   1613 H H    . ALA A 1 9  ? 1.291  5.923  1.498  1.00 0.00 ? 13 ALA A H    10 
ATOM   1614 H HA   . ALA A 1 9  ? 1.360  6.935  -1.267 1.00 0.00 ? 13 ALA A HA   10 
ATOM   1615 H HB1  . ALA A 1 9  ? 3.758  7.223  -0.951 1.00 0.00 ? 13 ALA A HB1  10 
ATOM   1616 H HB2  . ALA A 1 9  ? 3.642  6.524  0.664  1.00 0.00 ? 13 ALA A HB2  10 
ATOM   1617 H HB3  . ALA A 1 9  ? 2.857  8.063  0.311  1.00 0.00 ? 13 ALA A HB3  10 
ATOM   1618 N N    . CYS A 1 10 ? 1.589  3.913  -0.489 1.00 0.00 ? 14 CYS A N    10 
ATOM   1619 C CA   . CYS A 1 10 ? 1.803  2.506  -0.900 1.00 0.00 ? 14 CYS A CA   10 
ATOM   1620 C C    . CYS A 1 10 ? 3.283  2.102  -0.787 1.00 0.00 ? 14 CYS A C    10 
ATOM   1621 O O    . CYS A 1 10 ? 4.097  2.417  -1.664 1.00 0.00 ? 14 CYS A O    10 
ATOM   1622 C CB   . CYS A 1 10 ? 1.273  2.244  -2.324 1.00 0.00 ? 14 CYS A CB   10 
ATOM   1623 S SG   . CYS A 1 10 ? -0.423 2.849  -2.609 1.00 0.00 ? 14 CYS A SG   10 
ATOM   1624 H H    . CYS A 1 10 ? 0.968  4.088  0.251  1.00 0.00 ? 14 CYS A H    10 
ATOM   1625 H HA   . CYS A 1 10 ? 1.241  1.890  -0.214 1.00 0.00 ? 14 CYS A HA   10 
ATOM   1626 H HB2  . CYS A 1 10 ? 1.921  2.735  -3.038 1.00 0.00 ? 14 CYS A HB2  10 
ATOM   1627 H HB3  . CYS A 1 10 ? 1.279  1.177  -2.510 1.00 0.00 ? 14 CYS A HB3  10 
ATOM   1628 N N    . ALA A 1 11 ? 3.614  1.423  0.317  1.00 0.00 ? 15 ALA A N    10 
ATOM   1629 C CA   . ALA A 1 11 ? 4.980  0.970  0.578  1.00 0.00 ? 15 ALA A CA   10 
ATOM   1630 C C    . ALA A 1 11 ? 5.006  -0.505 0.958  1.00 0.00 ? 15 ALA A C    10 
ATOM   1631 O O    . ALA A 1 11 ? 4.171  -0.965 1.742  1.00 0.00 ? 15 ALA A O    10 
ATOM   1632 C CB   . ALA A 1 11 ? 5.616  1.809  1.677  1.00 0.00 ? 15 ALA A CB   10 
ATOM   1633 H H    . ALA A 1 11 ? 2.916  1.221  0.974  1.00 0.00 ? 15 ALA A H    10 
ATOM   1634 H HA   . ALA A 1 11 ? 5.556  1.109  -0.327 1.00 0.00 ? 15 ALA A HA   10 
ATOM   1635 H HB1  . ALA A 1 11 ? 5.066  1.674  2.597  1.00 0.00 ? 15 ALA A HB1  10 
ATOM   1636 H HB2  . ALA A 1 11 ? 5.592  2.852  1.395  1.00 0.00 ? 15 ALA A HB2  10 
ATOM   1637 H HB3  . ALA A 1 11 ? 6.641  1.499  1.821  1.00 0.00 ? 15 ALA A HB3  10 
HETATM 1638 N N    . DLY A 1 12 ? 5.973  -1.237 0.393  1.00 0.00 ? 16 DLY A N    10 
HETATM 1639 C CA   . DLY A 1 12 ? 6.129  -2.674 0.657  1.00 0.00 ? 16 DLY A CA   10 
HETATM 1640 C C    . DLY A 1 12 ? 5.358  -3.519 -0.363 1.00 0.00 ? 16 DLY A C    10 
HETATM 1641 O O    . DLY A 1 12 ? 5.169  -4.723 -0.159 1.00 0.00 ? 16 DLY A O    10 
HETATM 1642 C CB   . DLY A 1 12 ? 7.612  -3.062 0.637  1.00 0.00 ? 16 DLY A CB   10 
HETATM 1643 C CG   . DLY A 1 12 ? 8.389  -2.586 1.856  1.00 0.00 ? 16 DLY A CG   10 
HETATM 1644 C CD   . DLY A 1 12 ? 9.850  -2.999 1.779  1.00 0.00 ? 16 DLY A CD   10 
HETATM 1645 C CE   . DLY A 1 12 ? 10.627 -2.525 2.997  1.00 0.00 ? 16 DLY A CE   10 
HETATM 1646 N NZ   . DLY A 1 12 ? 12.059 -2.928 2.934  1.00 0.00 ? 16 DLY A NZ   10 
HETATM 1647 H H    . DLY A 1 12 ? 6.600  -0.798 -0.219 1.00 0.00 ? 16 DLY A H    10 
HETATM 1648 H HA   . DLY A 1 12 ? 5.730  -2.869 1.641  1.00 0.00 ? 16 DLY A HA   10 
HETATM 1649 H HB2  . DLY A 1 12 ? 8.072  -2.636 -0.245 1.00 0.00 ? 16 DLY A HB2  10 
HETATM 1650 H HB3  . DLY A 1 12 ? 7.688  -4.140 0.589  1.00 0.00 ? 16 DLY A HB3  10 
HETATM 1651 H HG2  . DLY A 1 12 ? 7.948  -3.018 2.744  1.00 0.00 ? 16 DLY A HG2  10 
HETATM 1652 H HG3  . DLY A 1 12 ? 8.332  -1.507 1.909  1.00 0.00 ? 16 DLY A HG3  10 
HETATM 1653 H HD2  . DLY A 1 12 ? 10.290 -2.566 0.892  1.00 0.00 ? 16 DLY A HD2  10 
HETATM 1654 H HD3  . DLY A 1 12 ? 9.909  -4.075 1.724  1.00 0.00 ? 16 DLY A HD3  10 
HETATM 1655 H HE2  . DLY A 1 12 ? 10.180 -2.953 3.882  1.00 0.00 ? 16 DLY A HE2  10 
HETATM 1656 H HE3  . DLY A 1 12 ? 10.567 -1.448 3.050  1.00 0.00 ? 16 DLY A HE3  10 
HETATM 1657 H HZ1  . DLY A 1 12 ? 12.508 -2.520 2.088  1.00 0.00 ? 16 DLY A HZ1  10 
HETATM 1658 H HZ2  . DLY A 1 12 ? 12.138 -3.964 2.890  1.00 0.00 ? 16 DLY A HZ2  10 
HETATM 1659 H HZ3  . DLY A 1 12 ? 12.564 -2.588 3.778  1.00 0.00 ? 16 DLY A HZ3  10 
ATOM   1660 N N    . CYS A 1 13 ? 4.914  -2.879 -1.451 1.00 0.00 ? 17 CYS A N    10 
ATOM   1661 C CA   . CYS A 1 13 ? 4.163  -3.551 -2.505 1.00 0.00 ? 17 CYS A CA   10 
ATOM   1662 C C    . CYS A 1 13 ? 4.923  -3.511 -3.830 1.00 0.00 ? 17 CYS A C    10 
ATOM   1663 O O    . CYS A 1 13 ? 5.237  -4.597 -4.361 1.00 0.00 ? 17 CYS A O    10 
ATOM   1664 C CB   . CYS A 1 13 ? 2.788  -2.899 -2.655 1.00 0.00 ? 17 CYS A CB   10 
ATOM   1665 S SG   . CYS A 1 13 ? 1.597  -3.386 -1.370 1.00 0.00 ? 17 CYS A SG   10 
ATOM   1666 O OXT  . CYS A 1 13 ? 5.208  -2.397 -4.322 1.00 0.00 ? 17 CYS A OXT  10 
ATOM   1667 H H    . CYS A 1 13 ? 5.093  -1.921 -1.541 1.00 0.00 ? 17 CYS A H    10 
ATOM   1668 H HA   . CYS A 1 13 ? 4.030  -4.582 -2.211 1.00 0.00 ? 17 CYS A HA   10 
ATOM   1669 H HB2  . CYS A 1 13 ? 2.900  -1.824 -2.602 1.00 0.00 ? 17 CYS A HB2  10 
ATOM   1670 H HB3  . CYS A 1 13 ? 2.372  -3.170 -3.615 1.00 0.00 ? 17 CYS A HB3  10 
# 
